data_5AQ9
#
_entry.id   5AQ9
#
_cell.length_a   41.480
_cell.length_b   191.120
_cell.length_c   219.510
_cell.angle_alpha   90.00
_cell.angle_beta   90.00
_cell.angle_gamma   90.00
#
_symmetry.space_group_name_H-M   'P 21 21 21'
#
loop_
_entity.id
_entity.type
_entity.pdbx_description
1 polymer OFF7_DB08V4
2 polymer 'MALTOSE-BINDING PERIPLASMIC PROTEIN'
3 water water
#
loop_
_entity_poly.entity_id
_entity_poly.type
_entity_poly.pdbx_seq_one_letter_code
_entity_poly.pdbx_strand_id
1 'polypeptide(L)'
;MRGSHHHHHHGSDLGRKLLEAARAGQDDEVRILMANGADVNAADNTGTTPLHLAAYSGHLEIVEVLLKHGADVDASDVFG
YTPLHLAAYWGHLEIVEVLLKNGADVNAMDSDGMTPLHLAAKWGYLEIVEVLLKHGADVNAQDKFGKTPFDLADDNGNDD
VGTLLQVAAAADQLGARVGYIELDLNSGKILESFRSEERFPMMSTFKVLLAGAILSRIDAGQEQLGRRIHYSQNDLVEYS
PVTEKHLTDGMTVRELASAAITMSDNTAANLLLTTIGGPKGLTAFLHNMGDHVTRLDRWEPELNEAIPNDERDTTTPVAM
ATTLRKLLTGELLTPASRQQLMDWMEADKVAGPLLRSVLPAGWFIADKSGAGERGSRGIVAALGPDGKPSRIVVIYTTGS
QATMDELNRQIAEIGASLIKNW
;
A,C
2 'polypeptide(L)'
;MRGSHHHHHHGSGSMKTEEGNLVIWINGDKGYNGLAEVGKKFEKDTGIKVTVEHPDKLEEKFPQVAATGDGPDIIFWAHD
RFGGYAQSGLLAEITPDKAFQDKLYPFTWDAVRYNGKLIAYPIAVEALSLIYNKDLLPNPPKTWEEIPALDKELKAKGKS
ALMFNLQEPYFTWPLIAADGGYAFKYENGKYDIKDVGVDNAGAKAGLTFLVDLIKNKHMNADTDYSIAEAAFNKGETAMT
INGPWAWSNIDTSKVNYGVTVLPTFKGQPSKPFVGVLSAGINAASPNKELAKEFLENYLLTDEGLEAVNKDKPLGAVALK
SYEEELAKDPRIAATMENAQKGEIMPNIPQMSAFWYAVRTAVINAASGRQTVDEALKDAQTGSGGTPGRPAAKLN
;
B,D
#
# COMPACT_ATOMS: atom_id res chain seq x y z
N SER A 4 -20.48 -19.20 36.31
CA SER A 4 -20.79 -18.06 37.16
C SER A 4 -19.52 -17.44 37.74
N HIS A 5 -18.37 -18.04 37.41
CA HIS A 5 -17.10 -17.51 37.91
C HIS A 5 -16.73 -16.18 37.27
N HIS A 6 -17.51 -15.70 36.29
CA HIS A 6 -17.29 -14.40 35.70
C HIS A 6 -18.00 -13.29 36.46
N HIS A 7 -18.74 -13.61 37.52
CA HIS A 7 -19.37 -12.62 38.39
C HIS A 7 -18.48 -12.46 39.62
N HIS A 8 -17.63 -11.44 39.60
CA HIS A 8 -16.66 -11.23 40.67
C HIS A 8 -17.30 -10.37 41.77
N HIS A 9 -17.04 -10.75 43.02
CA HIS A 9 -17.77 -10.17 44.14
C HIS A 9 -16.94 -10.13 45.42
N HIS A 10 -15.62 -10.00 45.29
CA HIS A 10 -14.72 -9.96 46.44
C HIS A 10 -14.02 -8.61 46.49
N GLY A 11 -14.05 -7.97 47.66
CA GLY A 11 -13.41 -6.69 47.86
C GLY A 11 -12.18 -6.77 48.74
N SER A 12 -11.28 -5.81 48.60
CA SER A 12 -10.04 -5.79 49.37
C SER A 12 -9.46 -4.39 49.31
N ASP A 13 -8.56 -4.10 50.25
CA ASP A 13 -7.95 -2.77 50.31
C ASP A 13 -7.12 -2.50 49.06
N LEU A 14 -6.15 -3.36 48.79
CA LEU A 14 -5.34 -3.20 47.58
C LEU A 14 -6.20 -3.23 46.33
N GLY A 15 -7.29 -4.01 46.35
CA GLY A 15 -8.17 -4.08 45.19
C GLY A 15 -8.83 -2.75 44.88
N ARG A 16 -9.23 -2.01 45.93
CA ARG A 16 -9.86 -0.72 45.71
C ARG A 16 -8.87 0.28 45.13
N LYS A 17 -7.62 0.25 45.58
CA LYS A 17 -6.61 1.15 45.05
C LYS A 17 -6.27 0.80 43.59
N LEU A 18 -6.34 -0.49 43.23
CA LEU A 18 -6.09 -0.87 41.85
C LEU A 18 -7.23 -0.41 40.96
N LEU A 19 -8.48 -0.53 41.42
CA LEU A 19 -9.61 -0.04 40.64
C LEU A 19 -9.45 1.43 40.28
N GLU A 20 -8.92 2.23 41.21
CA GLU A 20 -8.72 3.65 40.93
C GLU A 20 -7.63 3.86 39.89
N ALA A 21 -6.49 3.19 40.07
CA ALA A 21 -5.37 3.38 39.13
C ALA A 21 -5.74 2.98 37.72
N ALA A 22 -6.70 2.05 37.57
CA ALA A 22 -7.08 1.60 36.23
C ALA A 22 -7.89 2.66 35.50
N ARG A 23 -8.76 3.38 36.21
CA ARG A 23 -9.54 4.44 35.58
C ARG A 23 -8.67 5.62 35.20
N ALA A 24 -7.83 6.08 36.12
CA ALA A 24 -7.03 7.28 35.89
C ALA A 24 -5.86 7.06 34.92
N GLY A 25 -5.67 5.84 34.42
CA GLY A 25 -4.59 5.59 33.49
C GLY A 25 -3.21 5.74 34.08
N GLN A 26 -3.04 5.39 35.36
CA GLN A 26 -1.73 5.47 36.02
C GLN A 26 -0.97 4.19 35.73
N ASP A 27 -0.34 4.16 34.55
CA ASP A 27 0.40 2.98 34.11
C ASP A 27 1.39 2.51 35.17
N ASP A 28 2.13 3.44 35.77
CA ASP A 28 3.15 3.05 36.75
C ASP A 28 2.52 2.63 38.06
N GLU A 29 1.48 3.34 38.50
CA GLU A 29 0.81 2.97 39.75
C GLU A 29 0.20 1.57 39.66
N VAL A 30 -0.39 1.24 38.50
CA VAL A 30 -0.92 -0.11 38.31
C VAL A 30 0.19 -1.14 38.51
N ARG A 31 1.31 -0.96 37.81
CA ARG A 31 2.41 -1.92 37.93
C ARG A 31 2.86 -2.07 39.38
N ILE A 32 2.86 -0.97 40.14
CA ILE A 32 3.25 -1.04 41.54
C ILE A 32 2.26 -1.89 42.33
N LEU A 33 0.97 -1.56 42.21
CA LEU A 33 -0.05 -2.28 42.99
C LEU A 33 -0.05 -3.76 42.64
N MET A 34 0.10 -4.09 41.36
CA MET A 34 0.17 -5.49 40.94
CA MET A 34 0.15 -5.49 40.98
C MET A 34 1.40 -6.17 41.51
N ALA A 35 2.54 -5.47 41.50
CA ALA A 35 3.76 -6.03 42.07
C ALA A 35 3.63 -6.23 43.57
N ASN A 36 2.80 -5.44 44.23
CA ASN A 36 2.60 -5.53 45.67
C ASN A 36 1.47 -6.50 46.05
N GLY A 37 0.97 -7.28 45.09
CA GLY A 37 0.04 -8.35 45.39
C GLY A 37 -1.43 -8.00 45.28
N ALA A 38 -1.78 -6.87 44.66
CA ALA A 38 -3.17 -6.50 44.54
C ALA A 38 -3.95 -7.55 43.75
N ASP A 39 -5.22 -7.69 44.09
CA ASP A 39 -6.10 -8.68 43.44
C ASP A 39 -6.51 -8.15 42.08
N VAL A 40 -6.02 -8.82 41.02
CA VAL A 40 -6.27 -8.35 39.66
C VAL A 40 -7.74 -8.38 39.30
N ASN A 41 -8.54 -9.22 39.97
CA ASN A 41 -9.97 -9.32 39.72
C ASN A 41 -10.81 -8.68 40.81
N ALA A 42 -10.24 -7.74 41.56
CA ALA A 42 -11.00 -7.01 42.57
C ALA A 42 -12.26 -6.43 41.94
N ALA A 43 -13.32 -6.31 42.75
CA ALA A 43 -14.62 -5.88 42.25
C ALA A 43 -15.27 -4.90 43.22
N ASP A 44 -16.00 -3.94 42.66
CA ASP A 44 -16.78 -3.01 43.45
C ASP A 44 -18.22 -3.49 43.53
N ASN A 45 -19.12 -2.60 43.96
CA ASN A 45 -20.51 -2.96 44.18
C ASN A 45 -21.29 -3.16 42.88
N THR A 46 -20.70 -2.83 41.73
CA THR A 46 -21.34 -3.07 40.44
C THR A 46 -20.72 -4.25 39.69
N GLY A 47 -19.91 -5.05 40.36
CA GLY A 47 -19.21 -6.13 39.68
C GLY A 47 -18.15 -5.66 38.72
N THR A 48 -17.71 -4.41 38.84
CA THR A 48 -16.71 -3.85 37.93
C THR A 48 -15.31 -4.22 38.39
N THR A 49 -14.48 -4.65 37.46
CA THR A 49 -13.09 -5.01 37.71
C THR A 49 -12.14 -3.98 37.11
N PRO A 50 -10.86 -4.02 37.48
CA PRO A 50 -9.91 -3.08 36.86
C PRO A 50 -9.85 -3.20 35.35
N LEU A 51 -10.08 -4.40 34.81
CA LEU A 51 -10.04 -4.57 33.36
C LEU A 51 -11.21 -3.85 32.69
N HIS A 52 -12.37 -3.86 33.32
CA HIS A 52 -13.48 -3.03 32.85
C HIS A 52 -13.03 -1.58 32.70
N LEU A 53 -12.42 -1.03 33.75
CA LEU A 53 -12.09 0.39 33.77
C LEU A 53 -11.02 0.73 32.73
N ALA A 54 -9.97 -0.09 32.63
CA ALA A 54 -8.93 0.18 31.65
C ALA A 54 -9.47 0.04 30.23
N ALA A 55 -10.36 -0.92 30.00
CA ALA A 55 -10.89 -1.16 28.66
C ALA A 55 -11.66 0.06 28.16
N TYR A 56 -12.56 0.60 28.98
CA TYR A 56 -13.37 1.72 28.53
C TYR A 56 -12.57 3.03 28.51
N SER A 57 -11.59 3.18 29.39
CA SER A 57 -10.77 4.38 29.42
CA SER A 57 -10.77 4.38 29.42
C SER A 57 -9.70 4.39 28.34
N GLY A 58 -9.54 3.30 27.60
CA GLY A 58 -8.64 3.29 26.46
C GLY A 58 -7.16 3.18 26.79
N HIS A 59 -6.81 2.59 27.93
CA HIS A 59 -5.42 2.47 28.35
C HIS A 59 -4.92 1.08 27.95
N LEU A 60 -4.37 1.00 26.74
CA LEU A 60 -3.96 -0.28 26.17
C LEU A 60 -2.93 -0.98 27.05
N GLU A 61 -1.94 -0.23 27.53
CA GLU A 61 -0.85 -0.84 28.28
C GLU A 61 -1.38 -1.48 29.57
N ILE A 62 -2.31 -0.80 30.24
CA ILE A 62 -2.86 -1.34 31.48
C ILE A 62 -3.67 -2.60 31.20
N VAL A 63 -4.46 -2.59 30.13
CA VAL A 63 -5.21 -3.79 29.74
C VAL A 63 -4.26 -4.96 29.55
N GLU A 64 -3.16 -4.75 28.83
CA GLU A 64 -2.22 -5.84 28.57
C GLU A 64 -1.59 -6.34 29.87
N VAL A 65 -1.20 -5.42 30.75
CA VAL A 65 -0.59 -5.82 32.02
C VAL A 65 -1.60 -6.60 32.87
N LEU A 66 -2.84 -6.12 32.93
CA LEU A 66 -3.85 -6.81 33.73
C LEU A 66 -4.09 -8.22 33.22
N LEU A 67 -4.21 -8.39 31.91
CA LEU A 67 -4.39 -9.73 31.35
C LEU A 67 -3.16 -10.59 31.62
N LYS A 68 -1.98 -9.98 31.56
CA LYS A 68 -0.74 -10.72 31.82
C LYS A 68 -0.71 -11.28 33.24
N HIS A 69 -1.40 -10.63 34.18
CA HIS A 69 -1.43 -11.07 35.57
C HIS A 69 -2.69 -11.85 35.91
N GLY A 70 -3.44 -12.31 34.91
CA GLY A 70 -4.55 -13.22 35.14
C GLY A 70 -5.91 -12.59 35.26
N ALA A 71 -6.09 -11.35 34.81
CA ALA A 71 -7.40 -10.71 34.87
C ALA A 71 -8.40 -11.54 34.08
N ASP A 72 -9.62 -11.67 34.62
CA ASP A 72 -10.68 -12.39 33.94
C ASP A 72 -11.13 -11.59 32.73
N VAL A 73 -10.79 -12.09 31.53
CA VAL A 73 -11.11 -11.37 30.31
C VAL A 73 -12.61 -11.25 30.11
N ASP A 74 -13.39 -12.17 30.68
CA ASP A 74 -14.83 -12.20 30.51
C ASP A 74 -15.57 -11.80 31.77
N ALA A 75 -14.94 -11.02 32.65
CA ALA A 75 -15.63 -10.50 33.82
C ALA A 75 -16.91 -9.79 33.39
N SER A 76 -17.99 -10.04 34.14
CA SER A 76 -19.30 -9.50 33.81
C SER A 76 -19.80 -8.69 35.00
N ASP A 77 -20.11 -7.41 34.77
CA ASP A 77 -20.63 -6.56 35.83
C ASP A 77 -22.12 -6.78 36.00
N VAL A 78 -22.72 -6.05 36.95
CA VAL A 78 -24.12 -6.30 37.31
C VAL A 78 -25.06 -6.07 36.14
N PHE A 79 -24.67 -5.20 35.20
CA PHE A 79 -25.48 -4.97 34.01
C PHE A 79 -25.23 -5.99 32.91
N GLY A 80 -24.25 -6.89 33.08
CA GLY A 80 -23.92 -7.86 32.07
C GLY A 80 -22.86 -7.41 31.09
N TYR A 81 -22.22 -6.27 31.33
CA TYR A 81 -21.16 -5.78 30.45
C TYR A 81 -19.84 -6.47 30.77
N THR A 82 -19.15 -6.89 29.72
CA THR A 82 -17.77 -7.34 29.79
C THR A 82 -16.83 -6.23 29.36
N PRO A 83 -15.53 -6.37 29.59
CA PRO A 83 -14.59 -5.36 29.08
C PRO A 83 -14.72 -5.17 27.58
N LEU A 84 -15.08 -6.22 26.83
CA LEU A 84 -15.22 -6.08 25.38
C LEU A 84 -16.40 -5.19 25.03
N HIS A 85 -17.54 -5.34 25.73
CA HIS A 85 -18.64 -4.40 25.54
C HIS A 85 -18.14 -2.96 25.61
N LEU A 86 -17.35 -2.66 26.64
CA LEU A 86 -16.94 -1.28 26.87
C LEU A 86 -15.90 -0.83 25.85
N ALA A 87 -14.98 -1.71 25.48
CA ALA A 87 -13.98 -1.36 24.46
C ALA A 87 -14.65 -1.09 23.12
N ALA A 88 -15.64 -1.90 22.76
CA ALA A 88 -16.35 -1.67 21.50
C ALA A 88 -17.15 -0.38 21.55
N TYR A 89 -17.81 -0.11 22.68
CA TYR A 89 -18.64 1.07 22.80
C TYR A 89 -17.82 2.35 22.70
N TRP A 90 -16.64 2.38 23.33
CA TRP A 90 -15.82 3.57 23.36
C TRP A 90 -14.80 3.62 22.23
N GLY A 91 -14.86 2.68 21.29
CA GLY A 91 -14.10 2.79 20.05
C GLY A 91 -12.61 2.56 20.19
N HIS A 92 -12.20 1.66 21.09
CA HIS A 92 -10.79 1.38 21.32
C HIS A 92 -10.43 0.11 20.56
N LEU A 93 -10.02 0.30 19.30
CA LEU A 93 -9.78 -0.83 18.40
C LEU A 93 -8.70 -1.77 18.94
N GLU A 94 -7.52 -1.23 19.26
CA GLU A 94 -6.42 -2.09 19.68
C GLU A 94 -6.78 -2.87 20.94
N ILE A 95 -7.57 -2.28 21.83
CA ILE A 95 -7.99 -3.00 23.03
C ILE A 95 -8.96 -4.12 22.68
N VAL A 96 -9.91 -3.85 21.77
CA VAL A 96 -10.80 -4.90 21.30
C VAL A 96 -9.98 -6.09 20.80
N GLU A 97 -8.93 -5.82 20.03
CA GLU A 97 -8.09 -6.90 19.50
C GLU A 97 -7.40 -7.66 20.61
N VAL A 98 -6.81 -6.94 21.58
CA VAL A 98 -6.11 -7.60 22.68
C VAL A 98 -7.07 -8.49 23.46
N LEU A 99 -8.26 -7.99 23.77
CA LEU A 99 -9.23 -8.78 24.52
C LEU A 99 -9.60 -10.06 23.75
N LEU A 100 -9.85 -9.93 22.46
CA LEU A 100 -10.18 -11.11 21.66
C LEU A 100 -8.99 -12.06 21.57
N LYS A 101 -7.78 -11.52 21.44
CA LYS A 101 -6.60 -12.38 21.42
C LYS A 101 -6.45 -13.14 22.72
N ASN A 102 -6.93 -12.59 23.83
CA ASN A 102 -6.86 -13.24 25.14
C ASN A 102 -8.14 -14.01 25.47
N GLY A 103 -8.96 -14.32 24.47
CA GLY A 103 -10.07 -15.25 24.65
C GLY A 103 -11.38 -14.64 25.07
N ALA A 104 -11.60 -13.35 24.83
CA ALA A 104 -12.85 -12.72 25.21
C ALA A 104 -14.00 -13.33 24.41
N ASP A 105 -15.16 -13.46 25.06
CA ASP A 105 -16.36 -13.93 24.41
C ASP A 105 -16.86 -12.85 23.45
N VAL A 106 -16.73 -13.10 22.15
CA VAL A 106 -17.11 -12.11 21.14
C VAL A 106 -18.61 -11.86 21.14
N ASN A 107 -19.40 -12.81 21.63
CA ASN A 107 -20.85 -12.73 21.61
C ASN A 107 -21.43 -12.63 23.01
N ALA A 108 -20.65 -12.10 23.96
CA ALA A 108 -21.18 -11.82 25.28
C ALA A 108 -22.42 -10.94 25.17
N MET A 109 -23.38 -11.20 26.05
CA MET A 109 -24.65 -10.49 26.07
C MET A 109 -24.85 -9.84 27.43
N ASP A 110 -25.38 -8.61 27.42
CA ASP A 110 -25.71 -7.92 28.66
C ASP A 110 -27.15 -8.27 29.05
N SER A 111 -27.70 -7.54 30.02
CA SER A 111 -29.04 -7.85 30.52
C SER A 111 -30.11 -7.66 29.45
N ASP A 112 -29.89 -6.75 28.51
CA ASP A 112 -30.87 -6.46 27.47
C ASP A 112 -30.56 -7.19 26.16
N GLY A 113 -29.62 -8.13 26.18
CA GLY A 113 -29.29 -8.89 24.99
C GLY A 113 -28.36 -8.20 24.02
N MET A 114 -27.72 -7.11 24.44
CA MET A 114 -26.80 -6.38 23.56
C MET A 114 -25.44 -7.06 23.55
N THR A 115 -24.88 -7.24 22.35
CA THR A 115 -23.56 -7.81 22.16
C THR A 115 -22.57 -6.72 21.75
N PRO A 116 -21.27 -6.99 21.85
CA PRO A 116 -20.30 -5.98 21.39
C PRO A 116 -20.54 -5.50 19.98
N LEU A 117 -20.99 -6.40 19.09
CA LEU A 117 -21.26 -5.98 17.71
C LEU A 117 -22.41 -4.98 17.64
N HIS A 118 -23.42 -5.14 18.50
CA HIS A 118 -24.48 -4.14 18.59
C HIS A 118 -23.91 -2.76 18.87
N LEU A 119 -23.03 -2.67 19.87
CA LEU A 119 -22.51 -1.38 20.29
C LEU A 119 -21.63 -0.75 19.24
N ALA A 120 -20.72 -1.54 18.65
CA ALA A 120 -19.86 -1.02 17.59
C ALA A 120 -20.68 -0.56 16.39
N ALA A 121 -21.74 -1.30 16.03
CA ALA A 121 -22.58 -0.91 14.92
C ALA A 121 -23.33 0.38 15.21
N LYS A 122 -23.77 0.56 16.46
CA LYS A 122 -24.47 1.77 16.84
C LYS A 122 -23.63 3.02 16.58
N TRP A 123 -22.33 2.94 16.87
CA TRP A 123 -21.43 4.08 16.71
C TRP A 123 -20.78 4.15 15.33
N GLY A 124 -20.97 3.15 14.49
CA GLY A 124 -20.36 3.18 13.16
C GLY A 124 -18.88 2.92 13.15
N TYR A 125 -18.35 2.19 14.13
CA TYR A 125 -16.93 1.85 14.18
C TYR A 125 -16.65 0.74 13.18
N LEU A 126 -16.34 1.13 11.94
CA LEU A 126 -16.14 0.16 10.88
C LEU A 126 -15.08 -0.86 11.24
N GLU A 127 -13.90 -0.39 11.65
CA GLU A 127 -12.79 -1.31 11.90
C GLU A 127 -13.11 -2.27 13.03
N ILE A 128 -13.80 -1.80 14.07
CA ILE A 128 -14.17 -2.67 15.18
C ILE A 128 -15.21 -3.69 14.73
N VAL A 129 -16.19 -3.25 13.95
CA VAL A 129 -17.19 -4.18 13.41
C VAL A 129 -16.49 -5.32 12.67
N GLU A 130 -15.51 -4.98 11.84
CA GLU A 130 -14.86 -6.00 11.02
C GLU A 130 -14.06 -6.97 11.90
N VAL A 131 -13.35 -6.45 12.90
CA VAL A 131 -12.62 -7.32 13.82
C VAL A 131 -13.57 -8.26 14.54
N LEU A 132 -14.69 -7.74 15.05
CA LEU A 132 -15.64 -8.58 15.76
C LEU A 132 -16.20 -9.66 14.85
N LEU A 133 -16.53 -9.31 13.60
CA LEU A 133 -17.01 -10.30 12.64
C LEU A 133 -15.92 -11.34 12.35
N LYS A 134 -14.68 -10.88 12.18
CA LYS A 134 -13.58 -11.80 11.92
C LYS A 134 -13.43 -12.84 13.01
N HIS A 135 -13.71 -12.47 14.27
CA HIS A 135 -13.61 -13.38 15.40
C HIS A 135 -14.92 -14.08 15.72
N GLY A 136 -15.87 -14.09 14.79
CA GLY A 136 -17.06 -14.90 14.93
C GLY A 136 -18.25 -14.21 15.57
N ALA A 137 -18.29 -12.88 15.59
CA ALA A 137 -19.44 -12.20 16.14
C ALA A 137 -20.70 -12.59 15.38
N ASP A 138 -21.79 -12.79 16.12
CA ASP A 138 -23.06 -13.23 15.54
C ASP A 138 -23.73 -12.02 14.87
N VAL A 139 -23.78 -12.05 13.53
CA VAL A 139 -24.30 -10.92 12.79
C VAL A 139 -25.82 -10.81 12.90
N ASN A 140 -26.51 -11.88 13.30
CA ASN A 140 -27.96 -11.91 13.41
C ASN A 140 -28.44 -11.85 14.86
N ALA A 141 -27.57 -11.45 15.78
CA ALA A 141 -27.95 -11.41 17.19
C ALA A 141 -29.02 -10.35 17.43
N GLN A 142 -30.08 -10.73 18.14
CA GLN A 142 -31.18 -9.83 18.46
C GLN A 142 -31.15 -9.48 19.94
N ASP A 143 -31.36 -8.20 20.24
CA ASP A 143 -31.43 -7.77 21.63
C ASP A 143 -32.86 -8.00 22.15
N LYS A 144 -33.15 -7.47 23.34
CA LYS A 144 -34.45 -7.70 23.96
C LYS A 144 -35.59 -7.17 23.10
N PHE A 145 -35.32 -6.16 22.26
CA PHE A 145 -36.34 -5.57 21.40
C PHE A 145 -36.25 -6.05 19.96
N GLY A 146 -35.56 -7.16 19.72
CA GLY A 146 -35.47 -7.70 18.37
C GLY A 146 -34.56 -6.94 17.44
N LYS A 147 -33.70 -6.07 17.96
CA LYS A 147 -32.81 -5.28 17.14
C LYS A 147 -31.54 -6.05 16.84
N THR A 148 -31.14 -6.05 15.58
CA THR A 148 -29.86 -6.62 15.17
C THR A 148 -28.80 -5.53 15.12
N PRO A 149 -27.53 -5.90 15.03
CA PRO A 149 -26.50 -4.89 14.78
C PRO A 149 -26.79 -4.03 13.55
N PHE A 150 -27.33 -4.63 12.49
CA PHE A 150 -27.71 -3.84 11.32
C PHE A 150 -28.78 -2.83 11.67
N ASP A 151 -29.83 -3.28 12.37
CA ASP A 151 -30.91 -2.36 12.75
C ASP A 151 -30.37 -1.13 13.44
N LEU A 152 -29.42 -1.32 14.37
CA LEU A 152 -28.88 -0.18 15.12
C LEU A 152 -28.00 0.69 14.23
N ALA A 153 -27.21 0.08 13.34
CA ALA A 153 -26.44 0.87 12.38
C ALA A 153 -27.37 1.66 11.47
N ASP A 154 -28.41 1.00 10.95
CA ASP A 154 -29.37 1.68 10.08
C ASP A 154 -30.05 2.83 10.80
N ASP A 155 -30.47 2.61 12.05
CA ASP A 155 -31.20 3.64 12.79
C ASP A 155 -30.32 4.87 13.06
N ASN A 156 -29.00 4.68 13.14
CA ASN A 156 -28.08 5.77 13.43
C ASN A 156 -27.39 6.32 12.19
N GLY A 157 -27.87 5.98 11.00
CA GLY A 157 -27.32 6.53 9.78
C GLY A 157 -25.96 6.01 9.39
N ASN A 158 -25.49 4.91 9.99
CA ASN A 158 -24.19 4.33 9.66
C ASN A 158 -24.39 3.36 8.51
N ASP A 159 -24.50 3.93 7.30
CA ASP A 159 -24.90 3.15 6.14
C ASP A 159 -23.74 2.30 5.60
N ASP A 160 -22.51 2.81 5.65
CA ASP A 160 -21.38 1.99 5.25
C ASP A 160 -21.29 0.73 6.11
N VAL A 161 -21.45 0.88 7.43
CA VAL A 161 -21.49 -0.28 8.30
C VAL A 161 -22.75 -1.10 8.05
N GLY A 162 -23.88 -0.44 7.82
CA GLY A 162 -25.09 -1.17 7.47
C GLY A 162 -24.90 -2.02 6.23
N THR A 163 -24.31 -1.44 5.18
CA THR A 163 -24.01 -2.20 3.98
C THR A 163 -23.11 -3.39 4.29
N LEU A 164 -22.04 -3.16 5.05
CA LEU A 164 -21.12 -4.24 5.39
C LEU A 164 -21.84 -5.37 6.12
N LEU A 165 -22.70 -5.03 7.07
CA LEU A 165 -23.37 -6.06 7.87
C LEU A 165 -24.33 -6.88 7.02
N GLN A 166 -25.00 -6.24 6.05
CA GLN A 166 -25.90 -6.99 5.18
C GLN A 166 -25.13 -7.93 4.26
N VAL A 167 -24.00 -7.45 3.72
CA VAL A 167 -23.14 -8.32 2.93
C VAL A 167 -22.60 -9.47 3.78
N ALA A 168 -22.17 -9.17 5.00
CA ALA A 168 -21.61 -10.21 5.85
C ALA A 168 -22.65 -11.24 6.24
N ALA A 169 -23.89 -10.80 6.49
CA ALA A 169 -24.94 -11.74 6.84
C ALA A 169 -25.28 -12.65 5.66
N ALA A 170 -25.35 -12.08 4.46
CA ALA A 170 -25.63 -12.90 3.27
C ALA A 170 -24.53 -13.93 3.06
N ALA A 171 -23.27 -13.54 3.26
CA ALA A 171 -22.17 -14.49 3.09
C ALA A 171 -22.23 -15.59 4.14
N ASP A 172 -22.50 -15.22 5.40
CA ASP A 172 -22.62 -16.22 6.45
CA ASP A 172 -22.62 -16.23 6.45
C ASP A 172 -23.71 -17.24 6.12
N GLN A 173 -24.83 -16.78 5.56
CA GLN A 173 -25.90 -17.69 5.19
C GLN A 173 -25.43 -18.71 4.17
N LEU A 174 -24.60 -18.28 3.21
CA LEU A 174 -24.07 -19.16 2.18
C LEU A 174 -22.90 -20.00 2.66
N GLY A 175 -22.27 -19.63 3.79
CA GLY A 175 -21.01 -20.24 4.16
C GLY A 175 -19.84 -19.77 3.32
N ALA A 176 -19.88 -18.53 2.85
CA ALA A 176 -18.87 -17.98 1.97
C ALA A 176 -17.98 -16.99 2.71
N ARG A 177 -16.72 -16.95 2.29
CA ARG A 177 -15.80 -15.87 2.66
C ARG A 177 -15.81 -14.85 1.52
N VAL A 178 -16.11 -13.59 1.86
CA VAL A 178 -16.29 -12.55 0.85
C VAL A 178 -15.38 -11.38 1.16
N GLY A 179 -14.96 -10.69 0.11
CA GLY A 179 -14.24 -9.45 0.28
C GLY A 179 -14.60 -8.51 -0.85
N TYR A 180 -14.60 -7.22 -0.55
CA TYR A 180 -14.87 -6.25 -1.60
C TYR A 180 -14.17 -4.94 -1.27
N ILE A 181 -14.01 -4.12 -2.30
CA ILE A 181 -13.49 -2.78 -2.13
C ILE A 181 -14.03 -1.93 -3.26
N GLU A 182 -14.25 -0.66 -2.96
CA GLU A 182 -14.70 0.33 -3.93
C GLU A 182 -13.73 1.49 -3.85
N LEU A 183 -13.15 1.87 -4.99
CA LEU A 183 -12.18 2.96 -5.08
C LEU A 183 -12.71 4.04 -6.00
N ASP A 184 -12.47 5.30 -5.63
CA ASP A 184 -12.69 6.39 -6.56
C ASP A 184 -11.70 6.27 -7.71
N LEU A 185 -12.22 6.29 -8.95
CA LEU A 185 -11.36 6.05 -10.09
C LEU A 185 -10.32 7.15 -10.25
N ASN A 186 -10.72 8.40 -10.07
CA ASN A 186 -9.83 9.52 -10.36
C ASN A 186 -8.80 9.72 -9.26
N SER A 187 -9.22 9.67 -7.99
CA SER A 187 -8.33 9.91 -6.87
C SER A 187 -7.73 8.65 -6.28
N GLY A 188 -8.39 7.50 -6.44
CA GLY A 188 -7.94 6.28 -5.81
C GLY A 188 -8.32 6.13 -4.36
N LYS A 189 -9.12 7.05 -3.82
CA LYS A 189 -9.51 6.96 -2.42
C LYS A 189 -10.38 5.74 -2.20
N ILE A 190 -10.13 5.04 -1.09
CA ILE A 190 -10.93 3.89 -0.70
C ILE A 190 -12.25 4.40 -0.15
N LEU A 191 -13.36 3.98 -0.75
CA LEU A 191 -14.68 4.45 -0.36
C LEU A 191 -15.45 3.45 0.50
N GLU A 192 -15.38 2.17 0.16
CA GLU A 192 -15.98 1.12 0.97
C GLU A 192 -15.10 -0.11 0.87
N SER A 193 -15.13 -0.95 1.91
CA SER A 193 -14.27 -2.13 1.88
C SER A 193 -14.71 -3.10 2.96
N PHE A 194 -14.40 -4.37 2.71
CA PHE A 194 -14.66 -5.45 3.66
C PHE A 194 -13.68 -6.56 3.34
N ARG A 195 -12.85 -6.95 4.32
CA ARG A 195 -11.85 -7.99 4.12
C ARG A 195 -10.96 -7.67 2.92
N SER A 196 -10.68 -6.38 2.72
CA SER A 196 -10.02 -5.97 1.48
C SER A 196 -8.54 -6.31 1.44
N GLU A 197 -7.94 -6.76 2.55
CA GLU A 197 -6.54 -7.16 2.56
C GLU A 197 -6.36 -8.67 2.68
N GLU A 198 -7.45 -9.44 2.58
CA GLU A 198 -7.34 -10.89 2.56
C GLU A 198 -7.13 -11.38 1.13
N ARG A 199 -6.43 -12.50 1.01
CA ARG A 199 -6.17 -13.10 -0.30
C ARG A 199 -7.36 -13.92 -0.78
N PHE A 200 -7.62 -13.84 -2.08
CA PHE A 200 -8.63 -14.61 -2.78
C PHE A 200 -8.05 -15.12 -4.09
N PRO A 201 -8.54 -16.26 -4.59
CA PRO A 201 -8.13 -16.68 -5.94
C PRO A 201 -8.61 -15.68 -6.98
N MET A 202 -7.70 -15.30 -7.88
CA MET A 202 -8.05 -14.36 -8.95
C MET A 202 -8.98 -15.00 -9.98
N MET A 203 -8.76 -16.27 -10.29
CA MET A 203 -9.49 -16.91 -11.40
C MET A 203 -9.23 -16.07 -12.65
N SER A 204 -10.22 -15.99 -13.54
CA SER A 204 -10.03 -15.28 -14.80
C SER A 204 -9.92 -13.77 -14.63
N THR A 205 -10.12 -13.22 -13.44
CA THR A 205 -9.90 -11.79 -13.29
C THR A 205 -8.44 -11.42 -13.54
N PHE A 206 -7.51 -12.38 -13.47
CA PHE A 206 -6.12 -12.06 -13.78
C PHE A 206 -5.94 -11.62 -15.22
N LYS A 207 -6.88 -11.93 -16.10
CA LYS A 207 -6.68 -11.71 -17.53
C LYS A 207 -6.60 -10.22 -17.87
N VAL A 208 -7.21 -9.34 -17.06
CA VAL A 208 -7.07 -7.91 -17.31
C VAL A 208 -5.66 -7.45 -16.96
N LEU A 209 -5.04 -8.08 -15.97
CA LEU A 209 -3.66 -7.75 -15.64
C LEU A 209 -2.71 -8.23 -16.73
N LEU A 210 -2.95 -9.44 -17.24
CA LEU A 210 -2.21 -9.94 -18.38
C LEU A 210 -2.34 -8.99 -19.57
N ALA A 211 -3.56 -8.55 -19.87
CA ALA A 211 -3.75 -7.61 -20.97
C ALA A 211 -2.95 -6.34 -20.73
N GLY A 212 -2.96 -5.85 -19.48
CA GLY A 212 -2.15 -4.69 -19.16
C GLY A 212 -0.68 -4.89 -19.47
N ALA A 213 -0.15 -6.08 -19.15
CA ALA A 213 1.25 -6.36 -19.40
C ALA A 213 1.54 -6.42 -20.90
N ILE A 214 0.62 -6.99 -21.68
CA ILE A 214 0.78 -7.01 -23.13
C ILE A 214 0.73 -5.59 -23.68
N LEU A 215 -0.25 -4.80 -23.24
CA LEU A 215 -0.35 -3.42 -23.72
C LEU A 215 0.88 -2.61 -23.36
N SER A 216 1.50 -2.87 -22.22
CA SER A 216 2.72 -2.17 -21.84
C SER A 216 3.84 -2.45 -22.83
N ARG A 217 3.98 -3.71 -23.25
CA ARG A 217 4.99 -4.06 -24.23
C ARG A 217 4.67 -3.46 -25.60
N ILE A 218 3.39 -3.38 -25.95
CA ILE A 218 3.01 -2.73 -27.20
C ILE A 218 3.40 -1.25 -27.16
N ASP A 219 3.11 -0.58 -26.04
CA ASP A 219 3.51 0.81 -25.87
C ASP A 219 5.01 0.97 -26.07
N ALA A 220 5.79 -0.01 -25.61
CA ALA A 220 7.25 0.06 -25.67
C ALA A 220 7.82 -0.42 -26.99
N GLY A 221 6.99 -0.85 -27.92
CA GLY A 221 7.49 -1.33 -29.21
C GLY A 221 8.05 -2.74 -29.16
N GLN A 222 7.89 -3.44 -28.06
CA GLN A 222 8.39 -4.80 -27.90
C GLN A 222 7.37 -5.84 -28.33
N GLU A 223 6.12 -5.43 -28.55
CA GLU A 223 5.06 -6.30 -29.03
C GLU A 223 4.24 -5.50 -30.02
N GLN A 224 3.53 -6.21 -30.92
CA GLN A 224 2.71 -5.57 -31.94
C GLN A 224 1.30 -6.13 -31.86
N LEU A 225 0.31 -5.25 -31.92
CA LEU A 225 -1.08 -5.70 -31.95
C LEU A 225 -1.34 -6.68 -33.09
N GLY A 226 -0.67 -6.49 -34.23
CA GLY A 226 -0.91 -7.32 -35.39
C GLY A 226 -0.06 -8.56 -35.53
N ARG A 227 0.85 -8.82 -34.59
CA ARG A 227 1.72 -9.98 -34.70
C ARG A 227 0.90 -11.27 -34.55
N ARG A 228 1.16 -12.22 -35.44
CA ARG A 228 0.38 -13.45 -35.51
C ARG A 228 1.07 -14.56 -34.72
N ILE A 229 0.29 -15.25 -33.88
CA ILE A 229 0.77 -16.37 -33.08
C ILE A 229 0.09 -17.63 -33.59
N HIS A 230 0.88 -18.65 -33.85
CA HIS A 230 0.38 -19.94 -34.32
C HIS A 230 0.41 -20.95 -33.18
N TYR A 231 -0.54 -21.88 -33.21
CA TYR A 231 -0.66 -22.88 -32.16
C TYR A 231 -1.40 -24.08 -32.75
N SER A 232 -1.34 -25.21 -32.05
CA SER A 232 -1.90 -26.46 -32.52
C SER A 232 -3.07 -26.90 -31.65
N GLN A 233 -3.83 -27.88 -32.16
CA GLN A 233 -4.94 -28.44 -31.41
C GLN A 233 -4.47 -28.92 -30.03
N ASN A 234 -3.27 -29.50 -29.97
CA ASN A 234 -2.76 -30.02 -28.70
C ASN A 234 -2.52 -28.92 -27.67
N ASP A 235 -2.33 -27.67 -28.11
CA ASP A 235 -2.15 -26.55 -27.19
C ASP A 235 -3.45 -26.09 -26.56
N LEU A 236 -4.60 -26.47 -27.11
CA LEU A 236 -5.88 -26.01 -26.59
C LEU A 236 -6.14 -26.61 -25.21
N VAL A 237 -6.50 -25.78 -24.26
CA VAL A 237 -6.99 -26.23 -22.96
C VAL A 237 -8.49 -25.96 -22.91
N GLU A 238 -9.13 -26.40 -21.83
CA GLU A 238 -10.57 -26.26 -21.73
C GLU A 238 -11.00 -24.80 -21.74
N TYR A 239 -12.24 -24.57 -22.17
CA TYR A 239 -12.87 -23.27 -22.33
C TYR A 239 -12.02 -22.33 -23.19
N SER A 240 -11.96 -22.68 -24.46
CA SER A 240 -11.22 -21.91 -25.47
C SER A 240 -12.13 -21.62 -26.65
N PRO A 241 -13.25 -20.91 -26.42
CA PRO A 241 -14.28 -20.79 -27.47
C PRO A 241 -13.82 -20.07 -28.73
N VAL A 242 -12.89 -19.13 -28.63
CA VAL A 242 -12.41 -18.42 -29.82
C VAL A 242 -11.20 -19.11 -30.42
N THR A 243 -10.19 -19.43 -29.59
CA THR A 243 -8.96 -19.97 -30.14
C THR A 243 -9.17 -21.34 -30.80
N GLU A 244 -10.15 -22.13 -30.32
CA GLU A 244 -10.39 -23.43 -30.92
C GLU A 244 -10.86 -23.32 -32.36
N LYS A 245 -11.25 -22.13 -32.81
CA LYS A 245 -11.76 -21.93 -34.16
C LYS A 245 -10.72 -21.35 -35.11
N HIS A 246 -9.48 -21.19 -34.69
CA HIS A 246 -8.46 -20.56 -35.53
C HIS A 246 -7.19 -21.41 -35.55
N LEU A 247 -7.36 -22.72 -35.77
CA LEU A 247 -6.23 -23.63 -35.85
C LEU A 247 -5.52 -23.61 -37.20
N THR A 248 -6.12 -23.03 -38.23
CA THR A 248 -5.48 -23.03 -39.55
C THR A 248 -4.46 -21.90 -39.68
N ASP A 249 -4.73 -20.71 -39.16
CA ASP A 249 -3.78 -19.61 -39.28
C ASP A 249 -3.56 -18.83 -38.00
N GLY A 250 -4.01 -19.33 -36.85
CA GLY A 250 -3.70 -18.65 -35.61
C GLY A 250 -4.47 -17.34 -35.45
N MET A 251 -3.96 -16.50 -34.56
CA MET A 251 -4.61 -15.24 -34.21
C MET A 251 -3.54 -14.20 -33.90
N THR A 252 -3.93 -12.93 -34.06
CA THR A 252 -3.02 -11.85 -33.71
C THR A 252 -3.06 -11.60 -32.21
N VAL A 253 -2.05 -10.88 -31.72
CA VAL A 253 -1.99 -10.50 -30.31
C VAL A 253 -3.26 -9.75 -29.91
N ARG A 254 -3.70 -8.80 -30.73
CA ARG A 254 -4.92 -8.06 -30.42
C ARG A 254 -6.12 -9.00 -30.33
N GLU A 255 -6.24 -9.90 -31.28
CA GLU A 255 -7.35 -10.85 -31.28
C GLU A 255 -7.31 -11.76 -30.05
N LEU A 256 -6.11 -12.20 -29.66
CA LEU A 256 -5.98 -13.04 -28.46
C LEU A 256 -6.34 -12.28 -27.19
N ALA A 257 -5.93 -11.02 -27.08
CA ALA A 257 -6.28 -10.24 -25.90
C ALA A 257 -7.78 -10.00 -25.83
N SER A 258 -8.40 -9.68 -26.98
CA SER A 258 -9.85 -9.53 -27.02
C SER A 258 -10.57 -10.81 -26.60
N ALA A 259 -10.09 -11.96 -27.08
CA ALA A 259 -10.71 -13.22 -26.70
C ALA A 259 -10.51 -13.54 -25.22
N ALA A 260 -9.32 -13.25 -24.68
CA ALA A 260 -9.07 -13.51 -23.26
C ALA A 260 -9.98 -12.66 -22.37
N ILE A 261 -10.19 -11.40 -22.73
CA ILE A 261 -11.00 -10.51 -21.89
C ILE A 261 -12.49 -10.71 -22.17
N THR A 262 -12.91 -10.58 -23.42
CA THR A 262 -14.35 -10.52 -23.67
C THR A 262 -15.01 -11.90 -23.56
N MET A 263 -14.25 -12.96 -23.84
CA MET A 263 -14.79 -14.33 -23.80
C MET A 263 -14.11 -15.19 -22.74
N SER A 264 -13.11 -14.67 -22.03
CA SER A 264 -12.38 -15.43 -21.02
C SER A 264 -11.71 -16.68 -21.60
N ASP A 265 -11.28 -16.59 -22.86
CA ASP A 265 -10.63 -17.71 -23.54
C ASP A 265 -9.34 -18.11 -22.84
N ASN A 266 -9.26 -19.38 -22.42
CA ASN A 266 -8.13 -19.85 -21.62
C ASN A 266 -6.87 -20.04 -22.46
N THR A 267 -7.00 -20.64 -23.66
CA THR A 267 -5.80 -20.80 -24.48
C THR A 267 -5.25 -19.44 -24.92
N ALA A 268 -6.14 -18.48 -25.20
CA ALA A 268 -5.67 -17.15 -25.54
C ALA A 268 -4.81 -16.57 -24.42
N ALA A 269 -5.24 -16.75 -23.17
CA ALA A 269 -4.45 -16.25 -22.05
C ALA A 269 -3.11 -16.97 -21.94
N ASN A 270 -3.10 -18.29 -22.10
CA ASN A 270 -1.84 -19.03 -22.04
C ASN A 270 -0.89 -18.56 -23.14
N LEU A 271 -1.41 -18.34 -24.35
CA LEU A 271 -0.55 -17.92 -25.45
C LEU A 271 0.08 -16.57 -25.15
N LEU A 272 -0.71 -15.65 -24.60
CA LEU A 272 -0.17 -14.34 -24.23
C LEU A 272 0.81 -14.45 -23.07
N LEU A 273 0.51 -15.32 -22.10
CA LEU A 273 1.46 -15.53 -21.01
C LEU A 273 2.82 -15.97 -21.54
N THR A 274 2.82 -16.85 -22.54
CA THR A 274 4.09 -17.31 -23.10
C THR A 274 4.93 -16.15 -23.62
N THR A 275 4.30 -15.13 -24.20
CA THR A 275 5.07 -14.03 -24.77
C THR A 275 5.81 -13.22 -23.70
N ILE A 276 5.39 -13.30 -22.44
CA ILE A 276 6.05 -12.54 -21.39
C ILE A 276 6.75 -13.47 -20.39
N GLY A 277 6.98 -14.72 -20.76
CA GLY A 277 7.70 -15.62 -19.88
C GLY A 277 6.85 -16.29 -18.82
N GLY A 278 5.57 -16.50 -19.10
CA GLY A 278 4.72 -17.29 -18.24
C GLY A 278 4.22 -16.55 -17.02
N PRO A 279 3.58 -17.29 -16.10
CA PRO A 279 3.12 -16.67 -14.85
C PRO A 279 4.20 -15.89 -14.12
N LYS A 280 5.44 -16.38 -14.12
CA LYS A 280 6.54 -15.64 -13.50
C LYS A 280 6.71 -14.27 -14.14
N GLY A 281 6.52 -14.19 -15.45
CA GLY A 281 6.68 -12.92 -16.15
C GLY A 281 5.59 -11.93 -15.81
N LEU A 282 4.35 -12.41 -15.66
CA LEU A 282 3.27 -11.52 -15.24
C LEU A 282 3.52 -11.02 -13.82
N THR A 283 3.96 -11.91 -12.94
CA THR A 283 4.26 -11.50 -11.56
C THR A 283 5.37 -10.47 -11.54
N ALA A 284 6.39 -10.64 -12.41
CA ALA A 284 7.45 -9.65 -12.50
C ALA A 284 6.91 -8.31 -12.95
N PHE A 285 6.05 -8.30 -13.97
CA PHE A 285 5.42 -7.05 -14.41
C PHE A 285 4.70 -6.37 -13.25
N LEU A 286 3.98 -7.16 -12.45
CA LEU A 286 3.25 -6.58 -11.32
C LEU A 286 4.20 -5.99 -10.29
N HIS A 287 5.25 -6.74 -9.90
CA HIS A 287 6.25 -6.18 -8.98
C HIS A 287 6.78 -4.87 -9.52
N ASN A 288 7.08 -4.81 -10.82
CA ASN A 288 7.77 -3.66 -11.38
C ASN A 288 6.87 -2.43 -11.52
N MET A 289 5.55 -2.57 -11.35
CA MET A 289 4.69 -1.38 -11.27
CA MET A 289 4.65 -1.42 -11.28
C MET A 289 4.19 -1.14 -9.86
N GLY A 290 4.72 -1.85 -8.86
CA GLY A 290 4.43 -1.57 -7.47
C GLY A 290 3.45 -2.51 -6.79
N ASP A 291 3.01 -3.57 -7.46
CA ASP A 291 2.11 -4.55 -6.86
C ASP A 291 2.95 -5.75 -6.42
N HIS A 292 3.25 -5.80 -5.12
CA HIS A 292 4.03 -6.87 -4.54
C HIS A 292 3.16 -7.92 -3.87
N VAL A 293 1.86 -7.88 -4.13
CA VAL A 293 0.89 -8.77 -3.50
C VAL A 293 0.31 -9.75 -4.50
N THR A 294 -0.23 -9.24 -5.60
CA THR A 294 -0.83 -10.08 -6.62
C THR A 294 0.23 -10.98 -7.25
N ARG A 295 -0.10 -12.26 -7.41
CA ARG A 295 0.87 -13.18 -7.99
C ARG A 295 0.15 -14.21 -8.83
N LEU A 296 0.76 -14.54 -9.97
CA LEU A 296 0.31 -15.64 -10.80
C LEU A 296 1.42 -16.69 -10.82
N ASP A 297 1.02 -17.96 -10.67
CA ASP A 297 1.98 -19.03 -10.47
C ASP A 297 1.78 -20.17 -11.46
N ARG A 298 0.55 -20.36 -11.92
CA ARG A 298 0.19 -21.47 -12.77
C ARG A 298 -0.51 -20.96 -14.01
N TRP A 299 -0.67 -21.86 -14.98
CA TRP A 299 -1.33 -21.58 -16.24
C TRP A 299 -2.81 -21.94 -16.14
N GLU A 300 -3.57 -21.58 -17.18
CA GLU A 300 -4.92 -22.07 -17.33
C GLU A 300 -4.88 -23.54 -17.72
N PRO A 301 -5.75 -24.38 -17.13
CA PRO A 301 -6.82 -24.07 -16.18
C PRO A 301 -6.44 -24.33 -14.70
N GLU A 302 -5.20 -24.72 -14.45
CA GLU A 302 -4.81 -25.15 -13.11
C GLU A 302 -4.90 -24.01 -12.09
N LEU A 303 -4.79 -22.76 -12.54
CA LEU A 303 -4.78 -21.63 -11.61
C LEU A 303 -6.12 -21.39 -10.93
N ASN A 304 -7.18 -22.14 -11.29
CA ASN A 304 -8.49 -21.95 -10.70
C ASN A 304 -8.77 -22.90 -9.54
N GLU A 305 -7.75 -23.57 -9.02
CA GLU A 305 -7.99 -24.63 -8.04
C GLU A 305 -8.50 -24.08 -6.70
N ALA A 306 -8.06 -22.87 -6.32
CA ALA A 306 -8.65 -22.15 -5.18
C ALA A 306 -8.50 -22.91 -3.86
N ILE A 307 -7.33 -23.49 -3.63
CA ILE A 307 -7.08 -24.21 -2.38
C ILE A 307 -7.05 -23.20 -1.23
N PRO A 308 -7.78 -23.44 -0.14
CA PRO A 308 -7.66 -22.55 1.04
C PRO A 308 -6.23 -22.42 1.51
N ASN A 309 -5.84 -21.19 1.86
CA ASN A 309 -4.55 -20.84 2.42
C ASN A 309 -3.41 -21.02 1.43
N ASP A 310 -3.72 -21.33 0.18
CA ASP A 310 -2.74 -21.36 -0.89
C ASP A 310 -2.63 -19.96 -1.47
N GLU A 311 -1.41 -19.41 -1.49
CA GLU A 311 -1.18 -18.06 -1.99
C GLU A 311 -0.92 -18.03 -3.49
N ARG A 312 -0.74 -19.18 -4.13
CA ARG A 312 -0.62 -19.21 -5.58
C ARG A 312 -1.84 -18.60 -6.24
N ASP A 313 -1.59 -17.79 -7.27
CA ASP A 313 -2.66 -17.29 -8.14
C ASP A 313 -3.70 -16.48 -7.37
N THR A 314 -3.24 -15.69 -6.40
CA THR A 314 -4.14 -14.89 -5.57
C THR A 314 -3.84 -13.40 -5.69
N THR A 315 -4.82 -12.61 -5.26
CA THR A 315 -4.69 -11.19 -5.07
C THR A 315 -5.47 -10.85 -3.80
N THR A 316 -5.48 -9.58 -3.43
CA THR A 316 -6.41 -9.05 -2.44
C THR A 316 -7.30 -8.05 -3.14
N PRO A 317 -8.50 -7.79 -2.61
CA PRO A 317 -9.34 -6.77 -3.24
C PRO A 317 -8.63 -5.44 -3.42
N VAL A 318 -7.88 -4.97 -2.41
CA VAL A 318 -7.25 -3.66 -2.54
C VAL A 318 -6.10 -3.71 -3.55
N ALA A 319 -5.32 -4.79 -3.55
CA ALA A 319 -4.22 -4.90 -4.51
C ALA A 319 -4.75 -4.90 -5.95
N MET A 320 -5.74 -5.76 -6.22
CA MET A 320 -6.32 -5.81 -7.55
C MET A 320 -6.93 -4.46 -7.95
N ALA A 321 -7.67 -3.82 -7.04
CA ALA A 321 -8.32 -2.57 -7.38
C ALA A 321 -7.31 -1.47 -7.66
N THR A 322 -6.26 -1.38 -6.83
CA THR A 322 -5.23 -0.36 -7.03
CA THR A 322 -5.26 -0.34 -7.03
C THR A 322 -4.48 -0.58 -8.32
N THR A 323 -4.13 -1.84 -8.61
CA THR A 323 -3.42 -2.13 -9.85
C THR A 323 -4.29 -1.87 -11.07
N LEU A 324 -5.55 -2.30 -11.02
CA LEU A 324 -6.44 -2.04 -12.17
C LEU A 324 -6.59 -0.55 -12.40
N ARG A 325 -6.72 0.23 -11.32
CA ARG A 325 -6.80 1.68 -11.46
C ARG A 325 -5.58 2.25 -12.17
N LYS A 326 -4.38 1.79 -11.77
CA LYS A 326 -3.16 2.25 -12.42
C LYS A 326 -3.15 1.90 -13.90
N LEU A 327 -3.76 0.77 -14.29
CA LEU A 327 -3.80 0.38 -15.69
C LEU A 327 -4.82 1.19 -16.49
N LEU A 328 -5.91 1.62 -15.85
CA LEU A 328 -6.98 2.31 -16.55
C LEU A 328 -6.84 3.82 -16.48
N THR A 329 -6.06 4.34 -15.54
CA THR A 329 -5.89 5.77 -15.35
C THR A 329 -4.41 6.08 -15.15
N GLY A 330 -4.05 7.35 -15.32
CA GLY A 330 -2.66 7.70 -15.17
C GLY A 330 -1.80 7.20 -16.33
N GLU A 331 -0.48 7.27 -16.12
CA GLU A 331 0.50 7.22 -17.19
C GLU A 331 1.17 5.86 -17.36
N LEU A 332 0.76 4.84 -16.62
CA LEU A 332 1.39 3.53 -16.77
C LEU A 332 1.25 3.02 -18.20
N LEU A 333 0.06 3.16 -18.78
CA LEU A 333 -0.18 2.84 -20.18
C LEU A 333 -0.50 4.12 -20.94
N THR A 334 -0.25 4.09 -22.25
CA THR A 334 -0.60 5.23 -23.09
C THR A 334 -2.12 5.44 -23.09
N PRO A 335 -2.57 6.63 -23.48
CA PRO A 335 -4.02 6.83 -23.64
C PRO A 335 -4.67 5.78 -24.52
N ALA A 336 -4.03 5.42 -25.62
CA ALA A 336 -4.61 4.41 -26.51
C ALA A 336 -4.73 3.07 -25.81
N SER A 337 -3.68 2.66 -25.09
CA SER A 337 -3.70 1.34 -24.46
C SER A 337 -4.65 1.32 -23.28
N ARG A 338 -4.62 2.37 -22.44
CA ARG A 338 -5.63 2.58 -21.41
C ARG A 338 -7.04 2.35 -21.94
N GLN A 339 -7.37 3.05 -23.03
CA GLN A 339 -8.71 2.98 -23.57
C GLN A 339 -9.00 1.60 -24.16
N GLN A 340 -7.99 0.96 -24.76
CA GLN A 340 -8.21 -0.37 -25.32
C GLN A 340 -8.56 -1.37 -24.22
N LEU A 341 -7.88 -1.27 -23.07
CA LEU A 341 -8.22 -2.17 -21.96
C LEU A 341 -9.63 -1.92 -21.48
N MET A 342 -10.01 -0.65 -21.31
CA MET A 342 -11.38 -0.33 -20.91
C MET A 342 -12.38 -0.83 -21.94
N ASP A 343 -12.05 -0.70 -23.24
CA ASP A 343 -12.99 -1.10 -24.28
C ASP A 343 -13.19 -2.62 -24.29
N TRP A 344 -12.11 -3.40 -24.15
CA TRP A 344 -12.25 -4.85 -24.05
C TRP A 344 -13.14 -5.22 -22.87
N MET A 345 -12.91 -4.59 -21.71
CA MET A 345 -13.72 -4.90 -20.53
C MET A 345 -15.17 -4.46 -20.71
N GLU A 346 -15.40 -3.35 -21.41
CA GLU A 346 -16.78 -2.93 -21.68
C GLU A 346 -17.48 -3.97 -22.55
N ALA A 347 -16.76 -4.61 -23.47
CA ALA A 347 -17.32 -5.60 -24.39
C ALA A 347 -17.39 -7.00 -23.78
N ASP A 348 -17.18 -7.14 -22.47
CA ASP A 348 -17.30 -8.43 -21.79
C ASP A 348 -18.63 -9.09 -22.14
N LYS A 349 -18.55 -10.32 -22.67
CA LYS A 349 -19.71 -11.06 -23.12
C LYS A 349 -20.21 -12.10 -22.11
N VAL A 350 -19.42 -12.44 -21.09
CA VAL A 350 -19.71 -13.62 -20.28
C VAL A 350 -19.88 -13.27 -18.80
N ALA A 351 -20.31 -12.05 -18.49
CA ALA A 351 -20.55 -11.63 -17.12
C ALA A 351 -21.98 -11.11 -16.91
N GLY A 352 -22.93 -11.54 -17.74
CA GLY A 352 -24.30 -11.09 -17.63
C GLY A 352 -24.93 -11.24 -16.26
N PRO A 353 -24.76 -12.38 -15.59
CA PRO A 353 -25.45 -12.62 -14.32
C PRO A 353 -24.88 -11.87 -13.13
N LEU A 354 -23.80 -11.10 -13.28
CA LEU A 354 -23.15 -10.48 -12.13
C LEU A 354 -23.55 -9.02 -11.99
N LEU A 355 -22.58 -8.10 -11.97
CA LEU A 355 -22.91 -6.70 -11.77
C LEU A 355 -23.82 -6.17 -12.86
N ARG A 356 -23.67 -6.67 -14.09
CA ARG A 356 -24.48 -6.19 -15.21
C ARG A 356 -25.96 -6.43 -14.96
N SER A 357 -26.31 -7.44 -14.18
CA SER A 357 -27.71 -7.77 -13.93
C SER A 357 -28.39 -6.78 -13.01
N VAL A 358 -27.63 -5.98 -12.26
CA VAL A 358 -28.19 -5.00 -11.35
C VAL A 358 -27.78 -3.58 -11.72
N LEU A 359 -27.18 -3.40 -12.90
CA LEU A 359 -26.71 -2.08 -13.32
C LEU A 359 -27.90 -1.18 -13.67
N PRO A 360 -28.07 -0.04 -13.01
CA PRO A 360 -29.20 0.84 -13.35
C PRO A 360 -29.08 1.38 -14.77
N ALA A 361 -30.23 1.73 -15.35
CA ALA A 361 -30.25 2.26 -16.70
C ALA A 361 -29.38 3.50 -16.80
N GLY A 362 -28.68 3.63 -17.93
CA GLY A 362 -27.80 4.76 -18.17
C GLY A 362 -26.42 4.65 -17.57
N TRP A 363 -26.16 3.62 -16.76
CA TRP A 363 -24.86 3.45 -16.15
C TRP A 363 -23.89 2.78 -17.13
N PHE A 364 -22.61 3.02 -16.88
CA PHE A 364 -21.52 2.40 -17.63
C PHE A 364 -20.92 1.29 -16.80
N ILE A 365 -20.51 0.20 -17.44
CA ILE A 365 -19.73 -0.83 -16.76
C ILE A 365 -18.75 -1.45 -17.75
N ALA A 366 -17.52 -1.62 -17.28
CA ALA A 366 -16.50 -2.42 -17.95
C ALA A 366 -15.96 -3.40 -16.91
N ASP A 367 -16.02 -4.70 -17.20
CA ASP A 367 -15.75 -5.66 -16.15
C ASP A 367 -15.02 -6.89 -16.70
N LYS A 368 -14.63 -7.74 -15.78
CA LYS A 368 -14.06 -9.06 -16.08
C LYS A 368 -14.38 -9.96 -14.90
N SER A 369 -15.02 -11.08 -15.17
CA SER A 369 -15.44 -12.00 -14.13
C SER A 369 -14.46 -13.16 -14.02
N GLY A 370 -14.59 -13.88 -12.92
CA GLY A 370 -13.85 -15.12 -12.74
C GLY A 370 -14.70 -16.14 -12.02
N ALA A 371 -14.40 -17.41 -12.29
CA ALA A 371 -15.05 -18.54 -11.63
C ALA A 371 -13.99 -19.60 -11.38
N GLY A 372 -14.14 -20.32 -10.28
CA GLY A 372 -13.18 -21.35 -9.96
C GLY A 372 -13.77 -22.45 -9.10
N GLU A 373 -12.92 -23.37 -8.65
CA GLU A 373 -13.38 -24.41 -7.77
C GLU A 373 -13.53 -23.88 -6.35
N ARG A 374 -14.05 -24.73 -5.48
CA ARG A 374 -14.31 -24.40 -4.08
C ARG A 374 -15.25 -23.20 -3.96
N GLY A 375 -16.25 -23.16 -4.84
CA GLY A 375 -17.27 -22.11 -4.76
C GLY A 375 -16.72 -20.73 -4.99
N SER A 376 -15.74 -20.59 -5.89
CA SER A 376 -15.05 -19.33 -6.09
C SER A 376 -15.69 -18.54 -7.24
N ARG A 377 -15.87 -17.24 -7.01
CA ARG A 377 -16.48 -16.36 -8.00
C ARG A 377 -15.96 -14.96 -7.73
N GLY A 378 -15.76 -14.18 -8.79
CA GLY A 378 -15.27 -12.83 -8.57
C GLY A 378 -15.52 -11.95 -9.78
N ILE A 379 -15.29 -10.66 -9.57
CA ILE A 379 -15.47 -9.68 -10.64
C ILE A 379 -14.65 -8.45 -10.29
N VAL A 380 -14.07 -7.85 -11.33
CA VAL A 380 -13.44 -6.55 -11.22
C VAL A 380 -14.11 -5.64 -12.25
N ALA A 381 -14.38 -4.40 -11.88
CA ALA A 381 -15.18 -3.56 -12.76
C ALA A 381 -14.84 -2.09 -12.57
N ALA A 382 -14.97 -1.36 -13.67
CA ALA A 382 -15.06 0.10 -13.66
C ALA A 382 -16.47 0.47 -14.04
N LEU A 383 -17.17 1.20 -13.16
CA LEU A 383 -18.57 1.51 -13.41
C LEU A 383 -18.92 2.86 -12.83
N GLY A 384 -20.08 3.37 -13.23
CA GLY A 384 -20.55 4.66 -12.76
C GLY A 384 -21.74 5.15 -13.53
N PRO A 385 -22.42 6.16 -13.00
CA PRO A 385 -23.61 6.70 -13.66
C PRO A 385 -23.25 7.60 -14.84
N ASP A 386 -24.29 7.97 -15.59
CA ASP A 386 -24.16 8.94 -16.68
C ASP A 386 -23.21 8.45 -17.77
N GLY A 387 -23.22 7.14 -18.01
CA GLY A 387 -22.46 6.58 -19.11
C GLY A 387 -20.96 6.71 -19.01
N LYS A 388 -20.43 6.94 -17.80
CA LYS A 388 -18.99 7.03 -17.63
C LYS A 388 -18.60 6.32 -16.33
N PRO A 389 -17.47 5.61 -16.33
CA PRO A 389 -17.02 4.97 -15.08
C PRO A 389 -16.42 5.99 -14.13
N SER A 390 -16.76 5.84 -12.84
CA SER A 390 -16.24 6.74 -11.82
C SER A 390 -15.64 6.02 -10.63
N ARG A 391 -15.79 4.69 -10.51
CA ARG A 391 -15.23 3.95 -9.41
C ARG A 391 -14.82 2.56 -9.88
N ILE A 392 -13.87 1.99 -9.16
CA ILE A 392 -13.47 0.60 -9.33
C ILE A 392 -14.14 -0.21 -8.23
N VAL A 393 -14.72 -1.35 -8.60
CA VAL A 393 -15.27 -2.31 -7.66
C VAL A 393 -14.62 -3.66 -7.90
N VAL A 394 -14.18 -4.30 -6.82
CA VAL A 394 -13.61 -5.64 -6.86
C VAL A 394 -14.34 -6.44 -5.79
N ILE A 395 -14.84 -7.61 -6.17
CA ILE A 395 -15.59 -8.49 -5.28
C ILE A 395 -15.13 -9.92 -5.50
N TYR A 396 -14.82 -10.63 -4.41
CA TYR A 396 -14.50 -12.06 -4.46
C TYR A 396 -15.31 -12.81 -3.41
N THR A 397 -15.70 -14.04 -3.76
CA THR A 397 -16.30 -14.96 -2.81
C THR A 397 -15.67 -16.34 -3.02
N THR A 398 -15.50 -17.08 -1.93
CA THR A 398 -14.91 -18.41 -2.07
C THR A 398 -15.26 -19.24 -0.84
N GLY A 399 -15.23 -20.56 -1.03
CA GLY A 399 -15.41 -21.50 0.05
C GLY A 399 -16.83 -21.99 0.28
N SER A 400 -17.81 -21.42 -0.40
CA SER A 400 -19.20 -21.84 -0.24
C SER A 400 -19.47 -23.15 -0.98
N GLN A 401 -20.46 -23.89 -0.49
CA GLN A 401 -21.02 -25.02 -1.21
C GLN A 401 -22.16 -24.61 -2.13
N ALA A 402 -22.32 -23.31 -2.37
CA ALA A 402 -23.47 -22.82 -3.10
C ALA A 402 -23.40 -23.20 -4.57
N THR A 403 -24.56 -23.25 -5.20
CA THR A 403 -24.64 -23.42 -6.64
C THR A 403 -24.07 -22.19 -7.35
N MET A 404 -23.75 -22.36 -8.63
CA MET A 404 -23.24 -21.22 -9.39
C MET A 404 -24.29 -20.12 -9.48
N ASP A 405 -25.57 -20.49 -9.59
CA ASP A 405 -26.62 -19.49 -9.59
C ASP A 405 -26.62 -18.70 -8.28
N GLU A 406 -26.41 -19.39 -7.16
CA GLU A 406 -26.36 -18.70 -5.87
C GLU A 406 -25.13 -17.81 -5.76
N LEU A 407 -24.01 -18.25 -6.31
CA LEU A 407 -22.80 -17.43 -6.32
C LEU A 407 -22.97 -16.20 -7.20
N ASN A 408 -23.55 -16.37 -8.40
CA ASN A 408 -23.83 -15.23 -9.25
C ASN A 408 -24.71 -14.22 -8.53
N ARG A 409 -25.77 -14.71 -7.88
CA ARG A 409 -26.68 -13.83 -7.16
C ARG A 409 -25.98 -13.12 -6.01
N GLN A 410 -25.05 -13.81 -5.35
CA GLN A 410 -24.33 -13.17 -4.24
C GLN A 410 -23.52 -11.98 -4.75
N ILE A 411 -22.76 -12.18 -5.84
CA ILE A 411 -22.00 -11.08 -6.43
C ILE A 411 -22.95 -9.96 -6.82
N ALA A 412 -24.04 -10.30 -7.53
CA ALA A 412 -25.01 -9.30 -7.93
C ALA A 412 -25.57 -8.56 -6.73
N GLU A 413 -25.92 -9.28 -5.66
CA GLU A 413 -26.45 -8.65 -4.46
C GLU A 413 -25.45 -7.68 -3.84
N ILE A 414 -24.18 -8.09 -3.74
CA ILE A 414 -23.16 -7.19 -3.22
C ILE A 414 -23.07 -5.95 -4.10
N GLY A 415 -23.12 -6.13 -5.41
CA GLY A 415 -23.10 -4.98 -6.31
C GLY A 415 -24.30 -4.08 -6.12
N ALA A 416 -25.49 -4.68 -5.95
CA ALA A 416 -26.68 -3.88 -5.68
C ALA A 416 -26.55 -3.12 -4.37
N SER A 417 -25.95 -3.75 -3.36
CA SER A 417 -25.76 -3.07 -2.08
C SER A 417 -24.83 -1.87 -2.24
N LEU A 418 -23.73 -2.04 -2.99
CA LEU A 418 -22.80 -0.94 -3.20
C LEU A 418 -23.41 0.15 -4.07
N ILE A 419 -24.20 -0.23 -5.08
CA ILE A 419 -24.86 0.76 -5.91
C ILE A 419 -25.90 1.53 -5.10
N LYS A 420 -26.61 0.84 -4.22
CA LYS A 420 -27.60 1.51 -3.37
C LYS A 420 -26.95 2.54 -2.47
N ASN A 421 -25.77 2.20 -1.92
CA ASN A 421 -25.05 3.08 -1.01
C ASN A 421 -24.05 3.97 -1.74
N TRP A 422 -24.24 4.20 -3.04
CA TRP A 422 -23.29 4.94 -3.87
C TRP A 422 -23.05 6.34 -3.30
N GLU B 18 -60.44 41.27 63.90
CA GLU B 18 -60.18 40.36 62.79
C GLU B 18 -61.07 40.65 61.58
N GLU B 19 -62.17 41.35 61.80
CA GLU B 19 -63.16 41.56 60.75
C GLU B 19 -62.90 42.80 59.91
N GLY B 20 -62.03 43.71 60.35
CA GLY B 20 -61.86 44.97 59.67
C GLY B 20 -60.60 45.11 58.84
N ASN B 21 -59.67 44.17 58.97
CA ASN B 21 -58.38 44.29 58.30
C ASN B 21 -57.95 42.93 57.76
N LEU B 22 -56.87 42.94 56.98
CA LEU B 22 -56.33 41.75 56.35
C LEU B 22 -54.96 41.42 56.92
N VAL B 23 -54.74 40.15 57.23
CA VAL B 23 -53.43 39.64 57.63
C VAL B 23 -53.01 38.59 56.61
N ILE B 24 -51.77 38.68 56.13
CA ILE B 24 -51.26 37.81 55.09
C ILE B 24 -50.01 37.11 55.61
N TRP B 25 -49.92 35.80 55.37
CA TRP B 25 -48.77 35.00 55.75
C TRP B 25 -48.01 34.58 54.50
N ILE B 26 -46.69 34.73 54.54
CA ILE B 26 -45.83 34.34 53.42
C ILE B 26 -44.46 34.02 53.99
N ASN B 27 -43.77 33.07 53.35
CA ASN B 27 -42.51 32.58 53.88
C ASN B 27 -41.45 33.67 53.88
N GLY B 28 -40.47 33.54 54.78
CA GLY B 28 -39.46 34.55 54.96
C GLY B 28 -38.53 34.73 53.77
N ASP B 29 -38.42 33.72 52.91
CA ASP B 29 -37.55 33.82 51.74
C ASP B 29 -38.24 34.47 50.54
N LYS B 30 -39.46 34.96 50.72
CA LYS B 30 -40.18 35.66 49.66
C LYS B 30 -40.12 37.16 49.91
N GLY B 31 -40.65 37.93 48.96
CA GLY B 31 -40.62 39.38 49.05
C GLY B 31 -41.74 39.95 49.90
N TYR B 32 -41.69 39.73 51.20
CA TYR B 32 -42.75 40.20 52.08
C TYR B 32 -42.74 41.72 52.21
N ASN B 33 -41.57 42.36 52.09
CA ASN B 33 -41.52 43.82 52.14
C ASN B 33 -42.19 44.43 50.91
N GLY B 34 -41.91 43.88 49.73
CA GLY B 34 -42.60 44.35 48.54
C GLY B 34 -44.09 44.08 48.60
N LEU B 35 -44.48 42.92 49.14
CA LEU B 35 -45.89 42.60 49.28
C LEU B 35 -46.58 43.56 50.23
N ALA B 36 -45.90 43.92 51.33
CA ALA B 36 -46.46 44.90 52.26
C ALA B 36 -46.77 46.21 51.54
N GLU B 37 -45.87 46.63 50.65
CA GLU B 37 -46.10 47.88 49.91
C GLU B 37 -47.40 47.82 49.13
N VAL B 38 -47.71 46.68 48.53
CA VAL B 38 -48.98 46.53 47.83
C VAL B 38 -50.14 46.70 48.80
N GLY B 39 -50.05 46.03 49.96
CA GLY B 39 -51.11 46.14 50.96
C GLY B 39 -51.28 47.57 51.46
N LYS B 40 -50.22 48.38 51.39
CA LYS B 40 -50.33 49.78 51.80
C LYS B 40 -50.96 50.63 50.72
N LYS B 41 -50.79 50.27 49.44
CA LYS B 41 -51.56 50.93 48.39
C LYS B 41 -53.02 50.49 48.45
N PHE B 42 -53.29 49.28 48.94
CA PHE B 42 -54.66 48.84 49.16
C PHE B 42 -55.32 49.66 50.26
N GLU B 43 -54.56 50.01 51.30
CA GLU B 43 -55.11 50.84 52.37
C GLU B 43 -55.34 52.27 51.91
N LYS B 44 -54.38 52.84 51.18
CA LYS B 44 -54.50 54.22 50.73
C LYS B 44 -55.73 54.40 49.84
N ASP B 45 -56.12 53.36 49.11
CA ASP B 45 -57.25 53.45 48.18
C ASP B 45 -58.56 53.03 48.82
N THR B 46 -58.54 51.97 49.64
CA THR B 46 -59.75 51.45 50.26
C THR B 46 -59.87 51.78 51.74
N GLY B 47 -58.78 52.19 52.39
CA GLY B 47 -58.81 52.47 53.81
C GLY B 47 -58.78 51.24 54.69
N ILE B 48 -58.27 50.12 54.19
CA ILE B 48 -58.26 48.86 54.93
C ILE B 48 -56.81 48.45 55.14
N LYS B 49 -56.46 48.19 56.40
CA LYS B 49 -55.09 47.89 56.78
C LYS B 49 -54.70 46.49 56.33
N VAL B 50 -53.43 46.34 55.95
CA VAL B 50 -52.87 45.06 55.50
C VAL B 50 -51.56 44.84 56.24
N THR B 51 -51.49 43.74 57.00
CA THR B 51 -50.29 43.37 57.73
C THR B 51 -49.74 42.07 57.16
N VAL B 52 -48.42 42.02 56.95
CA VAL B 52 -47.75 40.85 56.40
C VAL B 52 -46.80 40.31 57.45
N GLU B 53 -46.86 38.99 57.68
CA GLU B 53 -46.01 38.31 58.64
C GLU B 53 -45.36 37.12 57.96
N HIS B 54 -44.21 36.70 58.49
CA HIS B 54 -43.49 35.53 58.00
C HIS B 54 -43.17 34.58 59.16
N PRO B 55 -44.20 34.08 59.85
CA PRO B 55 -43.96 33.16 60.97
C PRO B 55 -43.25 31.90 60.51
N ASP B 56 -42.38 31.39 61.38
CA ASP B 56 -41.65 30.17 61.08
C ASP B 56 -42.59 28.96 61.11
N LYS B 57 -42.38 28.03 60.18
CA LYS B 57 -43.21 26.84 60.07
C LYS B 57 -44.69 27.22 59.92
N LEU B 58 -44.95 28.26 59.13
CA LEU B 58 -46.33 28.72 58.96
C LEU B 58 -47.19 27.68 58.25
N GLU B 59 -46.57 26.82 57.42
CA GLU B 59 -47.35 25.78 56.75
C GLU B 59 -47.79 24.70 57.72
N GLU B 60 -47.04 24.49 58.80
CA GLU B 60 -47.43 23.56 59.85
C GLU B 60 -48.35 24.20 60.88
N LYS B 61 -48.19 25.51 61.11
CA LYS B 61 -49.05 26.21 62.05
C LYS B 61 -50.44 26.47 61.48
N PHE B 62 -50.51 26.90 60.22
CA PHE B 62 -51.77 27.27 59.60
C PHE B 62 -52.88 26.23 59.79
N PRO B 63 -52.67 24.94 59.52
CA PRO B 63 -53.78 23.99 59.62
C PRO B 63 -54.36 23.86 61.03
N GLN B 64 -53.60 24.21 62.07
CA GLN B 64 -54.06 24.08 63.44
C GLN B 64 -54.64 25.37 64.00
N VAL B 65 -54.01 26.51 63.76
CA VAL B 65 -54.58 27.78 64.21
C VAL B 65 -55.80 28.14 63.37
N ALA B 66 -55.85 27.69 62.13
CA ALA B 66 -57.01 27.95 61.27
C ALA B 66 -58.15 26.98 61.52
N ALA B 67 -57.90 25.87 62.21
CA ALA B 67 -58.95 24.94 62.57
C ALA B 67 -59.80 25.43 63.73
N THR B 68 -59.29 26.37 64.53
CA THR B 68 -60.02 26.93 65.66
C THR B 68 -60.61 28.30 65.35
N GLY B 69 -60.60 28.71 64.09
CA GLY B 69 -61.13 30.01 63.71
C GLY B 69 -60.16 31.16 63.83
N ASP B 70 -58.86 30.90 63.87
CA ASP B 70 -57.83 31.92 63.94
C ASP B 70 -56.98 31.85 62.68
N GLY B 71 -55.88 32.61 62.68
CA GLY B 71 -54.94 32.59 61.57
C GLY B 71 -55.14 33.78 60.64
N PRO B 72 -54.39 33.78 59.54
CA PRO B 72 -54.46 34.89 58.60
C PRO B 72 -55.66 34.79 57.68
N ASP B 73 -55.92 35.88 56.96
CA ASP B 73 -56.95 35.86 55.93
C ASP B 73 -56.44 35.18 54.66
N ILE B 74 -55.17 35.36 54.34
CA ILE B 74 -54.56 34.83 53.12
C ILE B 74 -53.24 34.19 53.50
N ILE B 75 -52.94 33.04 52.88
CA ILE B 75 -51.68 32.33 53.08
C ILE B 75 -51.07 32.05 51.72
N PHE B 76 -49.77 32.31 51.58
CA PHE B 76 -49.02 32.01 50.37
C PHE B 76 -48.17 30.77 50.60
N TRP B 77 -48.21 29.84 49.66
CA TRP B 77 -47.40 28.63 49.73
C TRP B 77 -47.52 27.87 48.42
N ALA B 78 -46.64 26.89 48.26
CA ALA B 78 -46.71 25.98 47.12
C ALA B 78 -48.04 25.24 47.13
N HIS B 79 -48.59 25.02 45.93
CA HIS B 79 -49.95 24.50 45.80
C HIS B 79 -50.10 23.11 46.42
N ASP B 80 -49.05 22.29 46.37
CA ASP B 80 -49.20 20.89 46.79
C ASP B 80 -49.58 20.78 48.25
N ARG B 81 -49.21 21.76 49.07
CA ARG B 81 -49.59 21.73 50.48
C ARG B 81 -51.06 22.10 50.68
N PHE B 82 -51.63 22.89 49.77
CA PHE B 82 -53.03 23.29 49.90
C PHE B 82 -53.98 22.12 49.72
N GLY B 83 -53.51 21.01 49.15
CA GLY B 83 -54.36 19.83 49.03
C GLY B 83 -54.79 19.29 50.37
N GLY B 84 -53.86 19.22 51.32
CA GLY B 84 -54.21 18.81 52.67
C GLY B 84 -55.08 19.83 53.38
N TYR B 85 -54.84 21.12 53.11
CA TYR B 85 -55.71 22.15 53.67
C TYR B 85 -57.13 22.03 53.13
N ALA B 86 -57.26 21.80 51.83
CA ALA B 86 -58.59 21.72 51.22
C ALA B 86 -59.32 20.45 51.65
N GLN B 87 -58.59 19.34 51.78
CA GLN B 87 -59.20 18.12 52.31
C GLN B 87 -59.73 18.34 53.71
N SER B 88 -59.13 19.26 54.47
CA SER B 88 -59.60 19.62 55.80
C SER B 88 -60.61 20.76 55.78
N GLY B 89 -60.91 21.33 54.61
CA GLY B 89 -61.89 22.39 54.52
C GLY B 89 -61.43 23.73 55.05
N LEU B 90 -60.12 23.95 55.14
CA LEU B 90 -59.59 25.19 55.71
C LEU B 90 -59.47 26.31 54.70
N LEU B 91 -59.76 26.06 53.43
CA LEU B 91 -59.64 27.07 52.38
C LEU B 91 -61.00 27.38 51.79
N ALA B 92 -61.28 28.67 51.60
CA ALA B 92 -62.52 29.09 50.98
C ALA B 92 -62.41 28.99 49.47
N GLU B 93 -63.50 28.56 48.84
CA GLU B 93 -63.52 28.43 47.39
C GLU B 93 -63.55 29.82 46.74
N ILE B 94 -62.49 30.13 45.98
CA ILE B 94 -62.42 31.44 45.33
C ILE B 94 -63.37 31.48 44.14
N THR B 95 -63.70 32.70 43.70
CA THR B 95 -64.77 32.92 42.73
C THR B 95 -64.32 33.92 41.67
N PRO B 96 -63.21 33.67 40.99
CA PRO B 96 -62.85 34.52 39.85
C PRO B 96 -63.68 34.20 38.63
N ASP B 97 -64.09 35.24 37.91
CA ASP B 97 -64.81 35.03 36.66
C ASP B 97 -63.83 34.68 35.54
N LYS B 98 -64.38 34.18 34.43
CA LYS B 98 -63.53 33.75 33.32
C LYS B 98 -62.69 34.90 32.79
N ALA B 99 -63.18 36.13 32.89
CA ALA B 99 -62.39 37.28 32.45
C ALA B 99 -61.07 37.36 33.22
N PHE B 100 -61.11 37.17 34.53
CA PHE B 100 -59.89 37.22 35.32
C PHE B 100 -59.03 35.99 35.08
N GLN B 101 -59.66 34.80 35.03
CA GLN B 101 -58.89 33.57 34.85
C GLN B 101 -58.09 33.61 33.55
N ASP B 102 -58.66 34.22 32.50
CA ASP B 102 -57.97 34.33 31.23
C ASP B 102 -56.74 35.23 31.29
N LYS B 103 -56.59 36.03 32.34
CA LYS B 103 -55.40 36.84 32.50
C LYS B 103 -54.19 36.01 32.91
N LEU B 104 -54.40 34.79 33.38
CA LEU B 104 -53.33 33.90 33.82
C LEU B 104 -53.18 32.74 32.83
N TYR B 105 -52.02 32.09 32.89
CA TYR B 105 -51.79 30.94 32.03
C TYR B 105 -52.73 29.81 32.42
N PRO B 106 -53.46 29.20 31.47
CA PRO B 106 -54.48 28.22 31.86
C PRO B 106 -53.96 27.08 32.73
N PHE B 107 -52.80 26.53 32.43
CA PHE B 107 -52.34 25.34 33.14
C PHE B 107 -52.09 25.62 34.62
N THR B 108 -51.89 26.89 35.00
CA THR B 108 -51.70 27.20 36.42
C THR B 108 -52.97 26.98 37.23
N TRP B 109 -54.13 27.00 36.59
CA TRP B 109 -55.39 26.82 37.33
C TRP B 109 -55.59 25.37 37.76
N ASP B 110 -55.00 24.41 37.04
CA ASP B 110 -55.11 23.02 37.45
C ASP B 110 -54.44 22.78 38.80
N ALA B 111 -53.45 23.61 39.15
CA ALA B 111 -52.70 23.40 40.37
C ALA B 111 -53.45 23.85 41.62
N VAL B 112 -54.50 24.66 41.47
CA VAL B 112 -55.19 25.25 42.61
C VAL B 112 -56.61 24.73 42.70
N ARG B 113 -56.84 23.52 42.21
CA ARG B 113 -58.15 22.86 42.30
C ARG B 113 -58.01 21.58 43.09
N TYR B 114 -58.95 21.33 43.99
CA TYR B 114 -58.97 20.11 44.79
C TYR B 114 -60.41 19.63 44.90
N ASN B 115 -60.65 18.39 44.48
CA ASN B 115 -62.00 17.81 44.46
C ASN B 115 -62.97 18.73 43.73
N GLY B 116 -62.52 19.26 42.59
CA GLY B 116 -63.35 20.06 41.73
C GLY B 116 -63.62 21.47 42.20
N LYS B 117 -62.86 21.97 43.17
CA LYS B 117 -63.11 23.29 43.75
C LYS B 117 -61.84 24.13 43.68
N LEU B 118 -61.95 25.33 43.13
CA LEU B 118 -60.84 26.28 43.15
C LEU B 118 -60.61 26.76 44.57
N ILE B 119 -59.35 26.76 45.01
CA ILE B 119 -59.03 27.01 46.41
C ILE B 119 -57.82 27.92 46.58
N ALA B 120 -57.35 28.53 45.50
CA ALA B 120 -56.19 29.41 45.62
C ALA B 120 -55.97 30.12 44.29
N TYR B 121 -55.23 31.23 44.37
CA TYR B 121 -54.84 32.00 43.18
C TYR B 121 -53.42 31.65 42.80
N PRO B 122 -53.14 31.21 41.56
CA PRO B 122 -51.75 30.99 41.16
C PRO B 122 -50.98 32.29 41.13
N ILE B 123 -49.72 32.24 41.57
CA ILE B 123 -48.88 33.42 41.65
C ILE B 123 -47.65 33.24 40.76
N ALA B 124 -46.81 32.26 41.08
CA ALA B 124 -45.56 32.03 40.37
C ALA B 124 -45.42 30.55 40.04
N VAL B 125 -44.48 30.26 39.14
CA VAL B 125 -44.27 28.92 38.61
C VAL B 125 -42.77 28.61 38.63
N GLU B 126 -42.42 27.40 39.04
CA GLU B 126 -41.03 26.95 39.02
C GLU B 126 -40.97 25.52 38.53
N ALA B 127 -39.92 25.22 37.75
CA ALA B 127 -39.69 23.88 37.25
C ALA B 127 -38.22 23.76 36.92
N LEU B 128 -37.79 22.51 36.72
CA LEU B 128 -36.41 22.24 36.34
C LEU B 128 -36.14 22.73 34.93
N SER B 129 -34.88 23.05 34.66
CA SER B 129 -34.43 23.43 33.33
C SER B 129 -33.05 22.85 33.07
N LEU B 130 -32.67 22.83 31.80
CA LEU B 130 -31.32 22.44 31.43
C LEU B 130 -30.40 23.65 31.56
N ILE B 131 -29.35 23.51 32.37
CA ILE B 131 -28.36 24.56 32.58
C ILE B 131 -27.06 24.11 31.94
N TYR B 132 -26.46 24.98 31.14
CA TYR B 132 -25.28 24.61 30.35
C TYR B 132 -24.24 25.72 30.40
N ASN B 133 -22.98 25.30 30.25
CA ASN B 133 -21.84 26.21 30.25
C ASN B 133 -21.62 26.72 28.82
N LYS B 134 -21.82 28.03 28.62
CA LYS B 134 -21.69 28.60 27.28
C LYS B 134 -20.26 28.54 26.77
N ASP B 135 -19.27 28.53 27.67
CA ASP B 135 -17.88 28.51 27.24
C ASP B 135 -17.48 27.13 26.71
N LEU B 136 -18.10 26.07 27.21
CA LEU B 136 -17.87 24.73 26.70
C LEU B 136 -18.85 24.33 25.62
N LEU B 137 -20.09 24.80 25.72
CA LEU B 137 -21.19 24.40 24.85
C LEU B 137 -21.94 25.65 24.42
N PRO B 138 -21.40 26.42 23.47
CA PRO B 138 -22.10 27.63 23.04
C PRO B 138 -23.52 27.36 22.54
N ASN B 139 -23.79 26.16 22.04
CA ASN B 139 -25.14 25.73 21.70
C ASN B 139 -25.42 24.42 22.44
N PRO B 140 -26.40 24.38 23.34
CA PRO B 140 -26.68 23.13 24.07
C PRO B 140 -27.42 22.14 23.19
N PRO B 141 -27.39 20.86 23.53
CA PRO B 141 -28.12 19.86 22.75
C PRO B 141 -29.62 19.94 23.00
N LYS B 142 -30.38 19.58 21.96
CA LYS B 142 -31.83 19.61 22.03
C LYS B 142 -32.45 18.27 22.40
N THR B 143 -31.70 17.17 22.31
CA THR B 143 -32.22 15.85 22.60
C THR B 143 -31.33 15.11 23.58
N TRP B 144 -31.95 14.24 24.37
CA TRP B 144 -31.19 13.32 25.22
C TRP B 144 -30.27 12.44 24.38
N GLU B 145 -30.74 12.01 23.20
CA GLU B 145 -30.01 11.04 22.40
C GLU B 145 -28.64 11.56 21.96
N GLU B 146 -28.46 12.88 21.91
CA GLU B 146 -27.17 13.46 21.54
C GLU B 146 -26.12 13.37 22.63
N ILE B 147 -26.53 13.16 23.88
CA ILE B 147 -25.66 13.38 25.03
C ILE B 147 -24.55 12.34 25.07
N PRO B 148 -24.81 11.05 24.81
CA PRO B 148 -23.70 10.09 24.78
C PRO B 148 -22.53 10.54 23.93
N ALA B 149 -22.79 10.92 22.68
CA ALA B 149 -21.70 11.37 21.81
C ALA B 149 -21.05 12.63 22.36
N LEU B 150 -21.85 13.54 22.92
CA LEU B 150 -21.30 14.75 23.50
C LEU B 150 -20.36 14.44 24.65
N ASP B 151 -20.71 13.44 25.48
CA ASP B 151 -19.85 13.08 26.60
C ASP B 151 -18.54 12.46 26.12
N LYS B 152 -18.58 11.62 25.08
CA LYS B 152 -17.37 11.04 24.55
C LYS B 152 -16.39 12.12 24.12
N GLU B 153 -16.89 13.13 23.40
CA GLU B 153 -16.03 14.21 22.92
C GLU B 153 -15.50 15.06 24.06
N LEU B 154 -16.35 15.37 25.05
CA LEU B 154 -15.90 16.21 26.14
C LEU B 154 -14.89 15.50 27.03
N LYS B 155 -15.03 14.18 27.20
CA LYS B 155 -14.08 13.46 28.04
C LYS B 155 -12.71 13.37 27.38
N ALA B 156 -12.64 13.55 26.05
CA ALA B 156 -11.35 13.67 25.39
C ALA B 156 -10.60 14.93 25.82
N LYS B 157 -11.31 15.92 26.36
CA LYS B 157 -10.70 17.12 26.91
C LYS B 157 -10.86 17.22 28.42
N GLY B 158 -11.08 16.09 29.09
CA GLY B 158 -11.11 16.04 30.54
C GLY B 158 -12.41 16.49 31.17
N LYS B 159 -13.47 16.69 30.39
CA LYS B 159 -14.75 17.15 30.90
C LYS B 159 -15.79 16.05 30.74
N SER B 160 -17.00 16.32 31.25
CA SER B 160 -18.15 15.46 31.05
C SER B 160 -19.28 16.27 30.45
N ALA B 161 -20.26 15.57 29.89
CA ALA B 161 -21.39 16.26 29.26
C ALA B 161 -22.41 16.73 30.28
N LEU B 162 -22.78 15.86 31.22
CA LEU B 162 -23.95 16.11 32.05
C LEU B 162 -23.76 15.50 33.44
N MET B 163 -24.16 16.25 34.47
CA MET B 163 -24.19 15.75 35.83
C MET B 163 -25.38 16.36 36.56
N PHE B 164 -26.22 15.51 37.14
CA PHE B 164 -27.34 15.99 37.95
C PHE B 164 -27.68 14.95 38.99
N ASN B 165 -28.55 15.34 39.93
CA ASN B 165 -28.88 14.51 41.08
C ASN B 165 -29.64 13.26 40.63
N LEU B 166 -29.02 12.09 40.75
CA LEU B 166 -29.65 10.83 40.41
C LEU B 166 -30.23 10.11 41.63
N GLN B 167 -30.14 10.71 42.82
CA GLN B 167 -30.62 10.07 44.03
C GLN B 167 -32.10 10.31 44.29
N GLU B 168 -32.64 11.45 43.83
CA GLU B 168 -34.02 11.81 44.11
C GLU B 168 -34.84 11.77 42.84
N PRO B 169 -35.96 11.02 42.81
CA PRO B 169 -36.71 10.88 41.54
C PRO B 169 -37.29 12.18 41.02
N TYR B 170 -37.27 13.26 41.82
CA TYR B 170 -37.72 14.55 41.33
C TYR B 170 -36.90 15.03 40.14
N PHE B 171 -35.62 14.67 40.11
CA PHE B 171 -34.73 15.11 39.04
C PHE B 171 -34.70 14.14 37.86
N THR B 172 -34.97 12.86 38.11
CA THR B 172 -34.91 11.85 37.07
C THR B 172 -36.26 11.60 36.40
N TRP B 173 -37.36 11.99 37.04
CA TRP B 173 -38.68 11.75 36.46
C TRP B 173 -38.90 12.48 35.15
N PRO B 174 -38.38 13.69 34.92
CA PRO B 174 -38.66 14.37 33.64
C PRO B 174 -38.30 13.52 32.43
N LEU B 175 -37.24 12.72 32.53
CA LEU B 175 -36.89 11.80 31.46
C LEU B 175 -37.78 10.57 31.46
N ILE B 176 -38.14 10.08 32.64
CA ILE B 176 -38.95 8.86 32.73
C ILE B 176 -40.35 9.10 32.17
N ALA B 177 -40.88 10.30 32.31
CA ALA B 177 -42.23 10.61 31.83
C ALA B 177 -42.27 11.03 30.38
N ALA B 178 -41.13 11.34 29.76
CA ALA B 178 -41.10 11.89 28.41
C ALA B 178 -41.89 11.01 27.44
N ASP B 179 -41.62 9.71 27.43
CA ASP B 179 -42.19 8.82 26.43
C ASP B 179 -43.52 8.19 26.87
N GLY B 180 -44.06 8.57 28.03
CA GLY B 180 -45.37 8.08 28.41
C GLY B 180 -45.57 7.86 29.90
N GLY B 181 -44.49 7.95 30.68
CA GLY B 181 -44.62 7.73 32.11
C GLY B 181 -45.47 8.79 32.77
N TYR B 182 -46.18 8.38 33.83
CA TYR B 182 -46.98 9.30 34.62
C TYR B 182 -47.29 8.67 35.96
N ALA B 183 -47.55 9.52 36.95
CA ALA B 183 -47.89 9.05 38.28
C ALA B 183 -49.31 8.52 38.33
N PHE B 184 -50.29 9.42 38.25
CA PHE B 184 -51.70 9.05 38.28
C PHE B 184 -52.40 9.72 37.11
N LYS B 185 -53.18 8.94 36.36
CA LYS B 185 -53.85 9.49 35.20
C LYS B 185 -54.70 10.69 35.61
N TYR B 186 -54.51 11.81 34.89
CA TYR B 186 -55.12 13.08 35.25
C TYR B 186 -55.89 13.60 34.04
N GLU B 187 -57.23 13.56 34.13
CA GLU B 187 -58.11 13.99 33.06
C GLU B 187 -59.31 14.69 33.66
N ASN B 188 -59.78 15.72 32.97
CA ASN B 188 -60.95 16.48 33.41
C ASN B 188 -60.78 16.97 34.84
N GLY B 189 -59.55 17.35 35.19
CA GLY B 189 -59.29 17.91 36.50
C GLY B 189 -59.44 16.93 37.64
N LYS B 190 -59.28 15.63 37.40
CA LYS B 190 -59.32 14.63 38.46
C LYS B 190 -58.21 13.61 38.25
N TYR B 191 -57.65 13.15 39.37
CA TYR B 191 -56.63 12.11 39.38
C TYR B 191 -57.30 10.76 39.62
N ASP B 192 -56.99 9.78 38.76
CA ASP B 192 -57.45 8.41 38.94
C ASP B 192 -56.36 7.65 39.65
N ILE B 193 -56.49 7.51 40.99
CA ILE B 193 -55.45 6.86 41.78
C ILE B 193 -55.30 5.38 41.46
N LYS B 194 -56.21 4.81 40.67
CA LYS B 194 -56.12 3.42 40.27
C LYS B 194 -55.36 3.23 38.97
N ASP B 195 -55.14 4.30 38.21
CA ASP B 195 -54.47 4.25 36.92
C ASP B 195 -53.09 4.86 37.09
N VAL B 196 -52.08 4.02 37.23
CA VAL B 196 -50.71 4.45 37.50
C VAL B 196 -49.84 4.11 36.29
N GLY B 197 -48.98 5.04 35.91
CA GLY B 197 -48.17 4.88 34.70
C GLY B 197 -46.68 4.88 34.95
N VAL B 198 -46.21 4.08 35.91
CA VAL B 198 -44.77 3.86 36.09
C VAL B 198 -44.33 2.53 35.50
N ASP B 199 -45.26 1.68 35.08
CA ASP B 199 -44.99 0.35 34.56
C ASP B 199 -44.98 0.31 33.04
N ASN B 200 -45.43 1.37 32.37
CA ASN B 200 -45.74 1.31 30.96
C ASN B 200 -44.47 1.41 30.10
N ALA B 201 -44.66 1.27 28.79
CA ALA B 201 -43.52 1.26 27.87
C ALA B 201 -42.75 2.58 27.94
N GLY B 202 -43.46 3.69 28.06
CA GLY B 202 -42.78 4.98 28.10
C GLY B 202 -41.85 5.11 29.30
N ALA B 203 -42.35 4.75 30.49
CA ALA B 203 -41.52 4.84 31.68
C ALA B 203 -40.33 3.90 31.60
N LYS B 204 -40.54 2.69 31.07
CA LYS B 204 -39.43 1.77 30.87
C LYS B 204 -38.41 2.34 29.90
N ALA B 205 -38.88 2.95 28.81
CA ALA B 205 -37.96 3.52 27.83
C ALA B 205 -37.09 4.62 28.45
N GLY B 206 -37.70 5.48 29.27
CA GLY B 206 -36.94 6.56 29.88
C GLY B 206 -35.93 6.06 30.89
N LEU B 207 -36.36 5.16 31.79
CA LEU B 207 -35.45 4.64 32.80
C LEU B 207 -34.37 3.77 32.16
N THR B 208 -34.73 3.00 31.13
CA THR B 208 -33.73 2.25 30.39
C THR B 208 -32.64 3.18 29.85
N PHE B 209 -33.04 4.29 29.23
CA PHE B 209 -32.06 5.24 28.69
C PHE B 209 -31.20 5.81 29.80
N LEU B 210 -31.80 6.10 30.97
CA LEU B 210 -31.03 6.62 32.08
C LEU B 210 -29.98 5.61 32.53
N VAL B 211 -30.40 4.36 32.76
CA VAL B 211 -29.46 3.33 33.20
C VAL B 211 -28.40 3.08 32.13
N ASP B 212 -28.75 3.28 30.85
CA ASP B 212 -27.75 3.12 29.80
C ASP B 212 -26.64 4.14 29.93
N LEU B 213 -26.98 5.37 30.33
CA LEU B 213 -25.95 6.39 30.54
C LEU B 213 -24.99 5.98 31.64
N ILE B 214 -25.49 5.36 32.71
CA ILE B 214 -24.63 4.85 33.76
C ILE B 214 -23.88 3.62 33.27
N LYS B 215 -24.60 2.70 32.64
CA LYS B 215 -24.02 1.49 32.10
C LYS B 215 -22.81 1.79 31.23
N ASN B 216 -22.87 2.84 30.42
CA ASN B 216 -21.83 3.18 29.46
C ASN B 216 -20.82 4.18 30.00
N LYS B 217 -20.86 4.49 31.29
CA LYS B 217 -19.88 5.35 31.94
C LYS B 217 -20.02 6.82 31.57
N HIS B 218 -21.24 7.24 31.20
CA HIS B 218 -21.50 8.65 30.94
C HIS B 218 -21.92 9.41 32.19
N MET B 219 -22.52 8.71 33.16
CA MET B 219 -22.84 9.27 34.46
C MET B 219 -22.54 8.22 35.51
N ASN B 220 -22.49 8.65 36.76
CA ASN B 220 -22.24 7.79 37.90
C ASN B 220 -23.50 7.72 38.75
N ALA B 221 -23.93 6.50 39.07
CA ALA B 221 -25.17 6.32 39.82
C ALA B 221 -25.12 6.95 41.21
N ASP B 222 -23.93 7.28 41.70
CA ASP B 222 -23.78 7.85 43.03
C ASP B 222 -23.91 9.38 43.05
N THR B 223 -23.89 10.04 41.89
CA THR B 223 -23.98 11.49 41.84
C THR B 223 -25.25 11.96 42.55
N ASP B 224 -25.09 12.94 43.43
CA ASP B 224 -26.22 13.54 44.14
C ASP B 224 -26.22 15.06 43.89
N TYR B 225 -27.05 15.77 44.66
CA TYR B 225 -27.22 17.20 44.44
C TYR B 225 -25.91 17.95 44.62
N SER B 226 -25.22 17.70 45.74
CA SER B 226 -24.01 18.45 46.05
C SER B 226 -22.91 18.19 45.02
N ILE B 227 -22.73 16.93 44.63
CA ILE B 227 -21.68 16.60 43.67
C ILE B 227 -21.95 17.28 42.34
N ALA B 228 -23.18 17.18 41.83
CA ALA B 228 -23.50 17.75 40.53
C ALA B 228 -23.35 19.27 40.54
N GLU B 229 -23.81 19.93 41.59
CA GLU B 229 -23.69 21.38 41.67
C GLU B 229 -22.23 21.81 41.69
N ALA B 230 -21.41 21.14 42.52
CA ALA B 230 -20.00 21.48 42.59
C ALA B 230 -19.32 21.28 41.24
N ALA B 231 -19.64 20.18 40.55
CA ALA B 231 -19.01 19.89 39.28
C ALA B 231 -19.29 21.00 38.26
N PHE B 232 -20.56 21.38 38.12
CA PHE B 232 -20.92 22.35 37.10
C PHE B 232 -20.34 23.73 37.43
N ASN B 233 -20.51 24.18 38.67
CA ASN B 233 -20.03 25.50 39.05
C ASN B 233 -18.51 25.61 39.04
N LYS B 234 -17.81 24.49 38.99
CA LYS B 234 -16.35 24.49 38.87
C LYS B 234 -15.88 24.28 37.44
N GLY B 235 -16.80 24.17 36.47
CA GLY B 235 -16.43 24.03 35.09
C GLY B 235 -16.03 22.63 34.67
N GLU B 236 -16.36 21.62 35.48
CA GLU B 236 -15.94 20.25 35.20
C GLU B 236 -16.94 19.48 34.34
N THR B 237 -18.21 19.90 34.32
CA THR B 237 -19.21 19.28 33.47
C THR B 237 -19.92 20.38 32.68
N ALA B 238 -20.29 20.08 31.44
CA ALA B 238 -20.82 21.09 30.54
C ALA B 238 -22.29 21.41 30.81
N MET B 239 -23.02 20.52 31.48
CA MET B 239 -24.44 20.74 31.69
C MET B 239 -24.85 20.18 33.04
N THR B 240 -26.01 20.64 33.51
CA THR B 240 -26.66 20.08 34.69
C THR B 240 -28.16 20.33 34.55
N ILE B 241 -28.92 19.73 35.45
CA ILE B 241 -30.37 19.89 35.50
C ILE B 241 -30.73 20.38 36.89
N ASN B 242 -31.30 21.57 36.98
CA ASN B 242 -31.62 22.17 38.27
C ASN B 242 -32.64 23.28 38.07
N GLY B 243 -33.06 23.90 39.16
CA GLY B 243 -34.09 24.91 39.14
C GLY B 243 -33.58 26.30 39.47
N PRO B 244 -34.48 27.27 39.48
CA PRO B 244 -34.06 28.66 39.72
C PRO B 244 -33.39 28.88 41.06
N TRP B 245 -33.72 28.07 42.08
CA TRP B 245 -33.08 28.19 43.38
C TRP B 245 -31.56 28.06 43.29
N ALA B 246 -31.04 27.45 42.22
CA ALA B 246 -29.61 27.22 42.07
C ALA B 246 -28.89 28.35 41.35
N TRP B 247 -29.62 29.29 40.74
CA TRP B 247 -28.99 30.29 39.90
C TRP B 247 -27.97 31.12 40.66
N SER B 248 -28.32 31.57 41.88
CA SER B 248 -27.45 32.49 42.60
C SER B 248 -26.07 31.88 42.85
N ASN B 249 -26.02 30.58 43.16
CA ASN B 249 -24.74 29.93 43.37
C ASN B 249 -23.93 29.87 42.07
N ILE B 250 -24.59 29.77 40.93
CA ILE B 250 -23.86 29.80 39.66
C ILE B 250 -23.39 31.22 39.37
N ASP B 251 -24.21 32.22 39.71
CA ASP B 251 -23.80 33.61 39.54
C ASP B 251 -22.49 33.89 40.27
N THR B 252 -22.37 33.40 41.51
CA THR B 252 -21.16 33.65 42.29
C THR B 252 -19.98 32.84 41.76
N SER B 253 -20.24 31.67 41.18
CA SER B 253 -19.16 30.87 40.60
C SER B 253 -18.61 31.49 39.32
N LYS B 254 -19.35 32.41 38.71
CA LYS B 254 -18.93 33.17 37.54
C LYS B 254 -18.88 32.32 36.26
N VAL B 255 -19.36 31.08 36.31
CA VAL B 255 -19.50 30.30 35.09
C VAL B 255 -20.42 31.05 34.14
N ASN B 256 -19.99 31.21 32.90
CA ASN B 256 -20.80 31.85 31.86
C ASN B 256 -21.85 30.84 31.43
N TYR B 257 -23.01 30.89 32.07
CA TYR B 257 -24.02 29.85 31.92
C TYR B 257 -25.29 30.38 31.26
N GLY B 258 -26.06 29.43 30.71
CA GLY B 258 -27.38 29.74 30.21
C GLY B 258 -28.36 28.69 30.69
N VAL B 259 -29.65 29.02 30.57
CA VAL B 259 -30.74 28.14 30.97
C VAL B 259 -31.69 28.01 29.79
N THR B 260 -32.14 26.78 29.51
CA THR B 260 -32.93 26.53 28.32
C THR B 260 -33.84 25.34 28.54
N VAL B 261 -34.68 25.06 27.53
CA VAL B 261 -35.61 23.94 27.61
C VAL B 261 -34.84 22.63 27.78
N LEU B 262 -35.44 21.70 28.53
CA LEU B 262 -34.85 20.40 28.72
C LEU B 262 -34.78 19.65 27.39
N PRO B 263 -33.90 18.66 27.27
CA PRO B 263 -33.83 17.89 26.03
C PRO B 263 -35.06 17.03 25.84
N THR B 264 -35.34 16.69 24.58
CA THR B 264 -36.40 15.75 24.26
C THR B 264 -35.88 14.32 24.36
N PHE B 265 -36.80 13.39 24.59
CA PHE B 265 -36.52 11.97 24.53
C PHE B 265 -37.50 11.31 23.59
N LYS B 266 -36.98 10.61 22.59
CA LYS B 266 -37.81 10.01 21.54
C LYS B 266 -38.74 11.07 20.93
N GLY B 267 -38.18 12.25 20.69
CA GLY B 267 -38.92 13.33 20.07
C GLY B 267 -39.92 14.03 20.97
N GLN B 268 -40.07 13.59 22.22
CA GLN B 268 -41.04 14.16 23.13
C GLN B 268 -40.36 14.93 24.26
N PRO B 269 -40.97 16.01 24.73
CA PRO B 269 -40.31 16.84 25.74
C PRO B 269 -40.17 16.13 27.08
N SER B 270 -39.10 16.47 27.79
CA SER B 270 -38.97 16.07 29.19
C SER B 270 -40.04 16.78 30.00
N LYS B 271 -40.62 16.08 30.98
CA LYS B 271 -41.80 16.54 31.71
C LYS B 271 -41.47 16.69 33.19
N PRO B 272 -40.90 17.82 33.59
CA PRO B 272 -40.66 18.05 35.02
C PRO B 272 -41.94 18.37 35.75
N PHE B 273 -41.97 18.06 37.04
CA PHE B 273 -43.10 18.42 37.87
C PHE B 273 -43.03 19.91 38.20
N VAL B 274 -44.20 20.55 38.18
CA VAL B 274 -44.30 22.00 38.30
C VAL B 274 -44.78 22.34 39.71
N GLY B 275 -44.12 23.32 40.35
CA GLY B 275 -44.57 23.87 41.62
C GLY B 275 -45.08 25.28 41.43
N VAL B 276 -46.24 25.56 42.01
CA VAL B 276 -46.96 26.80 41.80
C VAL B 276 -47.16 27.48 43.15
N LEU B 277 -46.40 28.55 43.40
CA LEU B 277 -46.69 29.42 44.53
C LEU B 277 -48.11 29.94 44.38
N SER B 278 -48.94 29.68 45.40
CA SER B 278 -50.37 29.99 45.33
C SER B 278 -50.81 30.69 46.61
N ALA B 279 -51.91 31.43 46.50
CA ALA B 279 -52.46 32.20 47.62
C ALA B 279 -53.87 31.71 47.91
N GLY B 280 -54.06 31.10 49.08
CA GLY B 280 -55.35 30.60 49.50
C GLY B 280 -55.99 31.51 50.53
N ILE B 281 -57.32 31.55 50.52
CA ILE B 281 -58.10 32.36 51.44
C ILE B 281 -58.60 31.48 52.57
N ASN B 282 -58.33 31.89 53.81
CA ASN B 282 -58.75 31.13 54.97
C ASN B 282 -60.28 30.98 54.98
N ALA B 283 -60.73 29.76 55.26
CA ALA B 283 -62.17 29.49 55.31
C ALA B 283 -62.85 30.17 56.49
N ALA B 284 -62.09 30.55 57.52
CA ALA B 284 -62.63 31.21 58.70
C ALA B 284 -62.47 32.72 58.65
N SER B 285 -62.19 33.28 57.47
CA SER B 285 -61.98 34.72 57.37
C SER B 285 -63.30 35.44 57.11
N PRO B 286 -63.61 36.50 57.85
CA PRO B 286 -64.78 37.32 57.53
C PRO B 286 -64.54 38.37 56.46
N ASN B 287 -63.40 38.31 55.76
CA ASN B 287 -63.01 39.32 54.79
C ASN B 287 -62.77 38.67 53.43
N LYS B 288 -63.55 37.65 53.09
CA LYS B 288 -63.31 36.91 51.86
C LYS B 288 -63.43 37.82 50.63
N GLU B 289 -64.37 38.76 50.65
CA GLU B 289 -64.53 39.64 49.51
C GLU B 289 -63.43 40.69 49.45
N LEU B 290 -62.90 41.10 50.61
CA LEU B 290 -61.75 42.00 50.62
C LEU B 290 -60.49 41.26 50.18
N ALA B 291 -60.30 40.03 50.64
CA ALA B 291 -59.17 39.23 50.17
C ALA B 291 -59.23 39.02 48.67
N LYS B 292 -60.43 38.90 48.11
CA LYS B 292 -60.57 38.74 46.67
C LYS B 292 -60.16 40.02 45.95
N GLU B 293 -60.64 41.17 46.42
CA GLU B 293 -60.31 42.44 45.77
C GLU B 293 -58.82 42.71 45.81
N PHE B 294 -58.16 42.40 46.92
CA PHE B 294 -56.73 42.63 47.03
C PHE B 294 -55.95 41.71 46.08
N LEU B 295 -56.28 40.42 46.08
CA LEU B 295 -55.54 39.48 45.26
C LEU B 295 -55.79 39.71 43.77
N GLU B 296 -57.05 39.98 43.41
CA GLU B 296 -57.40 40.06 41.98
C GLU B 296 -57.07 41.41 41.37
N ASN B 297 -57.23 42.50 42.14
CA ASN B 297 -57.14 43.84 41.58
C ASN B 297 -55.94 44.63 42.07
N TYR B 298 -55.13 44.07 42.98
CA TYR B 298 -53.95 44.78 43.46
C TYR B 298 -52.69 43.93 43.32
N LEU B 299 -52.73 42.69 43.80
CA LEU B 299 -51.54 41.85 43.77
C LEU B 299 -51.29 41.28 42.38
N LEU B 300 -52.28 40.58 41.83
CA LEU B 300 -52.13 39.96 40.51
C LEU B 300 -52.29 41.02 39.41
N THR B 301 -51.37 41.98 39.44
CA THR B 301 -51.28 43.03 38.44
C THR B 301 -49.81 43.29 38.16
N ASP B 302 -49.54 43.97 37.05
CA ASP B 302 -48.16 44.27 36.68
C ASP B 302 -47.46 45.07 37.79
N GLU B 303 -48.14 46.09 38.31
CA GLU B 303 -47.52 46.89 39.37
C GLU B 303 -47.46 46.14 40.70
N GLY B 304 -48.39 45.21 40.93
CA GLY B 304 -48.39 44.43 42.16
C GLY B 304 -47.28 43.42 42.21
N LEU B 305 -47.22 42.53 41.22
CA LEU B 305 -46.15 41.55 41.17
C LEU B 305 -44.78 42.22 41.06
N GLU B 306 -44.70 43.35 40.36
CA GLU B 306 -43.42 44.05 40.24
C GLU B 306 -42.92 44.50 41.61
N ALA B 307 -43.82 45.00 42.46
CA ALA B 307 -43.41 45.42 43.79
C ALA B 307 -42.80 44.26 44.56
N VAL B 308 -43.46 43.11 44.55
CA VAL B 308 -42.90 41.92 45.19
C VAL B 308 -41.63 41.49 44.49
N ASN B 309 -41.63 41.52 43.16
CA ASN B 309 -40.51 40.98 42.39
C ASN B 309 -39.24 41.80 42.58
N LYS B 310 -39.38 43.11 42.80
CA LYS B 310 -38.19 43.93 43.06
C LYS B 310 -37.58 43.61 44.41
N ASP B 311 -38.40 43.26 45.40
CA ASP B 311 -37.88 42.87 46.71
C ASP B 311 -37.10 41.56 46.60
N LYS B 312 -37.77 40.49 46.19
CA LYS B 312 -37.12 39.21 45.94
C LYS B 312 -37.78 38.62 44.69
N PRO B 313 -36.99 38.08 43.76
CA PRO B 313 -37.55 37.65 42.48
C PRO B 313 -38.56 36.52 42.65
N LEU B 314 -39.67 36.63 41.92
CA LEU B 314 -40.65 35.56 41.87
C LEU B 314 -40.32 34.50 40.83
N GLY B 315 -39.37 34.75 39.94
CA GLY B 315 -39.09 33.86 38.83
C GLY B 315 -40.12 34.05 37.73
N ALA B 316 -40.65 32.95 37.20
CA ALA B 316 -41.74 33.02 36.24
C ALA B 316 -43.07 33.17 36.97
N VAL B 317 -43.92 34.07 36.45
CA VAL B 317 -45.19 34.39 37.10
C VAL B 317 -46.34 33.87 36.26
N ALA B 318 -47.46 33.63 36.94
CA ALA B 318 -48.67 33.14 36.27
C ALA B 318 -49.40 34.23 35.51
N LEU B 319 -49.14 35.50 35.81
CA LEU B 319 -49.82 36.61 35.14
C LEU B 319 -49.17 36.85 33.78
N LYS B 320 -49.93 36.64 32.71
CA LYS B 320 -49.36 36.68 31.36
C LYS B 320 -48.75 38.05 31.07
N SER B 321 -49.48 39.12 31.40
CA SER B 321 -49.03 40.46 31.03
C SER B 321 -47.66 40.78 31.63
N TYR B 322 -47.38 40.30 32.83
CA TYR B 322 -46.10 40.58 33.47
C TYR B 322 -45.02 39.56 33.11
N GLU B 323 -45.39 38.31 32.86
CA GLU B 323 -44.43 37.32 32.39
C GLU B 323 -43.85 37.74 31.04
N GLU B 324 -44.67 38.34 30.18
CA GLU B 324 -44.19 38.82 28.89
C GLU B 324 -43.05 39.83 29.04
N GLU B 325 -42.95 40.48 30.20
CA GLU B 325 -41.83 41.36 30.51
C GLU B 325 -40.68 40.59 31.15
N LEU B 326 -40.99 39.73 32.13
CA LEU B 326 -39.94 38.96 32.80
C LEU B 326 -39.27 37.99 31.83
N ALA B 327 -40.04 37.36 30.95
CA ALA B 327 -39.49 36.38 30.03
C ALA B 327 -38.47 36.96 29.07
N LYS B 328 -38.31 38.29 29.03
CA LYS B 328 -37.19 38.86 28.30
C LYS B 328 -35.87 38.27 28.77
N ASP B 329 -35.79 37.91 30.04
CA ASP B 329 -34.69 37.12 30.57
C ASP B 329 -34.81 35.70 30.02
N PRO B 330 -33.89 35.22 29.18
CA PRO B 330 -34.04 33.86 28.65
C PRO B 330 -34.17 32.80 29.72
N ARG B 331 -33.56 33.01 30.89
CA ARG B 331 -33.67 32.02 31.97
C ARG B 331 -35.12 31.91 32.45
N ILE B 332 -35.79 33.04 32.60
CA ILE B 332 -37.20 33.02 33.04
C ILE B 332 -38.06 32.37 31.97
N ALA B 333 -37.85 32.73 30.71
CA ALA B 333 -38.59 32.09 29.62
C ALA B 333 -38.39 30.58 29.63
N ALA B 334 -37.18 30.13 29.96
CA ALA B 334 -36.90 28.70 30.00
C ALA B 334 -37.70 28.02 31.11
N THR B 335 -37.79 28.64 32.28
CA THR B 335 -38.56 28.06 33.37
C THR B 335 -40.01 27.85 32.96
N MET B 336 -40.61 28.87 32.34
CA MET B 336 -42.01 28.77 31.94
C MET B 336 -42.19 27.69 30.86
N GLU B 337 -41.31 27.67 29.86
CA GLU B 337 -41.43 26.68 28.81
C GLU B 337 -41.40 25.26 29.38
N ASN B 338 -40.38 24.96 30.19
CA ASN B 338 -40.31 23.65 30.84
C ASN B 338 -41.51 23.41 31.74
N ALA B 339 -42.01 24.46 32.39
CA ALA B 339 -43.19 24.32 33.24
C ALA B 339 -44.41 23.94 32.42
N GLN B 340 -44.64 24.65 31.31
CA GLN B 340 -45.80 24.36 30.48
C GLN B 340 -45.72 22.97 29.86
N LYS B 341 -44.52 22.49 29.58
CA LYS B 341 -44.35 21.18 28.97
C LYS B 341 -44.38 20.05 29.99
N GLY B 342 -44.21 20.35 31.27
CA GLY B 342 -44.28 19.36 32.32
C GLY B 342 -45.70 19.14 32.79
N GLU B 343 -45.82 18.51 33.95
CA GLU B 343 -47.10 18.26 34.59
C GLU B 343 -47.10 18.90 35.98
N ILE B 344 -48.29 19.34 36.40
CA ILE B 344 -48.43 19.88 37.75
C ILE B 344 -48.10 18.79 38.76
N MET B 345 -47.44 19.17 39.84
CA MET B 345 -47.23 18.24 40.95
C MET B 345 -48.58 17.91 41.56
N PRO B 346 -49.00 16.64 41.57
CA PRO B 346 -50.29 16.32 42.17
C PRO B 346 -50.35 16.72 43.64
N ASN B 347 -51.53 17.16 44.07
CA ASN B 347 -51.74 17.61 45.44
C ASN B 347 -52.56 16.59 46.25
N ILE B 348 -52.39 15.31 45.95
CA ILE B 348 -53.17 14.26 46.60
C ILE B 348 -52.27 13.47 47.55
N PRO B 349 -52.83 12.73 48.51
CA PRO B 349 -51.98 12.02 49.49
C PRO B 349 -51.22 10.85 48.88
N GLN B 350 -51.77 10.20 47.86
CA GLN B 350 -51.14 9.00 47.31
C GLN B 350 -49.77 9.26 46.70
N MET B 351 -49.33 10.53 46.64
CA MET B 351 -48.03 10.82 46.06
C MET B 351 -46.88 10.38 46.96
N SER B 352 -47.11 10.29 48.27
CA SER B 352 -46.02 9.89 49.17
C SER B 352 -45.58 8.46 48.91
N ALA B 353 -46.54 7.55 48.73
CA ALA B 353 -46.18 6.17 48.41
C ALA B 353 -45.58 6.06 47.02
N PHE B 354 -46.07 6.89 46.09
CA PHE B 354 -45.49 6.93 44.75
C PHE B 354 -44.02 7.32 44.80
N TRP B 355 -43.71 8.37 45.56
CA TRP B 355 -42.33 8.86 45.57
C TRP B 355 -41.38 7.83 46.20
N TYR B 356 -41.79 7.22 47.31
CA TYR B 356 -40.95 6.18 47.90
C TYR B 356 -40.76 5.02 46.94
N ALA B 357 -41.84 4.59 46.28
CA ALA B 357 -41.75 3.46 45.36
C ALA B 357 -40.81 3.76 44.20
N VAL B 358 -40.95 4.95 43.61
CA VAL B 358 -40.12 5.31 42.45
C VAL B 358 -38.69 5.58 42.87
N ARG B 359 -38.51 6.26 44.02
CA ARG B 359 -37.16 6.51 44.52
C ARG B 359 -36.39 5.20 44.65
N THR B 360 -37.02 4.18 45.23
CA THR B 360 -36.38 2.88 45.38
C THR B 360 -36.12 2.24 44.01
N ALA B 361 -37.06 2.39 43.08
CA ALA B 361 -36.91 1.76 41.77
C ALA B 361 -35.71 2.32 41.03
N VAL B 362 -35.57 3.65 41.00
CA VAL B 362 -34.48 4.26 40.25
C VAL B 362 -33.13 3.89 40.86
N ILE B 363 -33.03 3.90 42.20
CA ILE B 363 -31.78 3.57 42.85
C ILE B 363 -31.41 2.11 42.58
N ASN B 364 -32.40 1.21 42.62
CA ASN B 364 -32.12 -0.20 42.38
C ASN B 364 -31.72 -0.46 40.94
N ALA B 365 -32.36 0.24 40.00
CA ALA B 365 -32.02 0.05 38.59
C ALA B 365 -30.67 0.67 38.27
N ALA B 366 -30.39 1.87 38.81
CA ALA B 366 -29.13 2.55 38.51
C ALA B 366 -27.94 1.79 39.08
N SER B 367 -28.13 1.06 40.18
CA SER B 367 -27.06 0.31 40.80
C SER B 367 -26.97 -1.13 40.28
N GLY B 368 -27.93 -1.57 39.49
CA GLY B 368 -27.95 -2.93 38.98
C GLY B 368 -28.56 -3.95 39.91
N ARG B 369 -29.03 -3.54 41.10
CA ARG B 369 -29.64 -4.50 42.02
C ARG B 369 -30.92 -5.09 41.44
N GLN B 370 -31.62 -4.33 40.60
CA GLN B 370 -32.78 -4.83 39.86
C GLN B 370 -32.68 -4.38 38.41
N THR B 371 -33.26 -5.17 37.51
CA THR B 371 -33.45 -4.71 36.15
C THR B 371 -34.51 -3.60 36.12
N VAL B 372 -34.47 -2.81 35.04
CA VAL B 372 -35.46 -1.76 34.86
C VAL B 372 -36.87 -2.34 34.99
N ASP B 373 -37.12 -3.47 34.32
CA ASP B 373 -38.45 -4.06 34.33
C ASP B 373 -38.84 -4.53 35.73
N GLU B 374 -37.91 -5.15 36.44
CA GLU B 374 -38.19 -5.58 37.81
C GLU B 374 -38.45 -4.39 38.72
N ALA B 375 -37.60 -3.36 38.63
CA ALA B 375 -37.72 -2.21 39.51
C ALA B 375 -39.05 -1.51 39.34
N LEU B 376 -39.48 -1.30 38.09
CA LEU B 376 -40.74 -0.62 37.84
C LEU B 376 -41.94 -1.51 38.12
N LYS B 377 -41.80 -2.82 37.85
CA LYS B 377 -42.85 -3.77 38.22
C LYS B 377 -43.19 -3.64 39.71
N ASP B 378 -42.17 -3.43 40.55
CA ASP B 378 -42.41 -3.26 41.98
C ASP B 378 -42.92 -1.86 42.29
N ALA B 379 -42.42 -0.83 41.60
CA ALA B 379 -42.86 0.53 41.85
C ALA B 379 -44.34 0.70 41.48
N GLN B 380 -44.75 0.07 40.38
CA GLN B 380 -46.16 0.11 39.99
C GLN B 380 -47.05 -0.37 41.13
N THR B 381 -46.69 -1.52 41.73
CA THR B 381 -47.46 -2.03 42.85
C THR B 381 -47.32 -1.12 44.07
N GLY B 382 -46.09 -0.69 44.38
CA GLY B 382 -45.89 0.14 45.54
C GLY B 382 -46.64 1.46 45.49
N SER B 383 -46.90 1.96 44.28
CA SER B 383 -47.63 3.21 44.11
C SER B 383 -49.14 3.02 44.19
N GLY B 384 -49.63 1.81 44.41
CA GLY B 384 -51.05 1.54 44.42
C GLY B 384 -51.64 1.21 43.07
N GLY B 385 -50.82 0.95 42.06
CA GLY B 385 -51.30 0.63 40.73
C GLY B 385 -51.34 -0.87 40.48
N THR B 386 -51.80 -1.22 39.28
CA THR B 386 -51.85 -2.60 38.83
C THR B 386 -50.78 -2.86 37.78
N PRO B 387 -50.15 -4.03 37.80
CA PRO B 387 -49.09 -4.33 36.83
C PRO B 387 -49.69 -4.76 35.49
N GLY B 388 -48.80 -5.00 34.53
CA GLY B 388 -49.20 -5.47 33.21
C GLY B 388 -48.72 -6.87 32.92
N SER C 4 24.43 18.92 -36.22
CA SER C 4 25.66 18.83 -37.01
C SER C 4 26.82 19.48 -36.27
N HIS C 5 26.51 20.22 -35.20
CA HIS C 5 27.54 20.97 -34.50
C HIS C 5 28.47 20.06 -33.71
N HIS C 6 27.99 18.89 -33.28
CA HIS C 6 28.77 17.99 -32.45
C HIS C 6 29.36 16.82 -33.22
N HIS C 7 29.22 16.82 -34.55
CA HIS C 7 29.85 15.82 -35.41
C HIS C 7 31.12 16.45 -35.98
N HIS C 8 32.26 16.09 -35.41
CA HIS C 8 33.55 16.65 -35.80
C HIS C 8 34.18 15.80 -36.89
N HIS C 9 34.74 16.46 -37.91
CA HIS C 9 35.11 15.76 -39.13
C HIS C 9 36.35 16.32 -39.80
N HIS C 10 37.24 16.94 -39.04
CA HIS C 10 38.47 17.50 -39.59
C HIS C 10 39.67 16.76 -39.03
N GLY C 11 40.52 16.25 -39.94
CA GLY C 11 41.75 15.60 -39.56
C GLY C 11 42.95 16.52 -39.73
N SER C 12 44.02 16.19 -39.02
CA SER C 12 45.27 16.94 -39.09
C SER C 12 46.37 16.11 -38.45
N ASP C 13 47.62 16.41 -38.83
CA ASP C 13 48.75 15.63 -38.34
C ASP C 13 48.84 15.69 -36.83
N LEU C 14 48.87 16.90 -36.26
CA LEU C 14 48.94 17.01 -34.79
C LEU C 14 47.66 16.51 -34.14
N GLY C 15 46.53 16.61 -34.83
CA GLY C 15 45.29 16.08 -34.29
C GLY C 15 45.34 14.57 -34.11
N ARG C 16 45.92 13.86 -35.07
CA ARG C 16 46.06 12.41 -34.95
C ARG C 16 47.03 12.05 -33.83
N LYS C 17 48.08 12.84 -33.62
CA LYS C 17 48.96 12.61 -32.48
C LYS C 17 48.24 12.87 -31.17
N LEU C 18 47.42 13.92 -31.12
CA LEU C 18 46.66 14.22 -29.91
C LEU C 18 45.70 13.11 -29.57
N LEU C 19 45.03 12.55 -30.58
CA LEU C 19 44.15 11.40 -30.35
C LEU C 19 44.91 10.26 -29.68
N GLU C 20 46.10 9.94 -30.19
CA GLU C 20 46.88 8.86 -29.62
C GLU C 20 47.35 9.21 -28.20
N ALA C 21 47.83 10.43 -27.99
CA ALA C 21 48.27 10.82 -26.66
C ALA C 21 47.13 10.76 -25.66
N ALA C 22 45.92 11.17 -26.10
CA ALA C 22 44.77 11.14 -25.20
C ALA C 22 44.40 9.71 -24.80
N ARG C 23 44.37 8.80 -25.79
CA ARG C 23 44.04 7.41 -25.48
C ARG C 23 45.07 6.80 -24.53
N ALA C 24 46.35 7.07 -24.76
CA ALA C 24 47.42 6.43 -24.01
C ALA C 24 47.67 7.08 -22.65
N GLY C 25 47.03 8.20 -22.34
CA GLY C 25 47.20 8.83 -21.05
C GLY C 25 48.51 9.58 -20.88
N GLN C 26 49.07 10.09 -21.97
CA GLN C 26 50.35 10.80 -21.93
C GLN C 26 50.07 12.28 -21.71
N ASP C 27 50.00 12.66 -20.42
CA ASP C 27 49.64 14.02 -20.06
C ASP C 27 50.59 15.03 -20.71
N ASP C 28 51.89 14.80 -20.64
CA ASP C 28 52.85 15.76 -21.17
C ASP C 28 52.72 15.91 -22.68
N GLU C 29 52.60 14.80 -23.40
CA GLU C 29 52.41 14.88 -24.85
C GLU C 29 51.17 15.71 -25.18
N VAL C 30 50.08 15.51 -24.45
CA VAL C 30 48.89 16.32 -24.67
C VAL C 30 49.23 17.79 -24.52
N ARG C 31 49.85 18.17 -23.40
CA ARG C 31 50.17 19.56 -23.16
C ARG C 31 51.04 20.14 -24.27
N ILE C 32 52.02 19.35 -24.75
CA ILE C 32 52.92 19.85 -25.79
C ILE C 32 52.19 20.02 -27.11
N LEU C 33 51.40 19.00 -27.50
CA LEU C 33 50.69 19.08 -28.77
C LEU C 33 49.75 20.27 -28.81
N MET C 34 49.09 20.55 -27.69
CA MET C 34 48.15 21.68 -27.63
CA MET C 34 48.15 21.67 -27.68
C MET C 34 48.88 23.00 -27.74
N ALA C 35 50.04 23.12 -27.09
CA ALA C 35 50.82 24.35 -27.16
C ALA C 35 51.38 24.57 -28.56
N ASN C 36 51.59 23.50 -29.32
CA ASN C 36 52.05 23.58 -30.70
C ASN C 36 50.90 23.64 -31.69
N GLY C 37 49.67 23.87 -31.23
CA GLY C 37 48.55 24.15 -32.11
C GLY C 37 47.65 22.99 -32.46
N ALA C 38 47.74 21.86 -31.75
CA ALA C 38 46.92 20.71 -32.09
C ALA C 38 45.44 21.04 -31.91
N ASP C 39 44.63 20.52 -32.83
CA ASP C 39 43.19 20.78 -32.81
C ASP C 39 42.52 19.97 -31.70
N VAL C 40 41.98 20.66 -30.70
CA VAL C 40 41.42 19.99 -29.53
C VAL C 40 40.25 19.09 -29.90
N ASN C 41 39.57 19.39 -31.01
CA ASN C 41 38.42 18.62 -31.47
C ASN C 41 38.76 17.78 -32.71
N ALA C 42 40.03 17.43 -32.88
CA ALA C 42 40.43 16.59 -34.00
C ALA C 42 39.63 15.29 -33.99
N ALA C 43 39.36 14.75 -35.18
CA ALA C 43 38.50 13.59 -35.32
C ALA C 43 39.14 12.56 -36.23
N ASP C 44 38.80 11.29 -35.98
CA ASP C 44 39.14 10.20 -36.88
C ASP C 44 37.90 9.82 -37.68
N ASN C 45 37.97 8.68 -38.38
CA ASN C 45 36.91 8.29 -39.30
C ASN C 45 35.67 7.76 -38.60
N THR C 46 35.66 7.70 -37.27
CA THR C 46 34.45 7.37 -36.51
C THR C 46 33.90 8.58 -35.78
N GLY C 47 34.38 9.78 -36.08
CA GLY C 47 33.94 10.96 -35.36
C GLY C 47 34.45 11.03 -33.94
N THR C 48 35.43 10.21 -33.57
CA THR C 48 35.97 10.19 -32.22
C THR C 48 36.96 11.32 -32.03
N THR C 49 36.85 12.00 -30.89
CA THR C 49 37.71 13.11 -30.51
C THR C 49 38.61 12.72 -29.34
N PRO C 50 39.66 13.48 -29.08
CA PRO C 50 40.52 13.17 -27.92
C PRO C 50 39.74 13.05 -26.63
N LEU C 51 38.68 13.84 -26.45
CA LEU C 51 37.90 13.75 -25.22
C LEU C 51 37.17 12.41 -25.11
N HIS C 52 36.63 11.91 -26.23
CA HIS C 52 36.09 10.55 -26.22
C HIS C 52 37.11 9.57 -25.67
N LEU C 53 38.34 9.62 -26.19
CA LEU C 53 39.34 8.62 -25.85
C LEU C 53 39.81 8.76 -24.40
N ALA C 54 40.08 9.99 -23.96
CA ALA C 54 40.50 10.18 -22.59
C ALA C 54 39.38 9.80 -21.61
N ALA C 55 38.12 10.00 -22.01
CA ALA C 55 37.01 9.75 -21.11
C ALA C 55 36.80 8.26 -20.86
N TYR C 56 36.88 7.44 -21.92
CA TYR C 56 36.68 6.01 -21.73
C TYR C 56 37.92 5.34 -21.17
N SER C 57 39.11 5.91 -21.39
CA SER C 57 40.34 5.36 -20.89
C SER C 57 40.62 5.75 -19.44
N GLY C 58 39.80 6.62 -18.85
CA GLY C 58 39.95 6.97 -17.46
C GLY C 58 41.07 7.94 -17.14
N HIS C 59 41.43 8.82 -18.08
CA HIS C 59 42.51 9.78 -17.88
C HIS C 59 41.90 11.11 -17.46
N LEU C 60 41.69 11.26 -16.15
CA LEU C 60 40.98 12.43 -15.63
C LEU C 60 41.69 13.73 -15.98
N GLU C 61 43.00 13.77 -15.73
CA GLU C 61 43.74 15.01 -15.92
C GLU C 61 43.69 15.46 -17.37
N ILE C 62 43.79 14.52 -18.31
CA ILE C 62 43.70 14.86 -19.72
C ILE C 62 42.30 15.35 -20.07
N VAL C 63 41.27 14.74 -19.49
CA VAL C 63 39.91 15.21 -19.72
C VAL C 63 39.80 16.67 -19.32
N GLU C 64 40.36 17.03 -18.16
CA GLU C 64 40.28 18.41 -17.69
C GLU C 64 41.09 19.35 -18.58
N VAL C 65 42.29 18.92 -19.00
CA VAL C 65 43.11 19.75 -19.89
C VAL C 65 42.36 20.03 -21.19
N LEU C 66 41.84 18.97 -21.81
CA LEU C 66 41.14 19.14 -23.09
C LEU C 66 39.97 20.10 -22.95
N LEU C 67 39.17 19.96 -21.89
CA LEU C 67 38.04 20.85 -21.70
C LEU C 67 38.49 22.28 -21.47
N LYS C 68 39.59 22.47 -20.74
CA LYS C 68 40.10 23.81 -20.52
C LYS C 68 40.48 24.49 -21.83
N HIS C 69 40.83 23.70 -22.85
CA HIS C 69 41.25 24.23 -24.15
C HIS C 69 40.12 24.21 -25.18
N GLY C 70 38.88 24.07 -24.75
CA GLY C 70 37.74 24.20 -25.64
C GLY C 70 37.22 22.93 -26.26
N ALA C 71 37.59 21.77 -25.74
CA ALA C 71 37.06 20.51 -26.28
C ALA C 71 35.54 20.49 -26.18
N ASP C 72 34.90 20.00 -27.24
CA ASP C 72 33.45 19.89 -27.27
C ASP C 72 32.99 18.79 -26.33
N VAL C 73 32.42 19.20 -25.18
CA VAL C 73 32.01 18.24 -24.16
C VAL C 73 30.93 17.30 -24.68
N ASP C 74 30.17 17.70 -25.70
CA ASP C 74 29.10 16.89 -26.25
C ASP C 74 29.42 16.34 -27.64
N ALA C 75 30.70 16.22 -27.98
CA ALA C 75 31.08 15.61 -29.25
C ALA C 75 30.45 14.24 -29.39
N SER C 76 29.86 13.96 -30.54
CA SER C 76 29.14 12.73 -30.81
C SER C 76 29.84 11.97 -31.93
N ASP C 77 30.20 10.71 -31.67
CA ASP C 77 30.83 9.91 -32.71
C ASP C 77 29.75 9.36 -33.65
N VAL C 78 30.18 8.58 -34.65
CA VAL C 78 29.24 8.13 -35.67
C VAL C 78 28.16 7.23 -35.11
N PHE C 79 28.38 6.63 -33.93
CA PHE C 79 27.38 5.80 -33.30
C PHE C 79 26.45 6.58 -32.37
N GLY C 80 26.74 7.86 -32.14
CA GLY C 80 25.94 8.66 -31.24
C GLY C 80 26.47 8.72 -29.83
N TYR C 81 27.66 8.19 -29.57
CA TYR C 81 28.25 8.23 -28.25
C TYR C 81 28.94 9.57 -27.99
N THR C 82 28.69 10.13 -26.82
CA THR C 82 29.43 11.27 -26.30
C THR C 82 30.46 10.79 -25.31
N PRO C 83 31.41 11.64 -24.92
CA PRO C 83 32.34 11.25 -23.86
C PRO C 83 31.64 10.77 -22.61
N LEU C 84 30.45 11.31 -22.30
CA LEU C 84 29.74 10.93 -21.09
C LEU C 84 29.18 9.51 -21.20
N HIS C 85 28.69 9.11 -22.37
CA HIS C 85 28.34 7.71 -22.59
C HIS C 85 29.50 6.81 -22.18
N LEU C 86 30.68 7.10 -22.71
CA LEU C 86 31.83 6.23 -22.51
C LEU C 86 32.31 6.26 -21.07
N ALA C 87 32.30 7.43 -20.44
CA ALA C 87 32.73 7.52 -19.06
C ALA C 87 31.79 6.72 -18.15
N ALA C 88 30.49 6.82 -18.38
CA ALA C 88 29.52 6.06 -17.59
C ALA C 88 29.67 4.57 -17.85
N TYR C 89 29.81 4.18 -19.12
CA TYR C 89 29.95 2.77 -19.44
C TYR C 89 31.17 2.16 -18.77
N TRP C 90 32.28 2.87 -18.75
CA TRP C 90 33.53 2.34 -18.22
C TRP C 90 33.75 2.70 -16.76
N GLY C 91 32.77 3.32 -16.10
CA GLY C 91 32.79 3.43 -14.66
C GLY C 91 33.71 4.49 -14.09
N HIS C 92 33.96 5.57 -14.82
CA HIS C 92 34.89 6.61 -14.40
C HIS C 92 34.08 7.73 -13.76
N LEU C 93 33.87 7.62 -12.45
CA LEU C 93 32.98 8.52 -11.73
C LEU C 93 33.47 9.97 -11.79
N GLU C 94 34.75 10.19 -11.49
CA GLU C 94 35.27 11.55 -11.46
C GLU C 94 35.17 12.21 -12.83
N ILE C 95 35.39 11.44 -13.89
CA ILE C 95 35.26 11.97 -15.25
C ILE C 95 33.80 12.31 -15.54
N VAL C 96 32.88 11.44 -15.14
CA VAL C 96 31.45 11.76 -15.28
C VAL C 96 31.14 13.10 -14.64
N GLU C 97 31.66 13.32 -13.43
CA GLU C 97 31.39 14.57 -12.73
C GLU C 97 32.00 15.77 -13.45
N VAL C 98 33.23 15.62 -13.95
CA VAL C 98 33.88 16.72 -14.66
C VAL C 98 33.12 17.06 -15.93
N LEU C 99 32.70 16.03 -16.69
CA LEU C 99 31.94 16.27 -17.91
C LEU C 99 30.65 17.02 -17.62
N LEU C 100 29.91 16.55 -16.61
CA LEU C 100 28.67 17.23 -16.23
C LEU C 100 28.95 18.64 -15.73
N LYS C 101 30.02 18.82 -14.96
CA LYS C 101 30.39 20.15 -14.49
C LYS C 101 30.68 21.10 -15.66
N ASN C 102 31.08 20.55 -16.81
CA ASN C 102 31.43 21.35 -17.97
C ASN C 102 30.29 21.40 -19.00
N GLY C 103 29.07 21.11 -18.59
CA GLY C 103 27.91 21.29 -19.45
C GLY C 103 27.51 20.09 -20.30
N ALA C 104 27.98 18.90 -19.97
CA ALA C 104 27.64 17.73 -20.77
C ALA C 104 26.13 17.48 -20.75
N ASP C 105 25.59 17.06 -21.90
CA ASP C 105 24.18 16.68 -22.00
C ASP C 105 23.96 15.36 -21.28
N VAL C 106 23.29 15.41 -20.12
CA VAL C 106 23.11 14.21 -19.31
C VAL C 106 22.19 13.21 -19.99
N ASN C 107 21.36 13.65 -20.93
CA ASN C 107 20.42 12.78 -21.63
C ASN C 107 20.76 12.58 -23.10
N ALA C 108 22.04 12.74 -23.45
CA ALA C 108 22.47 12.44 -24.81
C ALA C 108 22.03 11.04 -25.18
N MET C 109 21.57 10.89 -26.42
CA MET C 109 21.06 9.62 -26.93
C MET C 109 21.93 9.17 -28.10
N ASP C 110 22.32 7.90 -28.11
CA ASP C 110 23.06 7.35 -29.24
C ASP C 110 22.07 6.97 -30.34
N SER C 111 22.55 6.29 -31.38
CA SER C 111 21.72 5.97 -32.53
C SER C 111 20.57 5.05 -32.15
N ASP C 112 20.73 4.26 -31.10
CA ASP C 112 19.70 3.35 -30.63
C ASP C 112 18.94 3.89 -29.42
N GLY C 113 19.07 5.19 -29.14
CA GLY C 113 18.32 5.82 -28.09
C GLY C 113 18.87 5.61 -26.68
N MET C 114 20.07 5.07 -26.55
CA MET C 114 20.63 4.80 -25.23
CA MET C 114 20.65 4.79 -25.24
C MET C 114 21.25 6.06 -24.64
N THR C 115 20.99 6.27 -23.35
CA THR C 115 21.50 7.40 -22.60
C THR C 115 22.61 6.95 -21.67
N PRO C 116 23.38 7.89 -21.11
CA PRO C 116 24.41 7.49 -20.15
C PRO C 116 23.85 6.73 -18.97
N LEU C 117 22.62 7.07 -18.54
CA LEU C 117 22.02 6.39 -17.40
C LEU C 117 21.73 4.93 -17.72
N HIS C 118 21.24 4.65 -18.93
CA HIS C 118 21.11 3.27 -19.39
C HIS C 118 22.40 2.49 -19.12
N LEU C 119 23.53 3.07 -19.53
CA LEU C 119 24.80 2.35 -19.47
C LEU C 119 25.28 2.16 -18.04
N ALA C 120 25.14 3.20 -17.21
CA ALA C 120 25.51 3.06 -15.80
C ALA C 120 24.64 2.03 -15.11
N ALA C 121 23.33 2.05 -15.39
CA ALA C 121 22.43 1.07 -14.79
C ALA C 121 22.78 -0.34 -15.21
N LYS C 122 23.11 -0.52 -16.49
CA LYS C 122 23.52 -1.83 -17.01
C LYS C 122 24.60 -2.46 -16.15
N TRP C 123 25.55 -1.65 -15.68
CA TRP C 123 26.67 -2.15 -14.90
C TRP C 123 26.47 -2.03 -13.40
N GLY C 124 25.35 -1.45 -12.95
CA GLY C 124 25.12 -1.27 -11.53
C GLY C 124 26.06 -0.31 -10.85
N TYR C 125 26.50 0.74 -11.56
CA TYR C 125 27.39 1.75 -11.01
C TYR C 125 26.57 2.71 -10.15
N LEU C 126 26.46 2.38 -8.86
CA LEU C 126 25.60 3.14 -7.95
C LEU C 126 25.93 4.63 -7.94
N GLU C 127 27.19 4.97 -7.67
CA GLU C 127 27.54 6.38 -7.55
C GLU C 127 27.32 7.12 -8.87
N ILE C 128 27.63 6.48 -10.00
CA ILE C 128 27.44 7.13 -11.29
C ILE C 128 25.95 7.33 -11.56
N VAL C 129 25.14 6.32 -11.25
CA VAL C 129 23.68 6.46 -11.41
C VAL C 129 23.18 7.67 -10.63
N GLU C 130 23.61 7.80 -9.37
CA GLU C 130 23.13 8.91 -8.54
C GLU C 130 23.54 10.25 -9.13
N VAL C 131 24.79 10.38 -9.55
CA VAL C 131 25.26 11.65 -10.11
C VAL C 131 24.44 12.01 -11.35
N LEU C 132 24.22 11.03 -12.23
CA LEU C 132 23.44 11.31 -13.44
C LEU C 132 22.02 11.74 -13.09
N LEU C 133 21.39 11.05 -12.14
CA LEU C 133 20.05 11.44 -11.70
C LEU C 133 20.07 12.82 -11.07
N LYS C 134 21.09 13.11 -10.26
CA LYS C 134 21.21 14.42 -9.63
C LYS C 134 21.25 15.53 -10.67
N HIS C 135 21.83 15.26 -11.83
CA HIS C 135 21.97 16.25 -12.89
C HIS C 135 20.84 16.21 -13.92
N GLY C 136 19.76 15.48 -13.63
CA GLY C 136 18.57 15.52 -14.45
C GLY C 136 18.40 14.38 -15.44
N ALA C 137 19.16 13.30 -15.30
CA ALA C 137 19.00 12.16 -16.19
C ALA C 137 17.56 11.68 -16.19
N ASP C 138 17.07 11.31 -17.37
CA ASP C 138 15.69 10.88 -17.54
C ASP C 138 15.57 9.43 -17.11
N VAL C 139 15.01 9.20 -15.91
CA VAL C 139 14.92 7.85 -15.36
C VAL C 139 13.97 6.98 -16.18
N ASN C 140 13.07 7.59 -16.95
CA ASN C 140 12.10 6.85 -17.74
C ASN C 140 12.51 6.67 -19.19
N ALA C 141 13.69 7.13 -19.58
CA ALA C 141 14.08 7.07 -20.98
C ALA C 141 14.02 5.64 -21.49
N GLN C 142 13.41 5.46 -22.67
CA GLN C 142 13.33 4.17 -23.33
C GLN C 142 14.19 4.21 -24.59
N ASP C 143 15.01 3.19 -24.78
CA ASP C 143 15.83 3.12 -25.98
C ASP C 143 14.98 2.56 -27.12
N LYS C 144 15.62 2.31 -28.26
CA LYS C 144 14.91 1.82 -29.44
C LYS C 144 14.16 0.53 -29.14
N PHE C 145 14.64 -0.27 -28.19
CA PHE C 145 14.05 -1.56 -27.89
C PHE C 145 13.10 -1.50 -26.70
N GLY C 146 12.69 -0.30 -26.29
CA GLY C 146 11.74 -0.14 -25.21
C GLY C 146 12.33 -0.30 -23.83
N LYS C 147 13.66 -0.42 -23.71
CA LYS C 147 14.30 -0.70 -22.43
C LYS C 147 14.56 0.60 -21.67
N THR C 148 14.19 0.62 -20.40
CA THR C 148 14.55 1.71 -19.51
C THR C 148 15.85 1.39 -18.78
N PRO C 149 16.45 2.38 -18.12
CA PRO C 149 17.59 2.06 -17.24
C PRO C 149 17.27 0.97 -16.24
N PHE C 150 16.09 1.02 -15.60
CA PHE C 150 15.69 -0.04 -14.70
C PHE C 150 15.73 -1.40 -15.40
N ASP C 151 15.14 -1.48 -16.61
CA ASP C 151 15.12 -2.74 -17.34
C ASP C 151 16.52 -3.31 -17.50
N LEU C 152 17.49 -2.46 -17.85
CA LEU C 152 18.85 -2.95 -18.07
C LEU C 152 19.50 -3.37 -16.76
N ALA C 153 19.26 -2.61 -15.69
CA ALA C 153 19.76 -3.05 -14.38
C ALA C 153 19.16 -4.40 -14.00
N ASP C 154 17.85 -4.55 -14.22
CA ASP C 154 17.13 -5.77 -13.87
C ASP C 154 17.63 -6.95 -14.71
N ASP C 155 17.77 -6.75 -16.01
CA ASP C 155 18.24 -7.81 -16.90
C ASP C 155 19.61 -8.34 -16.47
N ASN C 156 20.44 -7.50 -15.85
CA ASN C 156 21.77 -7.89 -15.45
C ASN C 156 21.89 -8.22 -13.97
N GLY C 157 20.76 -8.32 -13.26
CA GLY C 157 20.77 -8.74 -11.88
C GLY C 157 21.24 -7.69 -10.91
N ASN C 158 21.28 -6.42 -11.32
CA ASN C 158 21.70 -5.33 -10.45
C ASN C 158 20.49 -4.81 -9.69
N ASP C 159 20.09 -5.60 -8.70
CA ASP C 159 18.78 -5.40 -8.06
C ASP C 159 18.78 -4.20 -7.12
N ASP C 160 19.91 -3.89 -6.47
CA ASP C 160 19.97 -2.68 -5.65
C ASP C 160 19.78 -1.44 -6.49
N VAL C 161 20.47 -1.36 -7.62
CA VAL C 161 20.30 -0.22 -8.53
C VAL C 161 18.91 -0.25 -9.16
N GLY C 162 18.39 -1.44 -9.45
CA GLY C 162 17.03 -1.53 -9.95
C GLY C 162 16.03 -0.98 -8.96
N THR C 163 16.16 -1.37 -7.68
CA THR C 163 15.30 -0.83 -6.64
C THR C 163 15.44 0.69 -6.55
N LEU C 164 16.67 1.19 -6.60
CA LEU C 164 16.90 2.62 -6.55
C LEU C 164 16.17 3.32 -7.69
N LEU C 165 16.29 2.78 -8.91
CA LEU C 165 15.65 3.40 -10.06
C LEU C 165 14.13 3.33 -9.96
N GLN C 166 13.58 2.26 -9.38
CA GLN C 166 12.14 2.20 -9.14
C GLN C 166 11.71 3.30 -8.18
N VAL C 167 12.47 3.49 -7.10
CA VAL C 167 12.15 4.54 -6.13
C VAL C 167 12.32 5.92 -6.76
N ALA C 168 13.38 6.11 -7.55
CA ALA C 168 13.63 7.41 -8.17
C ALA C 168 12.54 7.76 -9.19
N ALA C 169 12.06 6.76 -9.94
CA ALA C 169 11.00 7.03 -10.91
C ALA C 169 9.72 7.45 -10.21
N ALA C 170 9.37 6.78 -9.11
CA ALA C 170 8.18 7.16 -8.35
C ALA C 170 8.35 8.55 -7.74
N ALA C 171 9.55 8.86 -7.25
CA ALA C 171 9.81 10.17 -6.67
C ALA C 171 9.72 11.27 -7.73
N ASP C 172 10.25 11.00 -8.92
CA ASP C 172 10.17 11.99 -9.99
CA ASP C 172 10.17 11.96 -10.02
C ASP C 172 8.72 12.28 -10.36
N GLN C 173 7.86 11.26 -10.35
CA GLN C 173 6.46 11.48 -10.68
C GLN C 173 5.78 12.38 -9.66
N LEU C 174 6.25 12.38 -8.42
CA LEU C 174 5.73 13.25 -7.37
C LEU C 174 6.42 14.59 -7.28
N GLY C 175 7.57 14.76 -7.94
CA GLY C 175 8.38 15.94 -7.73
C GLY C 175 9.11 15.95 -6.41
N ALA C 176 9.47 14.77 -5.91
CA ALA C 176 10.04 14.63 -4.57
C ALA C 176 11.53 14.34 -4.63
N ARG C 177 12.26 14.85 -3.64
CA ARG C 177 13.65 14.47 -3.39
C ARG C 177 13.65 13.45 -2.27
N VAL C 178 14.21 12.26 -2.54
CA VAL C 178 14.13 11.15 -1.60
C VAL C 178 15.54 10.67 -1.28
N GLY C 179 15.70 10.14 -0.08
CA GLY C 179 16.90 9.43 0.31
C GLY C 179 16.54 8.32 1.26
N TYR C 180 17.30 7.24 1.20
CA TYR C 180 17.09 6.14 2.12
C TYR C 180 18.40 5.39 2.34
N ILE C 181 18.41 4.60 3.41
CA ILE C 181 19.52 3.71 3.68
C ILE C 181 18.97 2.53 4.48
N GLU C 182 19.64 1.40 4.33
CA GLU C 182 19.33 0.18 5.07
C GLU C 182 20.64 -0.33 5.65
N LEU C 183 20.69 -0.49 6.97
CA LEU C 183 21.86 -0.99 7.67
C LEU C 183 21.55 -2.32 8.35
N ASP C 184 22.53 -3.22 8.34
CA ASP C 184 22.45 -4.42 9.18
C ASP C 184 22.54 -4.02 10.64
N LEU C 185 21.57 -4.45 11.45
CA LEU C 185 21.51 -3.99 12.83
C LEU C 185 22.73 -4.48 13.62
N ASN C 186 23.19 -5.70 13.34
CA ASN C 186 24.25 -6.30 14.14
C ASN C 186 25.63 -5.74 13.77
N SER C 187 25.95 -5.72 12.47
CA SER C 187 27.27 -5.32 12.03
C SER C 187 27.37 -3.86 11.65
N GLY C 188 26.25 -3.21 11.34
CA GLY C 188 26.27 -1.85 10.84
C GLY C 188 26.59 -1.73 9.37
N LYS C 189 26.76 -2.83 8.65
CA LYS C 189 27.10 -2.78 7.25
C LYS C 189 25.97 -2.14 6.44
N ILE C 190 26.35 -1.25 5.52
CA ILE C 190 25.38 -0.63 4.62
C ILE C 190 24.97 -1.65 3.56
N LEU C 191 23.66 -1.86 3.43
CA LEU C 191 23.13 -2.85 2.50
C LEU C 191 22.50 -2.24 1.27
N GLU C 192 21.71 -1.18 1.42
CA GLU C 192 21.15 -0.44 0.29
C GLU C 192 21.17 1.04 0.66
N SER C 193 21.28 1.90 -0.36
CA SER C 193 21.35 3.32 -0.08
C SER C 193 21.03 4.12 -1.34
N PHE C 194 20.48 5.31 -1.12
CA PHE C 194 20.17 6.27 -2.17
C PHE C 194 20.25 7.67 -1.56
N ARG C 195 21.16 8.49 -2.07
CA ARG C 195 21.37 9.85 -1.55
C ARG C 195 21.53 9.84 -0.04
N SER C 196 22.27 8.84 0.47
CA SER C 196 22.34 8.63 1.90
C SER C 196 23.22 9.65 2.61
N GLU C 197 23.93 10.50 1.87
CA GLU C 197 24.74 11.55 2.47
C GLU C 197 24.17 12.94 2.19
N GLU C 198 22.96 13.03 1.64
CA GLU C 198 22.29 14.31 1.46
C GLU C 198 21.49 14.63 2.72
N ARG C 199 21.39 15.93 3.02
CA ARG C 199 20.68 16.35 4.21
C ARG C 199 19.18 16.44 3.95
N PHE C 200 18.41 16.06 4.97
CA PHE C 200 16.95 16.14 4.99
C PHE C 200 16.50 16.68 6.34
N PRO C 201 15.35 17.35 6.40
CA PRO C 201 14.79 17.72 7.70
C PRO C 201 14.45 16.47 8.50
N MET C 202 14.80 16.48 9.78
CA MET C 202 14.50 15.33 10.64
C MET C 202 13.02 15.26 10.97
N MET C 203 12.39 16.40 11.17
CA MET C 203 11.00 16.42 11.68
C MET C 203 10.99 15.62 12.97
N SER C 204 9.88 14.96 13.27
CA SER C 204 9.74 14.26 14.54
C SER C 204 10.62 13.01 14.64
N THR C 205 11.36 12.61 13.60
CA THR C 205 12.29 11.51 13.79
C THR C 205 13.43 11.87 14.74
N PHE C 206 13.67 13.16 15.01
CA PHE C 206 14.70 13.51 16.00
C PHE C 206 14.32 13.02 17.40
N LYS C 207 13.05 12.71 17.63
CA LYS C 207 12.60 12.43 18.99
C LYS C 207 13.19 11.13 19.53
N VAL C 208 13.55 10.16 18.67
CA VAL C 208 14.21 8.97 19.20
C VAL C 208 15.64 9.30 19.61
N LEU C 209 16.27 10.27 18.94
CA LEU C 209 17.59 10.72 19.38
C LEU C 209 17.48 11.46 20.71
N LEU C 210 16.45 12.28 20.86
CA LEU C 210 16.20 12.94 22.14
C LEU C 210 16.03 11.91 23.25
N ALA C 211 15.18 10.90 23.03
CA ALA C 211 15.00 9.85 24.03
C ALA C 211 16.34 9.19 24.38
N GLY C 212 17.17 8.97 23.36
CA GLY C 212 18.50 8.41 23.62
C GLY C 212 19.31 9.26 24.57
N ALA C 213 19.28 10.59 24.38
CA ALA C 213 20.02 11.48 25.26
C ALA C 213 19.47 11.45 26.67
N ILE C 214 18.15 11.40 26.82
CA ILE C 214 17.55 11.30 28.15
C ILE C 214 17.94 9.99 28.81
N LEU C 215 17.86 8.88 28.07
CA LEU C 215 18.24 7.59 28.62
C LEU C 215 19.71 7.58 29.04
N SER C 216 20.58 8.23 28.25
CA SER C 216 21.99 8.29 28.62
C SER C 216 22.19 8.97 29.96
N ARG C 217 21.44 10.05 30.21
CA ARG C 217 21.54 10.72 31.50
C ARG C 217 20.94 9.87 32.61
N ILE C 218 19.91 9.09 32.32
CA ILE C 218 19.38 8.16 33.31
C ILE C 218 20.42 7.11 33.66
N ASP C 219 21.08 6.56 32.65
CA ASP C 219 22.15 5.59 32.89
C ASP C 219 23.22 6.17 33.80
N ALA C 220 23.52 7.46 33.65
CA ALA C 220 24.56 8.12 34.41
C ALA C 220 24.09 8.63 35.76
N GLY C 221 22.83 8.40 36.13
CA GLY C 221 22.33 8.89 37.40
C GLY C 221 22.05 10.38 37.44
N GLN C 222 22.09 11.05 36.29
CA GLN C 222 21.79 12.47 36.21
C GLN C 222 20.31 12.76 35.99
N GLU C 223 19.50 11.73 35.75
CA GLU C 223 18.08 11.88 35.49
C GLU C 223 17.39 10.62 35.97
N GLN C 224 16.10 10.75 36.30
CA GLN C 224 15.32 9.63 36.80
C GLN C 224 14.04 9.49 36.00
N LEU C 225 13.73 8.25 35.58
CA LEU C 225 12.51 7.98 34.83
C LEU C 225 11.27 8.42 35.60
N GLY C 226 11.30 8.35 36.93
CA GLY C 226 10.15 8.69 37.74
C GLY C 226 10.02 10.14 38.12
N ARG C 227 11.02 10.97 37.81
CA ARG C 227 10.94 12.38 38.18
C ARG C 227 9.77 13.04 37.46
N ARG C 228 8.97 13.79 38.22
CA ARG C 228 7.76 14.41 37.70
C ARG C 228 8.06 15.84 37.28
N ILE C 229 7.60 16.23 36.09
CA ILE C 229 7.77 17.57 35.55
C ILE C 229 6.40 18.22 35.45
N HIS C 230 6.28 19.43 36.00
CA HIS C 230 5.08 20.23 35.87
C HIS C 230 5.31 21.35 34.88
N TYR C 231 4.23 21.76 34.20
CA TYR C 231 4.31 22.74 33.14
C TYR C 231 2.97 23.46 33.04
N SER C 232 2.92 24.49 32.21
CA SER C 232 1.75 25.36 32.13
C SER C 232 1.23 25.43 30.70
N GLN C 233 0.07 26.06 30.57
CA GLN C 233 -0.53 26.29 29.26
C GLN C 233 0.49 26.91 28.30
N ASN C 234 1.33 27.82 28.80
CA ASN C 234 2.29 28.52 27.95
C ASN C 234 3.36 27.58 27.40
N ASP C 235 3.48 26.36 27.91
CA ASP C 235 4.40 25.38 27.36
C ASP C 235 3.78 24.54 26.24
N LEU C 236 2.45 24.53 26.14
CA LEU C 236 1.80 23.69 25.15
C LEU C 236 1.95 24.28 23.75
N VAL C 237 2.28 23.42 22.79
CA VAL C 237 2.36 23.79 21.39
C VAL C 237 1.51 22.81 20.59
N GLU C 238 1.40 23.07 19.29
CA GLU C 238 0.55 22.25 18.42
C GLU C 238 0.92 20.78 18.52
N TYR C 239 -0.07 19.93 18.29
CA TYR C 239 0.09 18.47 18.25
C TYR C 239 0.75 17.95 19.54
N SER C 240 0.04 18.13 20.65
CA SER C 240 0.47 17.67 21.96
C SER C 240 -0.67 16.89 22.60
N PRO C 241 -1.02 15.74 22.02
CA PRO C 241 -2.24 15.04 22.47
C PRO C 241 -2.17 14.48 23.87
N VAL C 242 -0.98 14.14 24.38
CA VAL C 242 -0.86 13.58 25.72
C VAL C 242 -0.63 14.68 26.75
N THR C 243 0.34 15.56 26.52
CA THR C 243 0.72 16.54 27.52
C THR C 243 -0.41 17.52 27.83
N GLU C 244 -1.28 17.80 26.87
CA GLU C 244 -2.35 18.74 27.12
C GLU C 244 -3.39 18.19 28.11
N LYS C 245 -3.33 16.89 28.42
CA LYS C 245 -4.23 16.28 29.38
C LYS C 245 -3.72 16.35 30.82
N HIS C 246 -2.52 16.88 31.05
CA HIS C 246 -1.87 16.77 32.36
C HIS C 246 -1.31 18.10 32.81
N LEU C 247 -2.03 19.21 32.54
CA LEU C 247 -1.55 20.51 33.02
C LEU C 247 -1.57 20.57 34.54
N THR C 248 -2.51 19.88 35.18
CA THR C 248 -2.65 19.97 36.63
C THR C 248 -1.69 19.02 37.35
N ASP C 249 -1.57 17.78 36.88
CA ASP C 249 -0.81 16.76 37.59
C ASP C 249 0.59 16.54 37.04
N GLY C 250 0.92 17.12 35.88
CA GLY C 250 2.25 16.93 35.33
C GLY C 250 2.44 15.53 34.76
N MET C 251 3.69 15.24 34.40
CA MET C 251 4.05 13.97 33.81
C MET C 251 5.49 13.62 34.19
N THR C 252 5.74 12.32 34.34
CA THR C 252 7.09 11.86 34.63
C THR C 252 7.95 11.89 33.36
N VAL C 253 9.27 11.83 33.55
CA VAL C 253 10.17 11.75 32.42
C VAL C 253 9.82 10.54 31.56
N ARG C 254 9.57 9.40 32.21
CA ARG C 254 9.15 8.20 31.49
C ARG C 254 7.93 8.48 30.63
N GLU C 255 6.89 9.05 31.24
CA GLU C 255 5.66 9.34 30.51
C GLU C 255 5.91 10.34 29.38
N LEU C 256 6.78 11.32 29.61
CA LEU C 256 7.07 12.29 28.56
C LEU C 256 7.78 11.64 27.37
N ALA C 257 8.76 10.79 27.63
CA ALA C 257 9.46 10.12 26.53
C ALA C 257 8.53 9.22 25.75
N SER C 258 7.70 8.45 26.46
CA SER C 258 6.72 7.61 25.78
C SER C 258 5.78 8.45 24.92
N ALA C 259 5.33 9.59 25.43
CA ALA C 259 4.44 10.45 24.65
C ALA C 259 5.15 11.02 23.44
N ALA C 260 6.41 11.44 23.60
CA ALA C 260 7.15 12.02 22.49
C ALA C 260 7.37 11.03 21.37
N ILE C 261 7.56 9.75 21.71
CA ILE C 261 7.85 8.74 20.69
C ILE C 261 6.56 8.13 20.15
N THR C 262 5.72 7.61 21.04
CA THR C 262 4.58 6.82 20.58
C THR C 262 3.46 7.70 20.02
N MET C 263 3.35 8.94 20.47
CA MET C 263 2.33 9.86 19.98
C MET C 263 2.93 11.08 19.28
N SER C 264 4.25 11.17 19.18
CA SER C 264 4.94 12.32 18.58
C SER C 264 4.56 13.63 19.28
N ASP C 265 4.29 13.56 20.58
CA ASP C 265 3.85 14.74 21.33
C ASP C 265 4.92 15.82 21.31
N ASN C 266 4.57 16.98 20.75
CA ASN C 266 5.55 18.06 20.57
C ASN C 266 5.97 18.68 21.90
N THR C 267 5.01 19.04 22.75
CA THR C 267 5.37 19.66 24.02
C THR C 267 6.20 18.71 24.88
N ALA C 268 5.89 17.41 24.84
CA ALA C 268 6.69 16.45 25.57
C ALA C 268 8.15 16.51 25.12
N ALA C 269 8.36 16.64 23.81
CA ALA C 269 9.72 16.77 23.29
C ALA C 269 10.39 18.04 23.81
N ASN C 270 9.68 19.17 23.77
CA ASN C 270 10.28 20.42 24.25
C ASN C 270 10.64 20.33 25.73
N LEU C 271 9.79 19.70 26.53
CA LEU C 271 10.07 19.62 27.96
C LEU C 271 11.32 18.79 28.23
N LEU C 272 11.50 17.69 27.47
CA LEU C 272 12.71 16.89 27.61
C LEU C 272 13.92 17.63 27.08
N LEU C 273 13.76 18.37 25.97
CA LEU C 273 14.87 19.17 25.47
C LEU C 273 15.36 20.14 26.54
N THR C 274 14.44 20.74 27.30
CA THR C 274 14.85 21.67 28.34
C THR C 274 15.80 21.01 29.33
N THR C 275 15.58 19.73 29.64
CA THR C 275 16.38 19.08 30.68
C THR C 275 17.82 18.85 30.25
N ILE C 276 18.12 18.92 28.96
CA ILE C 276 19.47 18.69 28.45
C ILE C 276 20.07 19.95 27.83
N GLY C 277 19.44 21.10 28.03
CA GLY C 277 19.97 22.33 27.49
C GLY C 277 19.53 22.67 26.09
N GLY C 278 18.36 22.17 25.66
CA GLY C 278 17.77 22.57 24.41
C GLY C 278 18.38 21.88 23.21
N PRO C 279 18.03 22.36 22.01
CA PRO C 279 18.64 21.81 20.79
C PRO C 279 20.15 21.75 20.83
N LYS C 280 20.81 22.80 21.34
CA LYS C 280 22.27 22.79 21.44
C LYS C 280 22.74 21.61 22.28
N GLY C 281 22.02 21.30 23.36
CA GLY C 281 22.39 20.18 24.20
C GLY C 281 22.24 18.85 23.50
N LEU C 282 21.15 18.68 22.72
CA LEU C 282 21.00 17.43 21.98
C LEU C 282 22.10 17.28 20.94
N THR C 283 22.43 18.37 20.24
CA THR C 283 23.50 18.31 19.26
C THR C 283 24.82 17.93 19.91
N ALA C 284 25.09 18.48 21.11
CA ALA C 284 26.31 18.15 21.82
C ALA C 284 26.37 16.68 22.18
N PHE C 285 25.25 16.11 22.65
CA PHE C 285 25.20 14.67 22.92
C PHE C 285 25.53 13.88 21.67
N LEU C 286 24.93 14.25 20.54
CA LEU C 286 25.16 13.54 19.30
C LEU C 286 26.62 13.65 18.87
N HIS C 287 27.16 14.87 18.91
CA HIS C 287 28.55 15.07 18.50
C HIS C 287 29.49 14.24 19.35
N ASN C 288 29.23 14.15 20.66
CA ASN C 288 30.15 13.44 21.55
C ASN C 288 30.16 11.94 21.30
N MET C 289 29.07 11.37 20.78
CA MET C 289 29.01 9.95 20.46
CA MET C 289 29.05 9.95 20.47
C MET C 289 29.44 9.67 19.02
N GLY C 290 29.94 10.68 18.30
CA GLY C 290 30.53 10.49 16.98
C GLY C 290 29.71 10.98 15.82
N ASP C 291 28.48 11.45 16.03
CA ASP C 291 27.66 11.96 14.93
C ASP C 291 27.97 13.44 14.76
N HIS C 292 28.86 13.75 13.82
CA HIS C 292 29.24 15.12 13.50
C HIS C 292 28.35 15.74 12.43
N VAL C 293 27.26 15.09 12.06
CA VAL C 293 26.40 15.54 10.97
C VAL C 293 25.05 16.03 11.49
N THR C 294 24.35 15.20 12.24
CA THR C 294 23.01 15.53 12.73
C THR C 294 23.07 16.73 13.65
N ARG C 295 22.12 17.64 13.48
CA ARG C 295 22.05 18.84 14.32
C ARG C 295 20.60 19.22 14.54
N LEU C 296 20.29 19.57 15.79
CA LEU C 296 19.02 20.22 16.12
C LEU C 296 19.30 21.65 16.53
N ASP C 297 18.48 22.57 16.02
CA ASP C 297 18.73 23.99 16.20
C ASP C 297 17.53 24.71 16.81
N ARG C 298 16.33 24.19 16.60
CA ARG C 298 15.10 24.87 16.98
C ARG C 298 14.22 23.90 17.78
N TRP C 299 13.20 24.48 18.40
CA TRP C 299 12.25 23.73 19.21
C TRP C 299 11.02 23.36 18.37
N GLU C 300 10.13 22.57 18.97
CA GLU C 300 8.86 22.29 18.32
C GLU C 300 7.95 23.51 18.47
N PRO C 301 7.21 23.86 17.40
CA PRO C 301 7.09 23.22 16.08
C PRO C 301 7.96 23.85 14.98
N GLU C 302 8.77 24.86 15.30
CA GLU C 302 9.51 25.57 14.27
C GLU C 302 10.52 24.70 13.54
N LEU C 303 10.98 23.62 14.18
CA LEU C 303 12.00 22.77 13.56
C LEU C 303 11.50 22.03 12.33
N ASN C 304 10.21 22.08 12.03
CA ASN C 304 9.63 21.37 10.89
C ASN C 304 9.55 22.21 9.63
N GLU C 305 10.19 23.39 9.61
CA GLU C 305 10.01 24.32 8.49
C GLU C 305 10.54 23.77 7.18
N ALA C 306 11.64 22.99 7.21
CA ALA C 306 12.12 22.24 6.06
C ALA C 306 12.48 23.14 4.88
N ILE C 307 13.17 24.24 5.16
CA ILE C 307 13.59 25.17 4.11
C ILE C 307 14.66 24.51 3.26
N PRO C 308 14.55 24.52 1.93
CA PRO C 308 15.61 23.95 1.09
C PRO C 308 16.96 24.60 1.36
N ASN C 309 17.98 23.75 1.47
CA ASN C 309 19.37 24.15 1.69
C ASN C 309 19.60 24.74 3.08
N ASP C 310 18.58 24.72 3.95
CA ASP C 310 18.75 25.12 5.33
C ASP C 310 19.22 23.89 6.10
N GLU C 311 20.40 23.97 6.72
CA GLU C 311 20.97 22.83 7.42
C GLU C 311 20.48 22.71 8.85
N ARG C 312 19.74 23.70 9.35
CA ARG C 312 19.15 23.58 10.68
C ARG C 312 18.23 22.37 10.75
N ASP C 313 18.31 21.65 11.87
CA ASP C 313 17.37 20.57 12.19
C ASP C 313 17.38 19.48 11.13
N THR C 314 18.56 19.15 10.60
CA THR C 314 18.70 18.15 9.56
C THR C 314 19.57 16.99 10.03
N THR C 315 19.44 15.88 9.30
CA THR C 315 20.36 14.75 9.38
C THR C 315 20.58 14.27 7.96
N THR C 316 21.37 13.22 7.81
CA THR C 316 21.44 12.45 6.58
C THR C 316 20.98 11.04 6.86
N PRO C 317 20.49 10.30 5.85
CA PRO C 317 20.07 8.92 6.12
C PRO C 317 21.14 8.09 6.80
N VAL C 318 22.41 8.22 6.39
CA VAL C 318 23.46 7.40 6.98
C VAL C 318 23.78 7.87 8.40
N ALA C 319 23.78 9.18 8.64
CA ALA C 319 24.04 9.67 10.00
C ALA C 319 22.95 9.20 10.95
N MET C 320 21.69 9.38 10.57
CA MET C 320 20.57 8.96 11.42
C MET C 320 20.59 7.45 11.65
N ALA C 321 20.80 6.68 10.57
CA ALA C 321 20.81 5.22 10.70
C ALA C 321 21.94 4.76 11.61
N THR C 322 23.14 5.33 11.43
CA THR C 322 24.29 4.92 12.22
C THR C 322 24.09 5.25 13.70
N THR C 323 23.58 6.45 13.98
CA THR C 323 23.36 6.87 15.36
C THR C 323 22.26 6.06 16.02
N LEU C 324 21.14 5.87 15.31
CA LEU C 324 20.07 5.04 15.86
C LEU C 324 20.57 3.63 16.18
N ARG C 325 21.36 3.05 15.28
CA ARG C 325 21.92 1.73 15.54
C ARG C 325 22.74 1.72 16.83
N LYS C 326 23.57 2.75 17.02
CA LYS C 326 24.40 2.80 18.21
C LYS C 326 23.57 2.97 19.47
N LEU C 327 22.40 3.60 19.37
CA LEU C 327 21.50 3.73 20.51
C LEU C 327 20.79 2.43 20.83
N LEU C 328 20.48 1.62 19.81
CA LEU C 328 19.73 0.38 20.01
C LEU C 328 20.61 -0.84 20.22
N THR C 329 21.88 -0.79 19.82
CA THR C 329 22.79 -1.91 19.99
C THR C 329 24.12 -1.37 20.51
N GLY C 330 24.98 -2.27 20.95
CA GLY C 330 26.24 -1.82 21.52
C GLY C 330 26.05 -1.19 22.89
N GLU C 331 27.13 -0.57 23.37
CA GLU C 331 27.28 -0.20 24.77
C GLU C 331 27.01 1.26 25.06
N LEU C 332 26.55 2.04 24.07
CA LEU C 332 26.32 3.46 24.32
C LEU C 332 25.26 3.66 25.40
N LEU C 333 24.19 2.88 25.37
CA LEU C 333 23.18 2.85 26.41
C LEU C 333 23.24 1.49 27.12
N THR C 334 22.73 1.45 28.36
CA THR C 334 22.68 0.18 29.07
C THR C 334 21.69 -0.77 28.39
N PRO C 335 21.77 -2.07 28.69
CA PRO C 335 20.75 -2.98 28.15
C PRO C 335 19.33 -2.55 28.46
N ALA C 336 19.07 -2.07 29.68
CA ALA C 336 17.72 -1.62 30.02
C ALA C 336 17.31 -0.43 29.17
N SER C 337 18.20 0.54 29.00
CA SER C 337 17.86 1.73 28.21
C SER C 337 17.74 1.40 26.72
N ARG C 338 18.67 0.60 26.20
CA ARG C 338 18.54 0.08 24.84
C ARG C 338 17.15 -0.49 24.58
N GLN C 339 16.69 -1.36 25.47
CA GLN C 339 15.42 -2.04 25.26
C GLN C 339 14.25 -1.10 25.41
N GLN C 340 14.35 -0.15 26.34
CA GLN C 340 13.27 0.81 26.54
C GLN C 340 13.07 1.66 25.30
N LEU C 341 14.15 2.06 24.64
CA LEU C 341 14.02 2.83 23.40
C LEU C 341 13.34 2.00 22.32
N MET C 342 13.74 0.74 22.18
CA MET C 342 13.10 -0.14 21.21
C MET C 342 11.62 -0.32 21.54
N ASP C 343 11.31 -0.53 22.83
CA ASP C 343 9.92 -0.77 23.24
C ASP C 343 9.04 0.43 22.94
N TRP C 344 9.52 1.64 23.23
CA TRP C 344 8.76 2.84 22.89
C TRP C 344 8.51 2.90 21.39
N MET C 345 9.54 2.67 20.60
CA MET C 345 9.39 2.72 19.14
C MET C 345 8.45 1.63 18.65
N GLU C 346 8.51 0.45 19.26
CA GLU C 346 7.59 -0.61 18.88
C GLU C 346 6.13 -0.21 19.12
N ALA C 347 5.89 0.57 20.17
CA ALA C 347 4.54 1.00 20.52
C ALA C 347 4.09 2.27 19.79
N ASP C 348 4.82 2.68 18.76
CA ASP C 348 4.43 3.82 17.94
C ASP C 348 2.97 3.67 17.49
N LYS C 349 2.17 4.73 17.75
CA LYS C 349 0.76 4.70 17.44
C LYS C 349 0.38 5.53 16.22
N VAL C 350 1.28 6.38 15.71
CA VAL C 350 0.90 7.38 14.71
C VAL C 350 1.65 7.17 13.40
N ALA C 351 2.06 5.92 13.12
CA ALA C 351 2.78 5.63 11.88
C ALA C 351 2.12 4.52 11.06
N GLY C 352 0.81 4.27 11.29
CA GLY C 352 0.13 3.21 10.59
C GLY C 352 0.17 3.27 9.08
N PRO C 353 0.03 4.45 8.47
CA PRO C 353 0.02 4.53 7.00
C PRO C 353 1.38 4.37 6.34
N LEU C 354 2.45 4.16 7.09
CA LEU C 354 3.82 4.17 6.55
C LEU C 354 4.31 2.73 6.44
N LEU C 355 5.48 2.38 6.99
CA LEU C 355 6.01 1.03 6.81
C LEU C 355 5.08 -0.03 7.37
N ARG C 356 4.38 0.27 8.46
CA ARG C 356 3.49 -0.70 9.07
C ARG C 356 2.42 -1.18 8.09
N SER C 357 2.05 -0.34 7.13
CA SER C 357 0.98 -0.70 6.19
C SER C 357 1.44 -1.72 5.16
N VAL C 358 2.75 -1.93 5.00
CA VAL C 358 3.28 -2.89 4.04
C VAL C 358 4.10 -3.98 4.73
N LEU C 359 4.09 -4.03 6.06
CA LEU C 359 4.91 -4.97 6.79
C LEU C 359 4.33 -6.38 6.67
N PRO C 360 5.12 -7.38 6.25
CA PRO C 360 4.56 -8.73 6.12
C PRO C 360 4.21 -9.35 7.47
N ALA C 361 3.33 -10.35 7.41
CA ALA C 361 2.92 -11.07 8.60
C ALA C 361 4.13 -11.66 9.32
N GLY C 362 4.12 -11.59 10.64
CA GLY C 362 5.18 -12.15 11.46
C GLY C 362 6.39 -11.27 11.63
N TRP C 363 6.49 -10.17 10.88
CA TRP C 363 7.63 -9.28 10.99
C TRP C 363 7.50 -8.39 12.22
N PHE C 364 8.64 -7.91 12.70
CA PHE C 364 8.73 -6.96 13.79
C PHE C 364 9.04 -5.57 13.22
N ILE C 365 8.47 -4.53 13.82
CA ILE C 365 8.89 -3.17 13.48
C ILE C 365 8.83 -2.30 14.73
N ALA C 366 9.85 -1.47 14.89
CA ALA C 366 9.88 -0.39 15.86
C ALA C 366 10.29 0.86 15.10
N ASP C 367 9.48 1.91 15.17
CA ASP C 367 9.70 3.03 14.26
C ASP C 367 9.32 4.35 14.91
N LYS C 368 9.63 5.42 14.17
CA LYS C 368 9.24 6.78 14.52
C LYS C 368 9.11 7.56 13.21
N SER C 369 7.97 8.18 13.01
CA SER C 369 7.71 8.91 11.78
C SER C 369 7.90 10.41 11.97
N GLY C 370 7.91 11.12 10.86
CA GLY C 370 8.03 12.56 10.88
C GLY C 370 7.24 13.16 9.75
N ALA C 371 6.73 14.37 9.99
CA ALA C 371 6.03 15.13 8.98
C ALA C 371 6.38 16.59 9.16
N GLY C 372 6.55 17.29 8.05
CA GLY C 372 6.91 18.70 8.11
C GLY C 372 6.35 19.49 6.95
N GLU C 373 6.75 20.75 6.86
CA GLU C 373 6.31 21.61 5.77
C GLU C 373 6.97 21.19 4.47
N ARG C 374 6.47 21.78 3.38
CA ARG C 374 7.07 21.59 2.06
C ARG C 374 7.14 20.11 1.68
N GLY C 375 6.05 19.38 1.97
CA GLY C 375 5.93 17.99 1.57
C GLY C 375 6.92 17.07 2.23
N SER C 376 7.35 17.38 3.44
CA SER C 376 8.38 16.61 4.13
C SER C 376 7.75 15.47 4.91
N ARG C 377 8.31 14.27 4.76
CA ARG C 377 7.83 13.08 5.44
C ARG C 377 9.01 12.14 5.64
N GLY C 378 9.00 11.40 6.73
CA GLY C 378 10.14 10.53 6.99
C GLY C 378 9.79 9.45 8.00
N ILE C 379 10.67 8.47 8.06
CA ILE C 379 10.55 7.41 9.06
C ILE C 379 11.92 6.82 9.32
N VAL C 380 12.13 6.41 10.57
CA VAL C 380 13.28 5.62 10.97
C VAL C 380 12.74 4.37 11.64
N ALA C 381 13.37 3.23 11.39
CA ALA C 381 12.78 2.00 11.88
C ALA C 381 13.84 0.92 12.04
N ALA C 382 13.63 0.07 13.04
CA ALA C 382 14.28 -1.22 13.15
C ALA C 382 13.24 -2.29 12.88
N LEU C 383 13.49 -3.14 11.91
CA LEU C 383 12.48 -4.09 11.48
C LEU C 383 13.16 -5.37 10.98
N GLY C 384 12.37 -6.43 10.92
CA GLY C 384 12.86 -7.68 10.41
C GLY C 384 11.84 -8.79 10.49
N PRO C 385 12.16 -9.92 9.89
CA PRO C 385 11.28 -11.09 9.95
C PRO C 385 11.40 -11.84 11.27
N ASP C 386 10.52 -12.83 11.44
CA ASP C 386 10.57 -13.74 12.58
C ASP C 386 10.34 -13.02 13.90
N GLY C 387 9.59 -11.92 13.87
CA GLY C 387 9.28 -11.19 15.08
C GLY C 387 10.47 -10.55 15.75
N LYS C 388 11.58 -10.34 15.03
CA LYS C 388 12.73 -9.68 15.58
C LYS C 388 13.34 -8.70 14.58
N PRO C 389 13.80 -7.54 15.05
CA PRO C 389 14.42 -6.58 14.13
C PRO C 389 15.81 -7.04 13.74
N SER C 390 16.14 -6.89 12.45
CA SER C 390 17.45 -7.27 11.96
C SER C 390 18.14 -6.17 11.17
N ARG C 391 17.45 -5.09 10.80
CA ARG C 391 18.06 -4.01 10.03
C ARG C 391 17.44 -2.69 10.43
N ILE C 392 18.17 -1.60 10.16
CA ILE C 392 17.70 -0.24 10.34
C ILE C 392 17.38 0.32 8.96
N VAL C 393 16.19 0.93 8.82
CA VAL C 393 15.77 1.59 7.60
C VAL C 393 15.45 3.04 7.92
N VAL C 394 16.02 3.96 7.15
CA VAL C 394 15.73 5.39 7.24
C VAL C 394 15.30 5.87 5.86
N ILE C 395 14.16 6.56 5.79
CA ILE C 395 13.62 7.07 4.53
C ILE C 395 13.15 8.49 4.76
N TYR C 396 13.60 9.40 3.90
CA TYR C 396 13.09 10.78 3.89
C TYR C 396 12.64 11.15 2.50
N THR C 397 11.57 11.95 2.42
CA THR C 397 11.12 12.60 1.20
C THR C 397 10.82 14.06 1.53
N THR C 398 11.09 14.95 0.58
CA THR C 398 10.82 16.37 0.81
C THR C 398 10.72 17.07 -0.53
N GLY C 399 10.01 18.21 -0.53
CA GLY C 399 9.93 19.08 -1.68
C GLY C 399 8.72 18.85 -2.58
N SER C 400 7.94 17.81 -2.33
CA SER C 400 6.78 17.52 -3.18
C SER C 400 5.59 18.40 -2.81
N GLN C 401 4.73 18.64 -3.79
CA GLN C 401 3.44 19.26 -3.58
C GLN C 401 2.35 18.24 -3.27
N ALA C 402 2.73 16.99 -3.01
CA ALA C 402 1.77 15.91 -2.88
C ALA C 402 0.93 16.07 -1.62
N THR C 403 -0.24 15.44 -1.63
CA THR C 403 -1.08 15.39 -0.44
C THR C 403 -0.43 14.51 0.63
N MET C 404 -0.96 14.63 1.85
CA MET C 404 -0.46 13.79 2.94
C MET C 404 -0.65 12.32 2.63
N ASP C 405 -1.80 11.97 2.03
CA ASP C 405 -2.01 10.57 1.64
C ASP C 405 -0.99 10.11 0.61
N GLU C 406 -0.64 10.99 -0.34
CA GLU C 406 0.34 10.63 -1.35
C GLU C 406 1.73 10.49 -0.74
N LEU C 407 2.06 11.34 0.23
CA LEU C 407 3.35 11.24 0.90
C LEU C 407 3.43 9.98 1.76
N ASN C 408 2.35 9.67 2.49
CA ASN C 408 2.30 8.42 3.22
C ASN C 408 2.50 7.23 2.28
N ARG C 409 1.82 7.26 1.14
CA ARG C 409 1.90 6.16 0.18
C ARG C 409 3.30 6.03 -0.39
N GLN C 410 3.98 7.16 -0.63
CA GLN C 410 5.34 7.09 -1.14
C GLN C 410 6.26 6.39 -0.16
N ILE C 411 6.19 6.78 1.12
CA ILE C 411 7.01 6.11 2.14
C ILE C 411 6.69 4.62 2.17
N ALA C 412 5.41 4.27 2.14
CA ALA C 412 5.02 2.87 2.16
C ALA C 412 5.60 2.14 0.93
N GLU C 413 5.55 2.78 -0.24
CA GLU C 413 6.05 2.17 -1.47
C GLU C 413 7.55 1.93 -1.42
N ILE C 414 8.30 2.91 -0.93
CA ILE C 414 9.74 2.74 -0.78
C ILE C 414 10.03 1.59 0.17
N GLY C 415 9.29 1.53 1.28
CA GLY C 415 9.45 0.43 2.21
C GLY C 415 9.14 -0.92 1.57
N ALA C 416 8.06 -0.98 0.79
CA ALA C 416 7.71 -2.24 0.13
C ALA C 416 8.79 -2.62 -0.88
N SER C 417 9.40 -1.63 -1.55
CA SER C 417 10.48 -1.92 -2.48
C SER C 417 11.68 -2.51 -1.74
N LEU C 418 12.02 -1.95 -0.58
CA LEU C 418 13.13 -2.48 0.20
C LEU C 418 12.80 -3.86 0.75
N ILE C 419 11.56 -4.08 1.19
CA ILE C 419 11.17 -5.38 1.72
C ILE C 419 11.21 -6.43 0.62
N LYS C 420 10.79 -6.06 -0.60
CA LYS C 420 10.88 -7.00 -1.72
C LYS C 420 12.33 -7.38 -2.01
N ASN C 421 13.24 -6.43 -1.90
CA ASN C 421 14.66 -6.64 -2.21
C ASN C 421 15.46 -7.05 -0.98
N TRP C 422 14.79 -7.47 0.09
CA TRP C 422 15.43 -7.77 1.37
C TRP C 422 16.55 -8.79 1.20
N GLU D 18 39.99 -43.90 -68.80
CA GLU D 18 40.39 -45.30 -68.93
C GLU D 18 39.47 -46.20 -68.11
N GLU D 19 39.21 -47.40 -68.63
CA GLU D 19 38.20 -48.28 -68.07
C GLU D 19 38.73 -49.25 -67.01
N GLY D 20 40.05 -49.42 -66.93
CA GLY D 20 40.62 -50.43 -66.07
C GLY D 20 41.24 -49.96 -64.77
N ASN D 21 41.28 -48.66 -64.51
CA ASN D 21 41.94 -48.14 -63.31
C ASN D 21 41.15 -46.97 -62.76
N LEU D 22 41.54 -46.54 -61.56
CA LEU D 22 40.88 -45.44 -60.86
C LEU D 22 41.87 -44.30 -60.67
N VAL D 23 41.46 -43.09 -61.04
CA VAL D 23 42.23 -41.88 -60.83
C VAL D 23 41.46 -40.96 -59.90
N ILE D 24 42.12 -40.51 -58.83
CA ILE D 24 41.50 -39.68 -57.80
C ILE D 24 42.16 -38.32 -57.80
N TRP D 25 41.35 -37.27 -57.69
CA TRP D 25 41.83 -35.91 -57.50
C TRP D 25 41.50 -35.47 -56.08
N ILE D 26 42.50 -34.92 -55.39
CA ILE D 26 42.31 -34.36 -54.06
C ILE D 26 43.32 -33.23 -53.89
N ASN D 27 42.95 -32.23 -53.11
CA ASN D 27 43.78 -31.03 -53.01
C ASN D 27 45.11 -31.36 -52.34
N GLY D 28 46.13 -30.57 -52.69
CA GLY D 28 47.49 -30.81 -52.22
C GLY D 28 47.68 -30.59 -50.73
N ASP D 29 46.73 -29.97 -50.04
CA ASP D 29 46.84 -29.80 -48.60
C ASP D 29 46.19 -30.93 -47.82
N LYS D 30 45.70 -31.96 -48.50
CA LYS D 30 45.07 -33.11 -47.87
C LYS D 30 46.07 -34.26 -47.77
N GLY D 31 45.63 -35.36 -47.15
CA GLY D 31 46.49 -36.51 -46.97
C GLY D 31 46.53 -37.43 -48.18
N TYR D 32 47.02 -36.92 -49.32
CA TYR D 32 46.98 -37.72 -50.54
C TYR D 32 47.89 -38.93 -50.48
N ASN D 33 48.96 -38.87 -49.69
CA ASN D 33 49.82 -40.05 -49.54
C ASN D 33 49.12 -41.13 -48.72
N GLY D 34 48.48 -40.75 -47.62
CA GLY D 34 47.67 -41.71 -46.88
C GLY D 34 46.57 -42.30 -47.74
N LEU D 35 45.94 -41.47 -48.58
CA LEU D 35 44.92 -41.97 -49.48
C LEU D 35 45.50 -42.96 -50.48
N ALA D 36 46.73 -42.71 -50.94
CA ALA D 36 47.38 -43.65 -51.85
C ALA D 36 47.57 -45.00 -51.18
N GLU D 37 47.87 -45.01 -49.87
CA GLU D 37 48.00 -46.27 -49.16
C GLU D 37 46.71 -47.08 -49.23
N VAL D 38 45.57 -46.41 -49.02
CA VAL D 38 44.28 -47.10 -49.17
C VAL D 38 44.14 -47.64 -50.59
N GLY D 39 44.55 -46.86 -51.58
CA GLY D 39 44.50 -47.32 -52.95
C GLY D 39 45.38 -48.53 -53.20
N LYS D 40 46.47 -48.66 -52.44
CA LYS D 40 47.34 -49.82 -52.60
C LYS D 40 46.71 -51.07 -52.00
N LYS D 41 45.89 -50.92 -50.96
CA LYS D 41 45.16 -52.07 -50.45
C LYS D 41 44.04 -52.48 -51.40
N PHE D 42 43.43 -51.50 -52.06
CA PHE D 42 42.44 -51.81 -53.10
C PHE D 42 43.08 -52.56 -54.26
N GLU D 43 44.33 -52.23 -54.58
CA GLU D 43 45.03 -52.92 -55.67
C GLU D 43 45.42 -54.34 -55.27
N LYS D 44 45.88 -54.51 -54.03
CA LYS D 44 46.29 -55.84 -53.57
C LYS D 44 45.11 -56.81 -53.56
N ASP D 45 43.89 -56.31 -53.39
CA ASP D 45 42.72 -57.17 -53.29
C ASP D 45 42.02 -57.37 -54.63
N THR D 46 41.94 -56.32 -55.45
CA THR D 46 41.24 -56.38 -56.72
C THR D 46 42.17 -56.39 -57.93
N GLY D 47 43.45 -56.07 -57.74
CA GLY D 47 44.37 -55.98 -58.86
C GLY D 47 44.18 -54.75 -59.73
N ILE D 48 43.44 -53.76 -59.26
CA ILE D 48 43.15 -52.55 -60.02
C ILE D 48 43.92 -51.39 -59.39
N LYS D 49 44.75 -50.73 -60.18
CA LYS D 49 45.59 -49.65 -59.69
C LYS D 49 44.74 -48.42 -59.34
N VAL D 50 45.18 -47.69 -58.33
CA VAL D 50 44.55 -46.44 -57.92
C VAL D 50 45.61 -45.35 -57.93
N THR D 51 45.39 -44.32 -58.74
CA THR D 51 46.32 -43.20 -58.85
C THR D 51 45.69 -41.96 -58.22
N VAL D 52 46.45 -41.29 -57.35
CA VAL D 52 46.01 -40.08 -56.67
C VAL D 52 46.82 -38.91 -57.21
N GLU D 53 46.11 -37.88 -57.66
CA GLU D 53 46.73 -36.68 -58.20
C GLU D 53 46.20 -35.46 -57.46
N HIS D 54 47.00 -34.40 -57.40
CA HIS D 54 46.66 -33.19 -56.66
C HIS D 54 46.96 -31.95 -57.51
N PRO D 55 46.31 -31.82 -58.67
CA PRO D 55 46.60 -30.68 -59.54
C PRO D 55 46.17 -29.37 -58.92
N ASP D 56 46.92 -28.32 -59.24
CA ASP D 56 46.54 -26.98 -58.84
C ASP D 56 45.20 -26.62 -59.47
N LYS D 57 44.38 -25.87 -58.72
CA LYS D 57 43.07 -25.44 -59.19
C LYS D 57 42.28 -26.60 -59.76
N LEU D 58 42.34 -27.76 -59.09
CA LEU D 58 41.65 -28.93 -59.60
C LEU D 58 40.15 -28.71 -59.62
N GLU D 59 39.62 -27.88 -58.73
CA GLU D 59 38.19 -27.62 -58.70
C GLU D 59 37.74 -26.76 -59.88
N GLU D 60 38.66 -25.98 -60.47
CA GLU D 60 38.36 -25.25 -61.69
C GLU D 60 38.57 -26.12 -62.94
N LYS D 61 39.54 -27.04 -62.88
CA LYS D 61 39.85 -27.86 -64.05
C LYS D 61 38.83 -28.96 -64.25
N PHE D 62 38.30 -29.52 -63.16
CA PHE D 62 37.35 -30.64 -63.27
C PHE D 62 36.18 -30.34 -64.19
N PRO D 63 35.42 -29.24 -64.01
CA PRO D 63 34.30 -28.99 -64.91
C PRO D 63 34.71 -28.86 -66.37
N GLN D 64 35.95 -28.46 -66.63
CA GLN D 64 36.42 -28.30 -68.00
C GLN D 64 36.74 -29.64 -68.65
N VAL D 65 37.46 -30.51 -67.94
CA VAL D 65 37.80 -31.82 -68.48
C VAL D 65 36.67 -32.83 -68.30
N ALA D 66 35.76 -32.60 -67.36
CA ALA D 66 34.65 -33.52 -67.14
C ALA D 66 33.50 -33.29 -68.12
N ALA D 67 33.39 -32.09 -68.70
CA ALA D 67 32.39 -31.82 -69.71
C ALA D 67 32.76 -32.42 -71.06
N THR D 68 34.02 -32.81 -71.25
CA THR D 68 34.49 -33.43 -72.49
C THR D 68 34.55 -34.94 -72.40
N GLY D 69 33.98 -35.53 -71.35
CA GLY D 69 34.08 -36.96 -71.15
C GLY D 69 35.40 -37.42 -70.59
N ASP D 70 36.17 -36.52 -69.99
CA ASP D 70 37.48 -36.82 -69.44
C ASP D 70 37.46 -36.52 -67.93
N GLY D 71 38.64 -36.53 -67.31
CA GLY D 71 38.76 -36.20 -65.91
C GLY D 71 39.04 -37.41 -65.05
N PRO D 72 39.14 -37.21 -63.74
CA PRO D 72 39.37 -38.31 -62.82
C PRO D 72 38.10 -39.13 -62.60
N ASP D 73 38.27 -40.31 -62.02
CA ASP D 73 37.11 -41.10 -61.63
C ASP D 73 36.47 -40.55 -60.37
N ILE D 74 37.28 -40.06 -59.42
CA ILE D 74 36.80 -39.57 -58.14
C ILE D 74 37.45 -38.20 -57.88
N ILE D 75 36.69 -37.29 -57.29
CA ILE D 75 37.17 -35.96 -56.95
C ILE D 75 36.77 -35.65 -55.51
N PHE D 76 37.74 -35.22 -54.70
CA PHE D 76 37.51 -34.82 -53.33
C PHE D 76 37.52 -33.30 -53.23
N TRP D 77 36.49 -32.74 -52.61
CA TRP D 77 36.41 -31.30 -52.43
C TRP D 77 35.26 -30.99 -51.47
N ALA D 78 35.24 -29.74 -51.01
CA ALA D 78 34.13 -29.25 -50.19
C ALA D 78 32.82 -29.41 -50.95
N HIS D 79 31.78 -29.83 -50.22
CA HIS D 79 30.51 -30.19 -50.85
C HIS D 79 29.93 -29.04 -51.67
N ASP D 80 30.05 -27.81 -51.17
CA ASP D 80 29.32 -26.71 -51.80
C ASP D 80 29.74 -26.46 -53.24
N ARG D 81 30.94 -26.88 -53.62
CA ARG D 81 31.36 -26.75 -55.02
C ARG D 81 30.67 -27.79 -55.90
N PHE D 82 30.26 -28.92 -55.33
CA PHE D 82 29.59 -29.96 -56.11
C PHE D 82 28.21 -29.55 -56.57
N GLY D 83 27.64 -28.47 -56.03
CA GLY D 83 26.36 -28.00 -56.51
C GLY D 83 26.40 -27.61 -57.98
N GLY D 84 27.44 -26.87 -58.37
CA GLY D 84 27.60 -26.54 -59.78
C GLY D 84 27.89 -27.75 -60.64
N TYR D 85 28.73 -28.66 -60.15
CA TYR D 85 29.00 -29.89 -60.88
C TYR D 85 27.72 -30.66 -61.14
N ALA D 86 26.88 -30.80 -60.12
CA ALA D 86 25.62 -31.53 -60.28
C ALA D 86 24.66 -30.77 -61.19
N GLN D 87 24.65 -29.44 -61.09
CA GLN D 87 23.83 -28.64 -61.99
C GLN D 87 24.18 -28.92 -63.44
N SER D 88 25.45 -29.23 -63.73
CA SER D 88 25.89 -29.55 -65.07
C SER D 88 25.82 -31.04 -65.39
N GLY D 89 25.39 -31.86 -64.43
CA GLY D 89 25.31 -33.29 -64.67
C GLY D 89 26.65 -33.99 -64.71
N LEU D 90 27.68 -33.40 -64.10
CA LEU D 90 29.02 -33.98 -64.14
C LEU D 90 29.26 -35.01 -63.05
N LEU D 91 28.31 -35.20 -62.14
CA LEU D 91 28.46 -36.15 -61.04
C LEU D 91 27.41 -37.25 -61.15
N ALA D 92 27.82 -38.47 -60.85
CA ALA D 92 26.91 -39.61 -60.87
C ALA D 92 26.19 -39.72 -59.54
N GLU D 93 24.91 -40.08 -59.61
CA GLU D 93 24.15 -40.35 -58.40
C GLU D 93 24.71 -41.60 -57.72
N ILE D 94 25.16 -41.44 -56.47
CA ILE D 94 25.64 -42.58 -55.72
C ILE D 94 24.45 -43.36 -55.15
N THR D 95 24.69 -44.63 -54.85
CA THR D 95 23.61 -45.57 -54.50
C THR D 95 23.97 -46.37 -53.24
N PRO D 96 24.29 -45.71 -52.14
CA PRO D 96 24.50 -46.44 -50.88
C PRO D 96 23.18 -46.93 -50.31
N ASP D 97 23.20 -48.14 -49.75
CA ASP D 97 22.02 -48.66 -49.09
C ASP D 97 21.88 -48.06 -47.70
N LYS D 98 20.68 -48.19 -47.12
CA LYS D 98 20.41 -47.59 -45.83
C LYS D 98 21.38 -48.07 -44.76
N ALA D 99 21.83 -49.32 -44.84
CA ALA D 99 22.78 -49.83 -43.87
C ALA D 99 24.06 -49.00 -43.86
N PHE D 100 24.58 -48.65 -45.05
CA PHE D 100 25.81 -47.87 -45.12
C PHE D 100 25.56 -46.42 -44.72
N GLN D 101 24.43 -45.84 -45.16
CA GLN D 101 24.13 -44.46 -44.81
C GLN D 101 24.06 -44.27 -43.30
N ASP D 102 23.56 -45.27 -42.58
CA ASP D 102 23.46 -45.17 -41.13
C ASP D 102 24.82 -45.16 -40.45
N LYS D 103 25.90 -45.52 -41.16
CA LYS D 103 27.24 -45.46 -40.57
C LYS D 103 27.73 -44.02 -40.42
N LEU D 104 27.11 -43.07 -41.11
CA LEU D 104 27.53 -41.68 -41.10
C LEU D 104 26.50 -40.82 -40.40
N TYR D 105 26.91 -39.61 -40.01
CA TYR D 105 26.01 -38.70 -39.31
C TYR D 105 24.95 -38.18 -40.28
N PRO D 106 23.67 -38.16 -39.89
CA PRO D 106 22.61 -37.78 -40.86
C PRO D 106 22.84 -36.43 -41.53
N PHE D 107 23.27 -35.42 -40.79
CA PHE D 107 23.34 -34.07 -41.36
C PHE D 107 24.38 -33.97 -42.47
N THR D 108 25.36 -34.87 -42.52
CA THR D 108 26.35 -34.79 -43.58
C THR D 108 25.76 -35.18 -44.93
N TRP D 109 24.76 -36.07 -44.93
CA TRP D 109 24.12 -36.44 -46.19
C TRP D 109 23.39 -35.28 -46.83
N ASP D 110 22.81 -34.38 -46.01
CA ASP D 110 22.12 -33.22 -46.56
C ASP D 110 23.08 -32.34 -47.35
N ALA D 111 24.36 -32.34 -47.00
CA ALA D 111 25.34 -31.53 -47.70
C ALA D 111 25.68 -32.09 -49.08
N VAL D 112 25.42 -33.37 -49.32
CA VAL D 112 25.77 -34.00 -50.59
C VAL D 112 24.51 -34.35 -51.36
N ARG D 113 23.46 -33.56 -51.19
CA ARG D 113 22.21 -33.75 -51.90
C ARG D 113 21.94 -32.58 -52.83
N TYR D 114 21.54 -32.88 -54.06
CA TYR D 114 21.19 -31.85 -55.04
C TYR D 114 19.98 -32.34 -55.81
N ASN D 115 18.88 -31.60 -55.70
CA ASN D 115 17.60 -31.99 -56.32
C ASN D 115 17.16 -33.38 -55.85
N GLY D 116 17.35 -33.63 -54.55
CA GLY D 116 16.87 -34.85 -53.94
C GLY D 116 17.65 -36.10 -54.27
N LYS D 117 18.84 -35.97 -54.85
CA LYS D 117 19.66 -37.13 -55.21
C LYS D 117 21.05 -36.98 -54.62
N LEU D 118 21.51 -38.03 -53.94
CA LEU D 118 22.86 -38.05 -53.39
C LEU D 118 23.89 -38.03 -54.52
N ILE D 119 24.91 -37.19 -54.38
CA ILE D 119 25.87 -36.97 -55.46
C ILE D 119 27.31 -37.03 -54.96
N ALA D 120 27.51 -37.45 -53.72
CA ALA D 120 28.85 -37.56 -53.18
C ALA D 120 28.80 -38.23 -51.82
N TYR D 121 29.95 -38.77 -51.41
CA TYR D 121 30.09 -39.40 -50.10
C TYR D 121 30.71 -38.41 -49.13
N PRO D 122 30.05 -38.05 -48.02
CA PRO D 122 30.69 -37.17 -47.04
C PRO D 122 31.90 -37.86 -46.41
N ILE D 123 32.98 -37.08 -46.24
CA ILE D 123 34.22 -37.57 -45.64
C ILE D 123 34.50 -36.91 -44.30
N ALA D 124 34.59 -35.58 -44.28
CA ALA D 124 34.99 -34.86 -43.08
C ALA D 124 34.12 -33.62 -42.93
N VAL D 125 34.17 -33.04 -41.73
CA VAL D 125 33.33 -31.90 -41.36
C VAL D 125 34.23 -30.81 -40.78
N GLU D 126 33.96 -29.56 -41.14
CA GLU D 126 34.77 -28.44 -40.72
C GLU D 126 33.90 -27.24 -40.37
N ALA D 127 34.17 -26.61 -39.23
CA ALA D 127 33.44 -25.42 -38.82
C ALA D 127 34.29 -24.63 -37.84
N LEU D 128 33.94 -23.36 -37.69
CA LEU D 128 34.59 -22.50 -36.71
C LEU D 128 34.28 -22.96 -35.29
N SER D 129 35.22 -22.69 -34.37
CA SER D 129 35.01 -22.93 -32.96
C SER D 129 35.54 -21.74 -32.17
N LEU D 130 35.22 -21.73 -30.88
CA LEU D 130 35.82 -20.78 -29.96
C LEU D 130 37.15 -21.33 -29.47
N ILE D 131 38.20 -20.54 -29.61
CA ILE D 131 39.54 -20.90 -29.17
C ILE D 131 39.92 -19.94 -28.04
N TYR D 132 40.41 -20.49 -26.93
CA TYR D 132 40.64 -19.67 -25.75
C TYR D 132 41.96 -20.06 -25.09
N ASN D 133 42.56 -19.08 -24.42
CA ASN D 133 43.84 -19.25 -23.73
C ASN D 133 43.55 -19.74 -22.32
N LYS D 134 43.90 -21.01 -22.04
CA LYS D 134 43.56 -21.61 -20.76
C LYS D 134 44.32 -20.98 -19.60
N ASP D 135 45.49 -20.39 -19.86
CA ASP D 135 46.22 -19.73 -18.78
C ASP D 135 45.52 -18.45 -18.33
N LEU D 136 44.86 -17.74 -19.26
CA LEU D 136 44.11 -16.54 -18.91
C LEU D 136 42.68 -16.86 -18.50
N LEU D 137 42.06 -17.83 -19.16
CA LEU D 137 40.65 -18.17 -18.96
C LEU D 137 40.54 -19.67 -18.79
N PRO D 138 40.79 -20.19 -17.58
CA PRO D 138 40.72 -21.65 -17.38
C PRO D 138 39.41 -22.26 -17.86
N ASN D 139 38.30 -21.54 -17.71
CA ASN D 139 37.03 -21.95 -18.29
C ASN D 139 36.57 -20.88 -19.27
N PRO D 140 36.18 -21.25 -20.50
CA PRO D 140 35.73 -20.25 -21.46
C PRO D 140 34.30 -19.82 -21.17
N PRO D 141 33.89 -18.64 -21.65
CA PRO D 141 32.52 -18.19 -21.42
C PRO D 141 31.53 -18.98 -22.27
N LYS D 142 30.35 -19.22 -21.70
CA LYS D 142 29.31 -19.94 -22.42
C LYS D 142 28.42 -19.04 -23.27
N THR D 143 28.42 -17.73 -23.02
CA THR D 143 27.51 -16.81 -23.70
C THR D 143 28.27 -15.62 -24.26
N TRP D 144 27.76 -15.10 -25.38
CA TRP D 144 28.28 -13.85 -25.91
C TRP D 144 28.06 -12.70 -24.93
N GLU D 145 26.96 -12.76 -24.18
CA GLU D 145 26.55 -11.64 -23.32
C GLU D 145 27.52 -11.37 -22.19
N GLU D 146 28.34 -12.34 -21.80
CA GLU D 146 29.27 -12.14 -20.70
C GLU D 146 30.66 -11.72 -21.16
N ILE D 147 30.87 -11.53 -22.47
CA ILE D 147 32.18 -11.16 -22.99
C ILE D 147 32.48 -9.70 -22.70
N PRO D 148 31.51 -8.78 -22.79
CA PRO D 148 31.81 -7.39 -22.39
C PRO D 148 32.40 -7.27 -20.99
N ALA D 149 31.81 -7.94 -20.00
CA ALA D 149 32.36 -7.90 -18.64
C ALA D 149 33.73 -8.55 -18.61
N LEU D 150 33.91 -9.64 -19.37
CA LEU D 150 35.20 -10.30 -19.44
C LEU D 150 36.26 -9.35 -19.98
N ASP D 151 35.91 -8.55 -20.97
CA ASP D 151 36.89 -7.63 -21.57
C ASP D 151 37.28 -6.54 -20.58
N LYS D 152 36.31 -5.95 -19.89
CA LYS D 152 36.63 -4.92 -18.91
C LYS D 152 37.63 -5.44 -17.89
N GLU D 153 37.43 -6.67 -17.41
CA GLU D 153 38.35 -7.25 -16.45
C GLU D 153 39.73 -7.46 -17.06
N LEU D 154 39.79 -7.94 -18.31
CA LEU D 154 41.08 -8.21 -18.94
C LEU D 154 41.81 -6.93 -19.30
N LYS D 155 41.09 -5.87 -19.68
CA LYS D 155 41.75 -4.61 -19.99
C LYS D 155 42.51 -4.07 -18.80
N ALA D 156 42.07 -4.39 -17.58
CA ALA D 156 42.77 -3.96 -16.37
C ALA D 156 44.15 -4.60 -16.25
N LYS D 157 44.39 -5.70 -16.94
CA LYS D 157 45.70 -6.37 -16.94
C LYS D 157 46.38 -6.27 -18.31
N GLY D 158 45.98 -5.30 -19.13
CA GLY D 158 46.63 -5.08 -20.40
C GLY D 158 46.27 -6.07 -21.48
N LYS D 159 45.16 -6.80 -21.32
CA LYS D 159 44.73 -7.81 -22.27
C LYS D 159 43.35 -7.45 -22.82
N SER D 160 42.87 -8.27 -23.75
CA SER D 160 41.52 -8.15 -24.27
C SER D 160 40.86 -9.53 -24.23
N ALA D 161 39.52 -9.52 -24.27
CA ALA D 161 38.77 -10.77 -24.20
C ALA D 161 38.74 -11.49 -25.53
N LEU D 162 38.51 -10.79 -26.63
CA LEU D 162 38.18 -11.46 -27.89
C LEU D 162 38.65 -10.63 -29.08
N MET D 163 39.36 -11.28 -29.99
CA MET D 163 39.73 -10.71 -31.27
C MET D 163 39.51 -11.77 -32.35
N PHE D 164 38.81 -11.40 -33.42
CA PHE D 164 38.67 -12.29 -34.55
C PHE D 164 38.42 -11.45 -35.80
N ASN D 165 38.44 -12.12 -36.95
CA ASN D 165 38.38 -11.44 -38.24
C ASN D 165 36.99 -10.82 -38.41
N LEU D 166 36.93 -9.48 -38.33
CA LEU D 166 35.67 -8.76 -38.52
C LEU D 166 35.49 -8.29 -39.97
N GLN D 167 36.44 -8.57 -40.85
CA GLN D 167 36.35 -8.10 -42.23
C GLN D 167 35.55 -9.03 -43.13
N GLU D 168 35.54 -10.32 -42.83
CA GLU D 168 34.93 -11.31 -43.72
C GLU D 168 33.69 -11.89 -43.05
N PRO D 169 32.53 -11.82 -43.69
CA PRO D 169 31.29 -12.25 -43.01
C PRO D 169 31.26 -13.71 -42.62
N TYR D 170 32.15 -14.54 -43.17
CA TYR D 170 32.22 -15.94 -42.76
C TYR D 170 32.46 -16.05 -41.25
N PHE D 171 33.23 -15.14 -40.67
CA PHE D 171 33.57 -15.20 -39.25
C PHE D 171 32.54 -14.52 -38.35
N THR D 172 31.80 -13.54 -38.87
CA THR D 172 30.79 -12.86 -38.07
C THR D 172 29.40 -13.46 -38.21
N TRP D 173 29.15 -14.23 -39.27
CA TRP D 173 27.82 -14.77 -39.48
C TRP D 173 27.34 -15.69 -38.36
N PRO D 174 28.19 -16.48 -37.69
CA PRO D 174 27.67 -17.35 -36.63
C PRO D 174 26.88 -16.61 -35.57
N LEU D 175 27.30 -15.39 -35.22
CA LEU D 175 26.56 -14.58 -34.26
C LEU D 175 25.30 -14.00 -34.89
N ILE D 176 25.40 -13.52 -36.13
CA ILE D 176 24.26 -12.90 -36.80
C ILE D 176 23.13 -13.91 -36.96
N ALA D 177 23.48 -15.18 -37.20
CA ALA D 177 22.46 -16.20 -37.45
C ALA D 177 21.91 -16.82 -36.18
N ALA D 178 22.53 -16.56 -35.03
CA ALA D 178 22.14 -17.25 -33.79
C ALA D 178 20.66 -17.03 -33.47
N ASP D 179 20.20 -15.78 -33.54
CA ASP D 179 18.86 -15.42 -33.10
C ASP D 179 17.83 -15.41 -34.23
N GLY D 180 18.22 -15.82 -35.44
CA GLY D 180 17.23 -15.95 -36.51
C GLY D 180 17.72 -15.67 -37.92
N GLY D 181 18.95 -15.19 -38.05
CA GLY D 181 19.47 -14.89 -39.38
C GLY D 181 19.66 -16.16 -40.20
N TYR D 182 19.47 -16.03 -41.51
CA TYR D 182 19.74 -17.12 -42.43
C TYR D 182 19.95 -16.57 -43.83
N ALA D 183 20.69 -17.33 -44.64
CA ALA D 183 20.97 -16.89 -46.01
C ALA D 183 19.74 -17.08 -46.90
N PHE D 184 19.45 -18.32 -47.26
CA PHE D 184 18.27 -18.66 -48.05
C PHE D 184 17.51 -19.76 -47.35
N LYS D 185 16.19 -19.57 -47.21
CA LYS D 185 15.37 -20.53 -46.47
C LYS D 185 15.54 -21.93 -47.06
N TYR D 186 15.80 -22.90 -46.19
CA TYR D 186 16.09 -24.27 -46.59
C TYR D 186 15.04 -25.20 -45.99
N GLU D 187 14.12 -25.67 -46.82
CA GLU D 187 13.05 -26.56 -46.39
C GLU D 187 12.81 -27.62 -47.46
N ASN D 188 12.58 -28.85 -47.02
CA ASN D 188 12.34 -29.97 -47.92
C ASN D 188 13.51 -30.20 -48.87
N GLY D 189 14.72 -29.95 -48.38
CA GLY D 189 15.92 -30.20 -49.16
C GLY D 189 16.10 -29.28 -50.34
N LYS D 190 15.58 -28.05 -50.26
CA LYS D 190 15.73 -27.10 -51.35
C LYS D 190 15.83 -25.69 -50.78
N TYR D 191 16.58 -24.84 -51.48
CA TYR D 191 16.79 -23.46 -51.06
C TYR D 191 15.86 -22.54 -51.85
N ASP D 192 15.10 -21.71 -51.13
CA ASP D 192 14.25 -20.70 -51.76
C ASP D 192 15.10 -19.44 -51.92
N ILE D 193 15.57 -19.19 -53.14
CA ILE D 193 16.43 -18.04 -53.39
C ILE D 193 15.69 -16.72 -53.25
N LYS D 194 14.37 -16.75 -53.07
CA LYS D 194 13.59 -15.55 -52.83
C LYS D 194 13.35 -15.28 -51.35
N ASP D 195 13.61 -16.26 -50.48
CA ASP D 195 13.40 -16.12 -49.05
C ASP D 195 14.76 -15.94 -48.38
N VAL D 196 15.10 -14.69 -48.08
CA VAL D 196 16.41 -14.34 -47.51
C VAL D 196 16.20 -13.80 -46.11
N GLY D 197 17.07 -14.20 -45.19
CA GLY D 197 16.90 -13.88 -43.78
C GLY D 197 18.04 -13.07 -43.18
N VAL D 198 18.53 -12.08 -43.92
CA VAL D 198 19.51 -11.13 -43.37
C VAL D 198 18.85 -9.87 -42.85
N ASP D 199 17.55 -9.68 -43.11
CA ASP D 199 16.80 -8.49 -42.74
C ASP D 199 16.02 -8.66 -41.44
N ASN D 200 15.94 -9.87 -40.91
CA ASN D 200 14.93 -10.17 -39.89
C ASN D 200 15.43 -9.76 -38.51
N ALA D 201 14.54 -9.92 -37.53
CA ALA D 201 14.83 -9.45 -36.18
C ALA D 201 16.06 -10.15 -35.61
N GLY D 202 16.24 -11.43 -35.94
CA GLY D 202 17.38 -12.16 -35.40
C GLY D 202 18.71 -11.65 -35.93
N ALA D 203 18.79 -11.45 -37.25
CA ALA D 203 20.01 -10.91 -37.84
C ALA D 203 20.32 -9.52 -37.28
N LYS D 204 19.28 -8.68 -37.11
CA LYS D 204 19.48 -7.35 -36.55
C LYS D 204 20.02 -7.43 -35.13
N ALA D 205 19.47 -8.35 -34.32
CA ALA D 205 19.92 -8.47 -32.94
C ALA D 205 21.37 -8.92 -32.88
N GLY D 206 21.77 -9.84 -33.75
CA GLY D 206 23.14 -10.33 -33.74
C GLY D 206 24.14 -9.27 -34.18
N LEU D 207 23.82 -8.56 -35.26
CA LEU D 207 24.74 -7.54 -35.74
C LEU D 207 24.77 -6.34 -34.78
N THR D 208 23.63 -6.01 -34.18
CA THR D 208 23.61 -4.96 -33.16
C THR D 208 24.53 -5.29 -31.99
N PHE D 209 24.52 -6.55 -31.55
CA PHE D 209 25.44 -6.95 -30.48
C PHE D 209 26.88 -6.82 -30.93
N LEU D 210 27.17 -7.19 -32.18
CA LEU D 210 28.53 -7.07 -32.69
C LEU D 210 28.97 -5.62 -32.74
N VAL D 211 28.11 -4.74 -33.24
CA VAL D 211 28.45 -3.33 -33.33
C VAL D 211 28.57 -2.72 -31.94
N ASP D 212 27.74 -3.19 -30.99
CA ASP D 212 27.85 -2.70 -29.61
C ASP D 212 29.25 -2.99 -29.04
N LEU D 213 29.82 -4.15 -29.36
CA LEU D 213 31.17 -4.46 -28.92
C LEU D 213 32.17 -3.43 -29.44
N ILE D 214 31.97 -2.97 -30.68
CA ILE D 214 32.85 -1.94 -31.24
C ILE D 214 32.56 -0.58 -30.62
N LYS D 215 31.28 -0.22 -30.53
CA LYS D 215 30.88 1.05 -29.96
C LYS D 215 31.45 1.23 -28.55
N ASN D 216 31.45 0.15 -27.77
CA ASN D 216 31.85 0.21 -26.37
C ASN D 216 33.34 -0.06 -26.16
N LYS D 217 34.10 -0.19 -27.24
CA LYS D 217 35.56 -0.28 -27.18
C LYS D 217 36.03 -1.66 -26.71
N HIS D 218 35.26 -2.69 -26.99
CA HIS D 218 35.71 -4.06 -26.72
C HIS D 218 36.39 -4.69 -27.91
N MET D 219 36.05 -4.26 -29.13
CA MET D 219 36.72 -4.74 -30.32
C MET D 219 36.95 -3.56 -31.25
N ASN D 220 37.86 -3.75 -32.20
CA ASN D 220 38.23 -2.74 -33.18
C ASN D 220 37.69 -3.16 -34.53
N ALA D 221 36.98 -2.25 -35.21
CA ALA D 221 36.34 -2.60 -36.47
C ALA D 221 37.35 -2.99 -37.55
N ASP D 222 38.61 -2.60 -37.40
CA ASP D 222 39.61 -2.88 -38.43
C ASP D 222 40.27 -4.25 -38.27
N THR D 223 39.99 -4.97 -37.18
CA THR D 223 40.63 -6.25 -36.94
C THR D 223 40.32 -7.23 -38.06
N ASP D 224 41.37 -7.83 -38.61
CA ASP D 224 41.25 -8.81 -39.69
C ASP D 224 41.90 -10.12 -39.25
N TYR D 225 42.04 -11.05 -40.20
CA TYR D 225 42.55 -12.38 -39.88
C TYR D 225 43.94 -12.31 -39.27
N SER D 226 44.87 -11.62 -39.94
CA SER D 226 46.25 -11.61 -39.48
C SER D 226 46.38 -10.94 -38.11
N ILE D 227 45.66 -9.84 -37.89
CA ILE D 227 45.76 -9.12 -36.63
C ILE D 227 45.27 -10.00 -35.48
N ALA D 228 44.13 -10.67 -35.67
CA ALA D 228 43.58 -11.51 -34.61
C ALA D 228 44.46 -12.72 -34.34
N GLU D 229 44.98 -13.35 -35.40
CA GLU D 229 45.85 -14.51 -35.21
C GLU D 229 47.10 -14.13 -34.42
N ALA D 230 47.74 -13.03 -34.81
CA ALA D 230 48.95 -12.59 -34.09
C ALA D 230 48.62 -12.26 -32.63
N ALA D 231 47.50 -11.60 -32.38
CA ALA D 231 47.15 -11.21 -31.02
C ALA D 231 46.94 -12.42 -30.13
N PHE D 232 46.23 -13.45 -30.63
CA PHE D 232 45.98 -14.62 -29.81
C PHE D 232 47.25 -15.42 -29.58
N ASN D 233 48.02 -15.65 -30.64
CA ASN D 233 49.22 -16.48 -30.53
C ASN D 233 50.34 -15.79 -29.77
N LYS D 234 50.22 -14.49 -29.51
CA LYS D 234 51.16 -13.79 -28.65
C LYS D 234 50.64 -13.64 -27.22
N GLY D 235 49.47 -14.18 -26.92
CA GLY D 235 48.91 -14.08 -25.59
C GLY D 235 48.31 -12.74 -25.23
N GLU D 236 47.98 -11.93 -26.23
CA GLU D 236 47.47 -10.59 -25.98
C GLU D 236 45.96 -10.54 -25.85
N THR D 237 45.24 -11.51 -26.43
CA THR D 237 43.80 -11.61 -26.29
C THR D 237 43.48 -13.02 -25.79
N ALA D 238 42.46 -13.13 -24.93
CA ALA D 238 42.17 -14.41 -24.30
C ALA D 238 41.38 -15.36 -25.21
N MET D 239 40.80 -14.86 -26.30
CA MET D 239 39.93 -15.70 -27.12
C MET D 239 40.00 -15.25 -28.57
N THR D 240 39.76 -16.20 -29.47
CA THR D 240 39.60 -15.91 -30.88
C THR D 240 38.57 -16.88 -31.44
N ILE D 241 38.16 -16.62 -32.68
CA ILE D 241 37.23 -17.49 -33.41
C ILE D 241 37.94 -17.91 -34.68
N ASN D 242 38.10 -19.21 -34.88
CA ASN D 242 38.83 -19.69 -36.05
C ASN D 242 38.58 -21.18 -36.23
N GLY D 243 39.17 -21.74 -37.29
CA GLY D 243 38.93 -23.12 -37.66
C GLY D 243 40.16 -23.99 -37.48
N PRO D 244 40.01 -25.28 -37.81
CA PRO D 244 41.13 -26.22 -37.60
C PRO D 244 42.37 -25.88 -38.40
N TRP D 245 42.25 -25.15 -39.50
CA TRP D 245 43.43 -24.74 -40.26
C TRP D 245 44.38 -23.88 -39.46
N ALA D 246 43.91 -23.28 -38.36
CA ALA D 246 44.71 -22.35 -37.57
C ALA D 246 45.43 -23.02 -36.41
N TRP D 247 45.11 -24.28 -36.10
CA TRP D 247 45.66 -24.91 -34.90
C TRP D 247 47.17 -25.05 -34.96
N SER D 248 47.71 -25.45 -36.12
CA SER D 248 49.15 -25.70 -36.20
C SER D 248 49.94 -24.45 -35.84
N ASN D 249 49.47 -23.28 -36.26
CA ASN D 249 50.14 -22.03 -35.90
C ASN D 249 50.08 -21.78 -34.40
N ILE D 250 48.97 -22.16 -33.74
CA ILE D 250 48.89 -22.01 -32.29
C ILE D 250 49.83 -23.00 -31.62
N ASP D 251 49.89 -24.24 -32.12
CA ASP D 251 50.82 -25.21 -31.58
C ASP D 251 52.24 -24.66 -31.56
N THR D 252 52.63 -23.96 -32.63
CA THR D 252 53.98 -23.40 -32.71
C THR D 252 54.19 -22.31 -31.68
N SER D 253 53.16 -21.47 -31.45
CA SER D 253 53.29 -20.39 -30.48
C SER D 253 53.35 -20.90 -29.04
N LYS D 254 52.95 -22.15 -28.81
CA LYS D 254 52.97 -22.80 -27.50
C LYS D 254 52.01 -22.17 -26.51
N VAL D 255 51.09 -21.32 -26.96
CA VAL D 255 49.99 -20.89 -26.09
C VAL D 255 49.23 -22.12 -25.63
N ASN D 256 48.91 -22.15 -24.34
CA ASN D 256 48.14 -23.25 -23.76
C ASN D 256 46.66 -23.01 -24.08
N TYR D 257 46.21 -23.54 -25.21
CA TYR D 257 44.89 -23.20 -25.74
C TYR D 257 43.94 -24.38 -25.67
N GLY D 258 42.66 -24.06 -25.70
CA GLY D 258 41.61 -25.05 -25.88
C GLY D 258 40.66 -24.61 -26.98
N VAL D 259 39.88 -25.57 -27.45
CA VAL D 259 38.88 -25.35 -28.48
C VAL D 259 37.56 -25.88 -27.97
N THR D 260 36.50 -25.08 -28.08
CA THR D 260 35.23 -25.44 -27.47
C THR D 260 34.07 -24.90 -28.31
N VAL D 261 32.85 -25.23 -27.86
CA VAL D 261 31.65 -24.77 -28.53
C VAL D 261 31.59 -23.24 -28.53
N LEU D 262 31.09 -22.68 -29.62
CA LEU D 262 30.94 -21.24 -29.70
C LEU D 262 29.97 -20.75 -28.63
N PRO D 263 30.08 -19.50 -28.20
CA PRO D 263 29.14 -18.99 -27.18
C PRO D 263 27.73 -18.88 -27.73
N THR D 264 26.76 -18.96 -26.84
CA THR D 264 25.37 -18.74 -27.22
C THR D 264 25.06 -17.25 -27.26
N PHE D 265 24.07 -16.89 -28.07
CA PHE D 265 23.52 -15.54 -28.11
C PHE D 265 22.03 -15.63 -27.82
N LYS D 266 21.58 -14.92 -26.79
CA LYS D 266 20.19 -14.98 -26.36
C LYS D 266 19.76 -16.42 -26.12
N GLY D 267 20.67 -17.20 -25.51
CA GLY D 267 20.39 -18.57 -25.17
C GLY D 267 20.39 -19.54 -26.33
N GLN D 268 20.77 -19.09 -27.53
CA GLN D 268 20.75 -19.91 -28.72
C GLN D 268 22.16 -20.10 -29.27
N PRO D 269 22.49 -21.27 -29.81
CA PRO D 269 23.86 -21.50 -30.28
C PRO D 269 24.23 -20.59 -31.43
N SER D 270 25.50 -20.20 -31.47
CA SER D 270 26.05 -19.63 -32.69
C SER D 270 25.99 -20.67 -33.79
N LYS D 271 25.80 -20.21 -35.03
CA LYS D 271 25.53 -21.09 -36.18
C LYS D 271 26.57 -20.83 -37.26
N PRO D 272 27.75 -21.43 -37.15
CA PRO D 272 28.74 -21.29 -38.22
C PRO D 272 28.38 -22.14 -39.42
N PHE D 273 28.77 -21.68 -40.60
CA PHE D 273 28.59 -22.47 -41.81
C PHE D 273 29.54 -23.66 -41.80
N VAL D 274 29.05 -24.79 -42.31
CA VAL D 274 29.76 -26.06 -42.22
C VAL D 274 30.25 -26.44 -43.61
N GLY D 275 31.51 -26.84 -43.71
CA GLY D 275 32.08 -27.40 -44.91
C GLY D 275 32.29 -28.90 -44.73
N VAL D 276 31.87 -29.65 -45.75
CA VAL D 276 31.88 -31.12 -45.70
C VAL D 276 32.74 -31.58 -46.87
N LEU D 277 33.99 -31.96 -46.59
CA LEU D 277 34.81 -32.60 -47.60
C LEU D 277 34.11 -33.85 -48.09
N SER D 278 33.90 -33.94 -49.41
CA SER D 278 33.10 -35.00 -49.99
C SER D 278 33.80 -35.58 -51.21
N ALA D 279 33.47 -36.83 -51.51
CA ALA D 279 34.01 -37.55 -52.66
C ALA D 279 32.90 -37.81 -53.66
N GLY D 280 33.03 -37.22 -54.85
CA GLY D 280 32.05 -37.37 -55.92
C GLY D 280 32.62 -38.23 -57.03
N ILE D 281 31.74 -38.97 -57.70
CA ILE D 281 32.11 -39.85 -58.80
C ILE D 281 31.80 -39.15 -60.12
N ASN D 282 32.79 -39.11 -61.00
CA ASN D 282 32.60 -38.49 -62.31
C ASN D 282 31.48 -39.19 -63.07
N ALA D 283 30.57 -38.40 -63.64
CA ALA D 283 29.46 -38.97 -64.39
C ALA D 283 29.92 -39.64 -65.69
N ALA D 284 31.07 -39.25 -66.22
CA ALA D 284 31.59 -39.84 -67.44
C ALA D 284 32.58 -40.96 -67.18
N SER D 285 32.63 -41.47 -65.96
CA SER D 285 33.58 -42.52 -65.63
C SER D 285 33.02 -43.89 -66.01
N PRO D 286 33.79 -44.73 -66.70
CA PRO D 286 33.37 -46.12 -66.93
C PRO D 286 33.68 -47.05 -65.77
N ASN D 287 34.03 -46.52 -64.61
CA ASN D 287 34.45 -47.31 -63.46
C ASN D 287 33.64 -46.92 -62.22
N LYS D 288 32.36 -46.62 -62.42
CA LYS D 288 31.53 -46.16 -61.31
C LYS D 288 31.40 -47.22 -60.22
N GLU D 289 31.27 -48.49 -60.61
CA GLU D 289 31.11 -49.54 -59.61
C GLU D 289 32.41 -49.77 -58.85
N LEU D 290 33.55 -49.69 -59.54
CA LEU D 290 34.84 -49.75 -58.85
C LEU D 290 35.02 -48.57 -57.91
N ALA D 291 34.54 -47.39 -58.33
CA ALA D 291 34.62 -46.21 -57.47
C ALA D 291 33.72 -46.36 -56.24
N LYS D 292 32.59 -47.07 -56.38
CA LYS D 292 31.73 -47.31 -55.23
C LYS D 292 32.41 -48.24 -54.23
N GLU D 293 32.96 -49.36 -54.72
CA GLU D 293 33.60 -50.32 -53.83
C GLU D 293 34.75 -49.68 -53.06
N PHE D 294 35.56 -48.86 -53.74
CA PHE D 294 36.69 -48.24 -53.08
C PHE D 294 36.24 -47.27 -52.00
N LEU D 295 35.27 -46.40 -52.33
CA LEU D 295 34.83 -45.39 -51.37
C LEU D 295 34.08 -46.02 -50.21
N GLU D 296 33.14 -46.93 -50.50
CA GLU D 296 32.27 -47.45 -49.46
C GLU D 296 32.99 -48.46 -48.57
N ASN D 297 33.82 -49.34 -49.15
CA ASN D 297 34.36 -50.48 -48.42
C ASN D 297 35.85 -50.37 -48.13
N TYR D 298 36.53 -49.34 -48.61
CA TYR D 298 37.95 -49.15 -48.32
C TYR D 298 38.24 -47.80 -47.69
N LEU D 299 37.70 -46.71 -48.23
CA LEU D 299 37.99 -45.39 -47.68
C LEU D 299 37.15 -45.11 -46.44
N LEU D 300 35.83 -45.20 -46.56
CA LEU D 300 34.93 -44.87 -45.45
C LEU D 300 34.87 -46.02 -44.44
N THR D 301 36.03 -46.29 -43.85
CA THR D 301 36.19 -47.30 -42.81
C THR D 301 37.17 -46.77 -41.78
N ASP D 302 37.15 -47.39 -40.60
CA ASP D 302 38.07 -46.99 -39.54
C ASP D 302 39.51 -47.04 -40.03
N GLU D 303 39.87 -48.08 -40.78
CA GLU D 303 41.25 -48.24 -41.24
C GLU D 303 41.57 -47.32 -42.41
N GLY D 304 40.60 -47.04 -43.27
CA GLY D 304 40.85 -46.18 -44.41
C GLY D 304 41.03 -44.73 -44.00
N LEU D 305 40.08 -44.19 -43.23
CA LEU D 305 40.19 -42.80 -42.79
C LEU D 305 41.40 -42.59 -41.91
N GLU D 306 41.77 -43.59 -41.10
CA GLU D 306 42.96 -43.46 -40.27
C GLU D 306 44.22 -43.29 -41.11
N ALA D 307 44.30 -44.01 -42.23
CA ALA D 307 45.45 -43.88 -43.12
C ALA D 307 45.55 -42.47 -43.69
N VAL D 308 44.41 -41.90 -44.10
CA VAL D 308 44.40 -40.52 -44.56
C VAL D 308 44.72 -39.58 -43.41
N ASN D 309 44.06 -39.77 -42.28
CA ASN D 309 44.20 -38.87 -41.15
C ASN D 309 45.62 -38.88 -40.59
N LYS D 310 46.30 -40.02 -40.64
CA LYS D 310 47.69 -40.09 -40.20
C LYS D 310 48.59 -39.24 -41.09
N ASP D 311 48.30 -39.22 -42.40
CA ASP D 311 49.05 -38.38 -43.32
C ASP D 311 48.78 -36.90 -43.03
N LYS D 312 47.51 -36.48 -43.15
CA LYS D 312 47.10 -35.12 -42.84
C LYS D 312 45.77 -35.23 -42.10
N PRO D 313 45.64 -34.65 -40.90
CA PRO D 313 44.40 -34.84 -40.13
C PRO D 313 43.18 -34.34 -40.89
N LEU D 314 42.15 -35.18 -40.94
CA LEU D 314 40.88 -34.80 -41.53
C LEU D 314 40.04 -33.92 -40.62
N GLY D 315 40.42 -33.78 -39.36
CA GLY D 315 39.57 -33.11 -38.39
C GLY D 315 38.46 -34.02 -37.92
N ALA D 316 37.24 -33.50 -37.85
CA ALA D 316 36.08 -34.32 -37.54
C ALA D 316 35.60 -35.02 -38.80
N VAL D 317 35.25 -36.29 -38.67
CA VAL D 317 34.87 -37.12 -39.81
C VAL D 317 33.39 -37.46 -39.72
N ALA D 318 32.82 -37.79 -40.89
CA ALA D 318 31.43 -38.17 -40.97
C ALA D 318 31.18 -39.60 -40.51
N LEU D 319 32.21 -40.45 -40.49
CA LEU D 319 32.05 -41.85 -40.09
C LEU D 319 31.96 -41.92 -38.57
N LYS D 320 30.79 -42.31 -38.07
CA LYS D 320 30.55 -42.27 -36.62
C LYS D 320 31.55 -43.14 -35.87
N SER D 321 31.81 -44.34 -36.36
CA SER D 321 32.67 -45.28 -35.64
C SER D 321 34.07 -44.69 -35.43
N TYR D 322 34.57 -43.94 -36.40
CA TYR D 322 35.91 -43.36 -36.28
C TYR D 322 35.89 -42.02 -35.55
N GLU D 323 34.84 -41.21 -35.73
CA GLU D 323 34.72 -39.96 -35.00
C GLU D 323 34.68 -40.22 -33.50
N GLU D 324 34.06 -41.32 -33.07
CA GLU D 324 33.96 -41.61 -31.65
C GLU D 324 35.34 -41.80 -31.01
N GLU D 325 36.34 -42.20 -31.81
CA GLU D 325 37.70 -42.28 -31.33
C GLU D 325 38.43 -40.94 -31.45
N LEU D 326 38.30 -40.27 -32.61
CA LEU D 326 38.95 -38.98 -32.79
C LEU D 326 38.46 -37.96 -31.78
N ALA D 327 37.18 -38.02 -31.41
CA ALA D 327 36.60 -37.02 -30.53
C ALA D 327 37.11 -37.12 -29.10
N LYS D 328 37.92 -38.13 -28.77
CA LYS D 328 38.62 -38.10 -27.48
C LYS D 328 39.51 -36.88 -27.39
N ASP D 329 39.96 -36.35 -28.52
CA ASP D 329 40.58 -35.04 -28.61
C ASP D 329 39.50 -33.99 -28.44
N PRO D 330 39.49 -33.21 -27.34
CA PRO D 330 38.39 -32.24 -27.16
C PRO D 330 38.24 -31.26 -28.32
N ARG D 331 39.33 -30.95 -29.02
CA ARG D 331 39.26 -29.98 -30.12
C ARG D 331 38.42 -30.53 -31.27
N ILE D 332 38.57 -31.82 -31.58
CA ILE D 332 37.76 -32.44 -32.62
C ILE D 332 36.30 -32.47 -32.21
N ALA D 333 36.02 -32.85 -30.96
CA ALA D 333 34.64 -32.86 -30.47
C ALA D 333 34.01 -31.48 -30.59
N ALA D 334 34.78 -30.43 -30.33
CA ALA D 334 34.27 -29.07 -30.45
C ALA D 334 33.92 -28.75 -31.90
N THR D 335 34.79 -29.15 -32.85
CA THR D 335 34.49 -28.90 -34.26
C THR D 335 33.16 -29.54 -34.65
N MET D 336 32.98 -30.82 -34.29
CA MET D 336 31.75 -31.52 -34.64
C MET D 336 30.54 -30.86 -33.98
N GLU D 337 30.63 -30.51 -32.70
CA GLU D 337 29.49 -29.92 -32.02
C GLU D 337 29.07 -28.61 -32.68
N ASN D 338 30.04 -27.75 -32.99
CA ASN D 338 29.73 -26.50 -33.67
C ASN D 338 29.16 -26.76 -35.07
N ALA D 339 29.66 -27.80 -35.74
CA ALA D 339 29.13 -28.13 -37.06
C ALA D 339 27.68 -28.59 -36.99
N GLN D 340 27.36 -29.45 -36.02
CA GLN D 340 25.98 -29.92 -35.88
C GLN D 340 25.03 -28.79 -35.53
N LYS D 341 25.50 -27.78 -34.81
CA LYS D 341 24.65 -26.65 -34.42
C LYS D 341 24.62 -25.57 -35.49
N GLY D 342 25.54 -25.60 -36.45
CA GLY D 342 25.56 -24.64 -37.54
C GLY D 342 24.69 -25.09 -38.70
N GLU D 343 24.89 -24.42 -39.83
CA GLU D 343 24.15 -24.71 -41.06
C GLU D 343 25.12 -25.07 -42.18
N ILE D 344 24.71 -26.03 -43.00
CA ILE D 344 25.53 -26.42 -44.15
C ILE D 344 25.65 -25.24 -45.11
N MET D 345 26.86 -25.03 -45.62
CA MET D 345 27.06 -23.99 -46.61
C MET D 345 26.20 -24.28 -47.83
N PRO D 346 25.27 -23.39 -48.22
CA PRO D 346 24.45 -23.67 -49.40
C PRO D 346 25.30 -23.89 -50.64
N ASN D 347 24.87 -24.83 -51.48
CA ASN D 347 25.60 -25.18 -52.69
C ASN D 347 25.00 -24.54 -53.94
N ILE D 348 24.45 -23.34 -53.82
CA ILE D 348 23.78 -22.70 -54.94
C ILE D 348 24.55 -21.44 -55.37
N PRO D 349 24.40 -20.99 -56.61
CA PRO D 349 25.22 -19.85 -57.08
C PRO D 349 24.88 -18.53 -56.41
N GLN D 350 23.69 -18.38 -55.84
CA GLN D 350 23.27 -17.10 -55.27
C GLN D 350 24.07 -16.72 -54.03
N MET D 351 24.97 -17.57 -53.56
CA MET D 351 25.72 -17.25 -52.35
C MET D 351 26.76 -16.16 -52.60
N SER D 352 27.27 -16.03 -53.83
CA SER D 352 28.26 -15.00 -54.11
C SER D 352 27.67 -13.61 -53.94
N ALA D 353 26.46 -13.38 -54.45
CA ALA D 353 25.80 -12.10 -54.24
C ALA D 353 25.46 -11.90 -52.77
N PHE D 354 25.05 -12.97 -52.08
CA PHE D 354 24.79 -12.88 -50.65
C PHE D 354 26.04 -12.47 -49.88
N TRP D 355 27.18 -13.07 -50.21
CA TRP D 355 28.40 -12.79 -49.44
C TRP D 355 28.88 -11.37 -49.68
N TYR D 356 28.83 -10.87 -50.92
CA TYR D 356 29.22 -9.48 -51.15
C TYR D 356 28.29 -8.54 -50.39
N ALA D 357 26.98 -8.82 -50.41
CA ALA D 357 26.03 -7.94 -49.75
C ALA D 357 26.25 -7.90 -48.25
N VAL D 358 26.40 -9.07 -47.61
CA VAL D 358 26.58 -9.12 -46.17
C VAL D 358 27.95 -8.54 -45.79
N ARG D 359 29.00 -8.90 -46.54
CA ARG D 359 30.32 -8.33 -46.30
C ARG D 359 30.24 -6.81 -46.22
N THR D 360 29.56 -6.20 -47.18
CA THR D 360 29.44 -4.75 -47.20
C THR D 360 28.63 -4.25 -46.01
N ALA D 361 27.56 -4.97 -45.65
CA ALA D 361 26.69 -4.52 -44.56
C ALA D 361 27.45 -4.50 -43.24
N VAL D 362 28.18 -5.58 -42.94
CA VAL D 362 28.90 -5.66 -41.67
C VAL D 362 29.97 -4.58 -41.61
N ILE D 363 30.70 -4.37 -42.70
CA ILE D 363 31.76 -3.36 -42.73
C ILE D 363 31.15 -1.98 -42.50
N ASN D 364 30.06 -1.68 -43.21
CA ASN D 364 29.44 -0.36 -43.06
C ASN D 364 28.86 -0.18 -41.66
N ALA D 365 28.26 -1.22 -41.09
CA ALA D 365 27.71 -1.10 -39.75
C ALA D 365 28.82 -1.02 -38.70
N ALA D 366 29.88 -1.81 -38.87
CA ALA D 366 30.97 -1.80 -37.90
C ALA D 366 31.71 -0.46 -37.91
N SER D 367 31.70 0.25 -39.04
CA SER D 367 32.38 1.52 -39.17
C SER D 367 31.46 2.71 -38.93
N GLY D 368 30.16 2.48 -38.72
CA GLY D 368 29.23 3.55 -38.48
C GLY D 368 28.77 4.31 -39.71
N ARG D 369 29.16 3.87 -40.91
CA ARG D 369 28.69 4.53 -42.12
C ARG D 369 27.20 4.28 -42.33
N GLN D 370 26.68 3.16 -41.83
CA GLN D 370 25.25 2.87 -41.83
C GLN D 370 24.87 2.32 -40.48
N THR D 371 23.62 2.58 -40.08
CA THR D 371 23.06 1.88 -38.95
C THR D 371 22.88 0.40 -39.29
N VAL D 372 22.70 -0.42 -38.25
CA VAL D 372 22.45 -1.84 -38.47
C VAL D 372 21.25 -2.03 -39.38
N ASP D 373 20.17 -1.32 -39.11
CA ASP D 373 18.96 -1.46 -39.91
C ASP D 373 19.20 -1.04 -41.36
N GLU D 374 19.89 0.09 -41.56
CA GLU D 374 20.21 0.53 -42.91
C GLU D 374 21.08 -0.49 -43.63
N ALA D 375 22.11 -1.01 -42.94
CA ALA D 375 23.06 -1.92 -43.58
C ALA D 375 22.38 -3.23 -43.98
N LEU D 376 21.59 -3.82 -43.09
CA LEU D 376 20.98 -5.10 -43.40
C LEU D 376 19.83 -4.96 -44.38
N LYS D 377 19.14 -3.82 -44.37
CA LYS D 377 18.13 -3.56 -45.40
C LYS D 377 18.74 -3.68 -46.79
N ASP D 378 19.90 -3.05 -47.01
CA ASP D 378 20.55 -3.13 -48.31
C ASP D 378 21.04 -4.54 -48.59
N ALA D 379 21.57 -5.23 -47.57
CA ALA D 379 22.07 -6.58 -47.78
C ALA D 379 20.93 -7.54 -48.13
N GLN D 380 19.75 -7.33 -47.55
CA GLN D 380 18.59 -8.14 -47.91
C GLN D 380 18.28 -8.02 -49.40
N THR D 381 18.17 -6.78 -49.89
CA THR D 381 17.92 -6.58 -51.31
C THR D 381 19.10 -7.03 -52.15
N GLY D 382 20.32 -6.67 -51.73
CA GLY D 382 21.50 -7.05 -52.49
C GLY D 382 21.66 -8.56 -52.62
N SER D 383 21.15 -9.31 -51.65
CA SER D 383 21.24 -10.77 -51.68
C SER D 383 20.16 -11.42 -52.54
N GLY D 384 19.30 -10.62 -53.17
CA GLY D 384 18.23 -11.17 -53.98
C GLY D 384 16.92 -11.37 -53.25
N GLY D 385 16.79 -10.89 -52.02
CA GLY D 385 15.57 -11.02 -51.25
C GLY D 385 14.72 -9.76 -51.31
N THR D 386 13.57 -9.83 -50.62
CA THR D 386 12.68 -8.69 -50.50
C THR D 386 12.72 -8.14 -49.08
N PRO D 387 12.75 -6.83 -48.90
CA PRO D 387 12.82 -6.27 -47.54
C PRO D 387 11.49 -6.41 -46.83
N GLY D 388 11.57 -6.50 -45.50
CA GLY D 388 10.38 -6.65 -44.68
C GLY D 388 10.02 -5.36 -43.96
#